data_1V9J
#
_entry.id   1V9J
#
_entity_poly.entity_id   1
_entity_poly.type   'polypeptide(L)'
_entity_poly.pdbx_seq_one_letter_code
;MKGSSHHHHHHSSGASLVPRGSEGAATMELSADYLREKLRQDLEAEHVEVEDTTLNRCATSFRVLVVSAKFEGKPLLQRH
RLVNECLAEELPHIHAFEQKTLTPEQWTRQRRE
;
_entity_poly.pdbx_strand_id   A
#
# COMPACT_ATOMS: atom_id res chain seq x y z
N MET A 1 22.45 15.83 -32.65
CA MET A 1 21.80 16.86 -33.51
C MET A 1 21.15 17.96 -32.68
N LYS A 2 20.83 19.07 -33.32
CA LYS A 2 20.19 20.20 -32.64
C LYS A 2 19.17 20.88 -33.55
N GLY A 3 18.49 20.08 -34.37
CA GLY A 3 17.50 20.63 -35.28
C GLY A 3 16.26 21.11 -34.56
N SER A 4 15.57 20.19 -33.89
CA SER A 4 14.36 20.53 -33.16
C SER A 4 14.70 21.15 -31.80
N SER A 5 14.20 22.36 -31.57
CA SER A 5 14.45 23.07 -30.32
C SER A 5 13.25 22.95 -29.39
N HIS A 6 13.44 23.34 -28.12
CA HIS A 6 12.37 23.28 -27.13
C HIS A 6 12.73 24.09 -25.90
N HIS A 7 13.98 23.94 -25.44
CA HIS A 7 14.45 24.67 -24.27
C HIS A 7 15.78 25.36 -24.55
N HIS A 8 15.74 26.69 -24.58
CA HIS A 8 16.94 27.48 -24.85
C HIS A 8 17.85 27.52 -23.62
N HIS A 9 17.24 27.78 -22.46
CA HIS A 9 17.99 27.85 -21.21
C HIS A 9 18.04 26.48 -20.53
N HIS A 10 18.69 26.43 -19.37
CA HIS A 10 18.81 25.19 -18.62
C HIS A 10 17.70 25.08 -17.57
N HIS A 11 17.33 23.85 -17.24
CA HIS A 11 16.29 23.60 -16.25
C HIS A 11 16.70 24.13 -14.88
N SER A 12 15.71 24.40 -14.03
CA SER A 12 15.98 24.90 -12.69
C SER A 12 15.06 24.24 -11.67
N SER A 13 15.40 24.36 -10.39
CA SER A 13 14.62 23.77 -9.32
C SER A 13 14.86 24.50 -8.01
N GLY A 14 14.13 24.12 -6.97
CA GLY A 14 14.28 24.74 -5.66
C GLY A 14 14.19 23.75 -4.53
N ALA A 15 15.24 23.67 -3.73
CA ALA A 15 15.28 22.76 -2.59
C ALA A 15 16.16 23.31 -1.46
N SER A 16 15.52 23.74 -0.39
CA SER A 16 16.25 24.28 0.76
C SER A 16 17.04 23.19 1.47
N LEU A 17 18.20 23.56 2.02
CA LEU A 17 19.06 22.62 2.72
C LEU A 17 18.90 22.78 4.23
N VAL A 18 18.42 21.73 4.88
CA VAL A 18 18.24 21.75 6.34
C VAL A 18 18.58 20.40 6.96
N PRO A 19 19.07 20.40 8.20
CA PRO A 19 19.43 19.17 8.91
C PRO A 19 18.22 18.35 9.31
N ARG A 20 18.29 17.05 9.06
CA ARG A 20 17.19 16.14 9.40
C ARG A 20 17.55 14.69 9.09
N GLY A 21 17.70 14.38 7.81
CA GLY A 21 18.05 13.03 7.41
C GLY A 21 18.44 12.94 5.95
N SER A 22 19.26 11.94 5.62
CA SER A 22 19.69 11.75 4.25
C SER A 22 18.76 10.80 3.50
N GLU A 23 19.17 10.39 2.30
CA GLU A 23 18.36 9.48 1.49
C GLU A 23 18.72 8.03 1.78
N GLY A 24 17.91 7.10 1.26
CA GLY A 24 18.16 5.69 1.47
C GLY A 24 17.58 4.83 0.37
N ALA A 25 17.31 3.56 0.69
CA ALA A 25 16.75 2.64 -0.28
C ALA A 25 15.28 2.94 -0.55
N ALA A 26 14.42 2.55 0.38
CA ALA A 26 12.99 2.78 0.24
C ALA A 26 12.28 2.66 1.58
N THR A 27 12.99 2.98 2.67
CA THR A 27 12.42 2.90 4.01
C THR A 27 11.22 3.82 4.13
N MET A 28 11.23 4.91 3.36
CA MET A 28 10.14 5.88 3.38
C MET A 28 9.36 5.84 2.07
N GLU A 29 10.03 5.42 0.99
CA GLU A 29 9.40 5.35 -0.32
C GLU A 29 9.00 3.91 -0.64
N LEU A 30 7.75 3.73 -1.07
CA LEU A 30 7.23 2.41 -1.41
C LEU A 30 7.30 1.47 -0.21
N SER A 31 6.21 1.37 0.52
CA SER A 31 6.14 0.51 1.70
C SER A 31 4.72 0.00 1.92
N ALA A 32 4.60 -1.13 2.62
CA ALA A 32 3.30 -1.71 2.91
C ALA A 32 2.42 -0.75 3.70
N ASP A 33 2.99 -0.15 4.74
CA ASP A 33 2.26 0.79 5.58
C ASP A 33 1.88 2.03 4.79
N TYR A 34 2.73 2.40 3.82
CA TYR A 34 2.48 3.57 3.00
C TYR A 34 1.20 3.40 2.18
N LEU A 35 1.10 2.29 1.46
CA LEU A 35 -0.07 2.01 0.64
C LEU A 35 -1.28 1.67 1.51
N ARG A 36 -1.02 1.06 2.66
CA ARG A 36 -2.08 0.67 3.58
C ARG A 36 -2.74 1.91 4.19
N GLU A 37 -1.94 2.74 4.85
CA GLU A 37 -2.44 3.96 5.47
C GLU A 37 -3.09 4.87 4.44
N LYS A 38 -2.46 4.97 3.27
CA LYS A 38 -2.96 5.82 2.21
C LYS A 38 -4.37 5.39 1.78
N LEU A 39 -4.52 4.09 1.51
CA LEU A 39 -5.81 3.54 1.10
C LEU A 39 -6.83 3.63 2.22
N ARG A 40 -6.37 3.37 3.44
CA ARG A 40 -7.25 3.41 4.61
C ARG A 40 -7.85 4.80 4.79
N GLN A 41 -7.00 5.81 4.77
CA GLN A 41 -7.46 7.17 4.93
C GLN A 41 -8.14 7.68 3.66
N ASP A 42 -7.58 7.31 2.51
CA ASP A 42 -8.13 7.73 1.22
C ASP A 42 -9.52 7.13 1.01
N LEU A 43 -9.63 5.83 1.19
CA LEU A 43 -10.91 5.13 1.02
C LEU A 43 -11.76 5.21 2.29
N GLU A 44 -11.11 5.47 3.42
CA GLU A 44 -11.80 5.57 4.70
C GLU A 44 -12.46 4.24 5.06
N ALA A 45 -11.65 3.30 5.55
CA ALA A 45 -12.15 2.00 5.93
C ALA A 45 -12.13 1.82 7.46
N GLU A 46 -12.50 0.62 7.91
CA GLU A 46 -12.52 0.33 9.34
C GLU A 46 -11.29 -0.47 9.75
N HIS A 47 -11.08 -1.60 9.07
CA HIS A 47 -9.94 -2.46 9.35
C HIS A 47 -9.17 -2.80 8.08
N VAL A 48 -7.86 -2.63 8.12
CA VAL A 48 -7.01 -2.92 6.97
C VAL A 48 -5.76 -3.69 7.37
N GLU A 49 -5.28 -4.55 6.48
CA GLU A 49 -4.10 -5.35 6.75
C GLU A 49 -3.23 -5.46 5.51
N VAL A 50 -1.99 -4.98 5.61
CA VAL A 50 -1.05 -5.03 4.50
C VAL A 50 0.03 -6.07 4.73
N GLU A 51 0.54 -6.65 3.64
CA GLU A 51 1.58 -7.66 3.73
C GLU A 51 2.58 -7.51 2.59
N ASP A 52 3.74 -8.14 2.74
CA ASP A 52 4.78 -8.07 1.73
C ASP A 52 5.64 -9.34 1.74
N THR A 53 6.14 -9.73 0.57
CA THR A 53 6.96 -10.92 0.45
C THR A 53 8.44 -10.57 0.45
N THR A 54 8.80 -9.59 1.27
CA THR A 54 10.19 -9.14 1.37
C THR A 54 10.69 -8.61 0.03
N LEU A 55 10.95 -7.30 -0.02
CA LEU A 55 11.42 -6.66 -1.23
C LEU A 55 12.75 -7.26 -1.68
N ASN A 56 13.57 -7.65 -0.70
CA ASN A 56 14.88 -8.25 -1.00
C ASN A 56 14.72 -9.64 -1.60
N ARG A 57 14.39 -9.69 -2.89
CA ARG A 57 14.21 -10.96 -3.58
C ARG A 57 13.92 -10.73 -5.06
N CYS A 58 14.05 -11.78 -5.86
CA CYS A 58 13.79 -11.70 -7.28
C CYS A 58 12.36 -11.27 -7.56
N ALA A 59 11.43 -11.83 -6.81
CA ALA A 59 10.01 -11.51 -6.98
C ALA A 59 9.52 -10.60 -5.86
N THR A 60 8.65 -9.66 -6.20
CA THR A 60 8.11 -8.73 -5.22
C THR A 60 6.60 -8.59 -5.37
N SER A 61 5.87 -8.80 -4.27
CA SER A 61 4.43 -8.70 -4.28
C SER A 61 3.91 -8.01 -3.02
N PHE A 62 2.76 -7.36 -3.13
CA PHE A 62 2.16 -6.65 -2.00
C PHE A 62 0.69 -7.01 -1.84
N ARG A 63 0.30 -7.38 -0.63
CA ARG A 63 -1.08 -7.75 -0.36
C ARG A 63 -1.74 -6.71 0.56
N VAL A 64 -2.93 -6.26 0.15
CA VAL A 64 -3.67 -5.27 0.92
C VAL A 64 -5.10 -5.74 1.19
N LEU A 65 -5.56 -5.55 2.42
CA LEU A 65 -6.90 -5.94 2.81
C LEU A 65 -7.67 -4.76 3.40
N VAL A 66 -8.96 -4.69 3.09
CA VAL A 66 -9.80 -3.60 3.60
C VAL A 66 -11.21 -4.09 3.89
N VAL A 67 -11.71 -3.77 5.08
CA VAL A 67 -13.04 -4.18 5.49
C VAL A 67 -13.86 -2.97 5.94
N SER A 68 -14.98 -2.72 5.26
CA SER A 68 -15.84 -1.60 5.59
C SER A 68 -17.11 -1.61 4.74
N ALA A 69 -17.94 -0.59 4.92
CA ALA A 69 -19.19 -0.49 4.17
C ALA A 69 -19.07 0.54 3.04
N LYS A 70 -18.06 1.40 3.12
CA LYS A 70 -17.85 2.42 2.10
C LYS A 70 -17.77 1.81 0.71
N PHE A 71 -17.28 0.57 0.65
CA PHE A 71 -17.16 -0.14 -0.63
C PHE A 71 -18.52 -0.61 -1.13
N GLU A 72 -19.41 -0.93 -0.19
CA GLU A 72 -20.76 -1.39 -0.53
C GLU A 72 -21.50 -0.35 -1.33
N GLY A 73 -21.37 0.92 -0.94
CA GLY A 73 -22.04 2.00 -1.63
C GLY A 73 -21.66 2.07 -3.10
N LYS A 74 -20.41 1.71 -3.40
CA LYS A 74 -19.91 1.74 -4.76
C LYS A 74 -19.93 0.34 -5.38
N PRO A 75 -20.08 0.26 -6.72
CA PRO A 75 -20.12 -1.03 -7.42
C PRO A 75 -18.92 -1.90 -7.09
N LEU A 76 -19.04 -3.19 -7.36
CA LEU A 76 -17.97 -4.15 -7.10
C LEU A 76 -16.71 -3.77 -7.87
N LEU A 77 -16.87 -3.51 -9.16
CA LEU A 77 -15.74 -3.15 -10.01
C LEU A 77 -15.17 -1.78 -9.61
N GLN A 78 -16.03 -0.92 -9.10
CA GLN A 78 -15.61 0.42 -8.67
C GLN A 78 -14.67 0.34 -7.47
N ARG A 79 -14.88 -0.68 -6.64
CA ARG A 79 -14.05 -0.87 -5.45
C ARG A 79 -12.60 -1.12 -5.83
N HIS A 80 -12.37 -2.15 -6.65
CA HIS A 80 -11.02 -2.49 -7.09
C HIS A 80 -10.41 -1.34 -7.88
N ARG A 81 -11.19 -0.75 -8.78
CA ARG A 81 -10.72 0.37 -9.59
C ARG A 81 -10.34 1.56 -8.73
N LEU A 82 -11.03 1.71 -7.59
CA LEU A 82 -10.75 2.81 -6.68
C LEU A 82 -9.34 2.69 -6.10
N VAL A 83 -9.00 1.50 -5.62
CA VAL A 83 -7.69 1.26 -5.04
C VAL A 83 -6.58 1.46 -6.07
N ASN A 84 -6.89 1.13 -7.32
CA ASN A 84 -5.92 1.27 -8.41
C ASN A 84 -5.71 2.74 -8.75
N GLU A 85 -6.77 3.53 -8.67
CA GLU A 85 -6.70 4.95 -8.97
C GLU A 85 -5.78 5.67 -8.00
N CYS A 86 -5.86 5.29 -6.72
CA CYS A 86 -5.03 5.90 -5.69
C CYS A 86 -3.55 5.70 -5.99
N LEU A 87 -3.13 4.44 -6.08
CA LEU A 87 -1.74 4.11 -6.37
C LEU A 87 -1.53 3.87 -7.86
N ALA A 88 -2.10 4.75 -8.67
CA ALA A 88 -1.97 4.65 -10.12
C ALA A 88 -0.52 4.77 -10.57
N GLU A 89 0.17 5.76 -10.02
CA GLU A 89 1.57 6.00 -10.36
C GLU A 89 2.47 4.97 -9.69
N GLU A 90 2.11 4.57 -8.48
CA GLU A 90 2.88 3.60 -7.73
C GLU A 90 2.68 2.19 -8.27
N LEU A 91 1.50 1.93 -8.82
CA LEU A 91 1.18 0.61 -9.37
C LEU A 91 2.27 0.11 -10.31
N PRO A 92 2.59 0.87 -11.37
CA PRO A 92 3.62 0.48 -12.33
C PRO A 92 4.90 -0.02 -11.66
N HIS A 93 5.20 0.53 -10.49
CA HIS A 93 6.38 0.14 -9.74
C HIS A 93 6.19 -1.23 -9.08
N ILE A 94 4.94 -1.52 -8.71
CA ILE A 94 4.62 -2.79 -8.07
C ILE A 94 4.64 -3.94 -9.07
N HIS A 95 5.58 -4.86 -8.90
CA HIS A 95 5.71 -6.01 -9.78
C HIS A 95 4.48 -6.91 -9.68
N ALA A 96 3.90 -6.96 -8.48
CA ALA A 96 2.71 -7.78 -8.25
C ALA A 96 1.87 -7.19 -7.12
N PHE A 97 0.64 -6.80 -7.45
CA PHE A 97 -0.27 -6.23 -6.47
C PHE A 97 -1.58 -7.01 -6.40
N GLU A 98 -2.06 -7.23 -5.19
CA GLU A 98 -3.30 -7.97 -4.98
C GLU A 98 -4.13 -7.34 -3.86
N GLN A 99 -5.34 -6.91 -4.19
CA GLN A 99 -6.22 -6.28 -3.22
C GLN A 99 -7.53 -7.04 -3.10
N LYS A 100 -8.15 -6.97 -1.93
CA LYS A 100 -9.42 -7.65 -1.69
C LYS A 100 -10.32 -6.81 -0.78
N THR A 101 -11.49 -6.45 -1.28
CA THR A 101 -12.44 -5.65 -0.52
C THR A 101 -13.67 -6.47 -0.15
N LEU A 102 -14.17 -6.26 1.07
CA LEU A 102 -15.34 -6.98 1.55
C LEU A 102 -16.12 -6.13 2.56
N THR A 103 -17.21 -6.67 3.07
CA THR A 103 -18.04 -5.97 4.03
C THR A 103 -17.77 -6.46 5.45
N PRO A 104 -18.11 -5.64 6.47
CA PRO A 104 -17.90 -6.00 7.87
C PRO A 104 -18.77 -7.16 8.30
N GLU A 105 -19.94 -7.29 7.68
CA GLU A 105 -20.87 -8.36 8.01
C GLU A 105 -20.35 -9.70 7.49
N GLN A 106 -19.84 -9.69 6.27
CA GLN A 106 -19.30 -10.91 5.66
C GLN A 106 -18.07 -11.39 6.40
N TRP A 107 -17.15 -10.47 6.68
CA TRP A 107 -15.92 -10.80 7.38
C TRP A 107 -16.22 -11.37 8.76
N THR A 108 -16.94 -10.60 9.58
CA THR A 108 -17.31 -11.03 10.93
C THR A 108 -18.13 -12.32 10.88
N ARG A 109 -18.90 -12.48 9.81
CA ARG A 109 -19.75 -13.66 9.66
C ARG A 109 -18.90 -14.93 9.64
N GLN A 110 -17.88 -14.94 8.80
CA GLN A 110 -16.99 -16.09 8.67
C GLN A 110 -15.53 -15.65 8.59
N ARG A 111 -14.90 -15.49 9.75
CA ARG A 111 -13.51 -15.07 9.80
C ARG A 111 -12.64 -16.15 10.47
N ARG A 112 -12.35 -17.20 9.73
CA ARG A 112 -11.54 -18.30 10.24
C ARG A 112 -10.06 -18.06 9.94
N GLU A 113 -9.78 -17.62 8.72
CA GLU A 113 -8.41 -17.36 8.30
C GLU A 113 -7.98 -15.95 8.69
N MET A 1 -17.93 22.41 -4.30
CA MET A 1 -17.47 23.02 -5.57
C MET A 1 -18.00 24.43 -5.72
N LYS A 2 -17.12 25.41 -5.48
CA LYS A 2 -17.50 26.82 -5.60
C LYS A 2 -16.31 27.73 -5.35
N GLY A 3 -16.44 29.00 -5.71
CA GLY A 3 -15.36 29.95 -5.52
C GLY A 3 -15.46 30.68 -4.20
N SER A 4 -15.65 29.93 -3.12
CA SER A 4 -15.75 30.51 -1.79
C SER A 4 -15.03 29.66 -0.76
N SER A 5 -14.45 30.30 0.24
CA SER A 5 -13.73 29.60 1.29
C SER A 5 -13.59 30.47 2.54
N HIS A 6 -14.46 30.24 3.51
CA HIS A 6 -14.43 31.01 4.76
C HIS A 6 -14.66 32.49 4.48
N HIS A 7 -14.81 33.27 5.56
CA HIS A 7 -15.02 34.70 5.44
C HIS A 7 -14.05 35.47 6.32
N HIS A 8 -12.88 35.78 5.78
CA HIS A 8 -11.86 36.52 6.51
C HIS A 8 -10.88 37.20 5.56
N HIS A 9 -9.96 37.98 6.13
CA HIS A 9 -8.97 38.69 5.32
C HIS A 9 -7.56 38.41 5.84
N HIS A 10 -6.57 38.94 5.14
CA HIS A 10 -5.17 38.76 5.53
C HIS A 10 -4.77 37.29 5.44
N HIS A 11 -3.56 37.04 4.94
CA HIS A 11 -3.07 35.68 4.79
C HIS A 11 -3.97 34.86 3.88
N SER A 12 -3.52 34.67 2.64
CA SER A 12 -4.29 33.91 1.65
C SER A 12 -3.92 32.42 1.70
N SER A 13 -4.80 31.62 2.30
CA SER A 13 -4.57 30.19 2.41
C SER A 13 -5.00 29.47 1.14
N GLY A 14 -6.18 29.83 0.63
CA GLY A 14 -6.68 29.21 -0.58
C GLY A 14 -6.58 30.11 -1.79
N ALA A 15 -5.92 29.63 -2.83
CA ALA A 15 -5.75 30.40 -4.07
C ALA A 15 -5.09 29.56 -5.16
N SER A 16 -4.04 28.83 -4.78
CA SER A 16 -3.32 27.99 -5.73
C SER A 16 -2.68 26.81 -5.03
N LEU A 17 -2.46 25.72 -5.77
CA LEU A 17 -1.85 24.53 -5.21
C LEU A 17 -0.72 24.02 -6.10
N VAL A 18 0.16 23.21 -5.54
CA VAL A 18 1.29 22.66 -6.27
C VAL A 18 1.67 21.28 -5.75
N PRO A 19 2.39 20.48 -6.56
CA PRO A 19 2.82 19.14 -6.17
C PRO A 19 3.55 19.13 -4.83
N ARG A 20 3.41 18.03 -4.10
CA ARG A 20 4.05 17.89 -2.79
C ARG A 20 5.28 17.00 -2.89
N GLY A 21 5.08 15.76 -3.34
CA GLY A 21 6.19 14.83 -3.47
C GLY A 21 6.62 14.25 -2.13
N SER A 22 6.23 13.00 -1.88
CA SER A 22 6.58 12.33 -0.63
C SER A 22 7.78 11.43 -0.82
N GLU A 23 8.36 10.96 0.29
CA GLU A 23 9.52 10.10 0.25
C GLU A 23 10.69 10.79 -0.43
N GLY A 24 11.52 11.46 0.35
CA GLY A 24 12.68 12.15 -0.19
C GLY A 24 13.95 11.34 -0.10
N ALA A 25 13.80 10.01 -0.11
CA ALA A 25 14.95 9.12 -0.02
C ALA A 25 14.73 7.86 -0.85
N ALA A 26 13.56 7.27 -0.72
CA ALA A 26 13.22 6.06 -1.47
C ALA A 26 14.17 4.91 -1.11
N THR A 27 14.68 4.93 0.11
CA THR A 27 15.59 3.90 0.59
C THR A 27 14.92 2.52 0.50
N MET A 28 13.61 2.50 0.65
CA MET A 28 12.85 1.27 0.58
C MET A 28 12.00 1.21 -0.69
N GLU A 29 11.63 2.37 -1.20
CA GLU A 29 10.81 2.46 -2.41
C GLU A 29 9.47 1.77 -2.20
N LEU A 30 8.46 2.55 -1.80
CA LEU A 30 7.13 2.02 -1.56
C LEU A 30 7.15 0.94 -0.48
N SER A 31 6.54 1.25 0.66
CA SER A 31 6.49 0.31 1.78
C SER A 31 5.08 -0.28 1.93
N ALA A 32 4.95 -1.26 2.80
CA ALA A 32 3.66 -1.90 3.04
C ALA A 32 2.71 -0.95 3.76
N ASP A 33 3.15 -0.41 4.89
CA ASP A 33 2.33 0.51 5.67
C ASP A 33 1.96 1.74 4.84
N TYR A 34 2.83 2.10 3.91
CA TYR A 34 2.60 3.26 3.06
C TYR A 34 1.30 3.10 2.27
N LEU A 35 1.22 2.03 1.49
CA LEU A 35 0.04 1.76 0.68
C LEU A 35 -1.18 1.48 1.57
N ARG A 36 -0.93 0.90 2.73
CA ARG A 36 -2.00 0.58 3.68
C ARG A 36 -2.63 1.85 4.24
N GLU A 37 -1.80 2.71 4.81
CA GLU A 37 -2.26 3.96 5.40
C GLU A 37 -2.96 4.82 4.34
N LYS A 38 -2.52 4.70 3.10
CA LYS A 38 -3.10 5.47 2.00
C LYS A 38 -4.52 5.01 1.70
N LEU A 39 -4.67 3.73 1.36
CA LEU A 39 -5.97 3.16 1.04
C LEU A 39 -6.93 3.32 2.22
N ARG A 40 -6.39 3.27 3.43
CA ARG A 40 -7.19 3.40 4.63
C ARG A 40 -7.91 4.74 4.67
N GLN A 41 -7.16 5.81 4.50
CA GLN A 41 -7.73 7.14 4.52
C GLN A 41 -8.47 7.43 3.21
N ASP A 42 -7.98 6.86 2.12
CA ASP A 42 -8.59 7.06 0.81
C ASP A 42 -10.05 6.60 0.82
N LEU A 43 -10.27 5.36 1.25
CA LEU A 43 -11.62 4.81 1.31
C LEU A 43 -12.21 4.90 2.72
N GLU A 44 -11.39 5.34 3.67
CA GLU A 44 -11.84 5.47 5.05
C GLU A 44 -12.36 4.14 5.59
N ALA A 45 -11.70 3.05 5.16
CA ALA A 45 -12.09 1.72 5.60
C ALA A 45 -11.99 1.59 7.12
N GLU A 46 -12.60 0.52 7.66
CA GLU A 46 -12.59 0.27 9.08
C GLU A 46 -11.30 -0.43 9.51
N HIS A 47 -11.09 -1.63 9.00
CA HIS A 47 -9.90 -2.40 9.31
C HIS A 47 -9.14 -2.79 8.05
N VAL A 48 -7.81 -2.79 8.13
CA VAL A 48 -6.97 -3.14 7.00
C VAL A 48 -5.71 -3.86 7.44
N GLU A 49 -5.11 -4.61 6.52
CA GLU A 49 -3.89 -5.36 6.82
C GLU A 49 -3.02 -5.50 5.58
N VAL A 50 -1.79 -4.99 5.66
CA VAL A 50 -0.86 -5.06 4.54
C VAL A 50 0.22 -6.12 4.78
N GLU A 51 0.83 -6.59 3.70
CA GLU A 51 1.87 -7.60 3.80
C GLU A 51 2.98 -7.34 2.79
N ASP A 52 4.10 -8.04 2.95
CA ASP A 52 5.24 -7.88 2.05
C ASP A 52 6.02 -9.18 1.94
N THR A 53 6.31 -9.59 0.70
CA THR A 53 7.05 -10.82 0.45
C THR A 53 8.31 -10.53 -0.35
N THR A 54 8.95 -9.40 -0.07
CA THR A 54 10.17 -9.02 -0.77
C THR A 54 11.21 -8.46 0.21
N LEU A 55 12.37 -9.11 0.27
CA LEU A 55 13.44 -8.68 1.16
C LEU A 55 14.44 -7.80 0.42
N ASN A 56 14.74 -8.17 -0.81
CA ASN A 56 15.69 -7.41 -1.63
C ASN A 56 14.95 -6.53 -2.64
N ARG A 57 15.71 -5.82 -3.46
CA ARG A 57 15.13 -4.93 -4.47
C ARG A 57 14.82 -5.72 -5.74
N CYS A 58 13.64 -6.33 -5.79
CA CYS A 58 13.23 -7.10 -6.95
C CYS A 58 11.75 -7.47 -6.85
N ALA A 59 10.99 -7.16 -7.90
CA ALA A 59 9.56 -7.45 -7.95
C ALA A 59 8.80 -6.58 -6.94
N THR A 60 9.05 -6.80 -5.66
CA THR A 60 8.38 -6.04 -4.61
C THR A 60 6.88 -6.28 -4.63
N SER A 61 6.47 -7.43 -4.09
CA SER A 61 5.06 -7.79 -4.04
C SER A 61 4.43 -7.33 -2.72
N PHE A 62 3.18 -6.89 -2.79
CA PHE A 62 2.47 -6.43 -1.60
C PHE A 62 1.01 -6.89 -1.62
N ARG A 63 0.44 -7.08 -0.43
CA ARG A 63 -0.94 -7.51 -0.31
C ARG A 63 -1.64 -6.73 0.81
N VAL A 64 -2.70 -6.01 0.46
CA VAL A 64 -3.45 -5.24 1.44
C VAL A 64 -4.90 -5.71 1.54
N LEU A 65 -5.51 -5.48 2.69
CA LEU A 65 -6.89 -5.88 2.92
C LEU A 65 -7.74 -4.67 3.32
N VAL A 66 -8.94 -4.60 2.77
CA VAL A 66 -9.85 -3.50 3.07
C VAL A 66 -11.24 -4.00 3.42
N VAL A 67 -11.78 -3.51 4.53
CA VAL A 67 -13.11 -3.90 4.98
C VAL A 67 -13.88 -2.71 5.53
N SER A 68 -15.03 -2.41 4.92
CA SER A 68 -15.86 -1.29 5.35
C SER A 68 -17.12 -1.20 4.49
N ALA A 69 -17.97 -0.23 4.83
CA ALA A 69 -19.22 -0.02 4.10
C ALA A 69 -18.98 0.73 2.78
N LYS A 70 -17.83 1.40 2.68
CA LYS A 70 -17.48 2.15 1.48
C LYS A 70 -17.66 1.30 0.23
N PHE A 71 -17.36 0.01 0.35
CA PHE A 71 -17.49 -0.92 -0.77
C PHE A 71 -18.95 -1.25 -1.04
N GLU A 72 -19.76 -1.25 0.02
CA GLU A 72 -21.18 -1.55 -0.11
C GLU A 72 -21.87 -0.53 -1.02
N GLY A 73 -21.61 0.75 -0.78
CA GLY A 73 -22.21 1.79 -1.57
C GLY A 73 -21.89 1.66 -3.05
N LYS A 74 -20.60 1.71 -3.38
CA LYS A 74 -20.16 1.60 -4.76
C LYS A 74 -20.18 0.14 -5.22
N PRO A 75 -20.26 -0.08 -6.55
CA PRO A 75 -20.30 -1.44 -7.12
C PRO A 75 -18.97 -2.17 -6.94
N LEU A 76 -18.83 -3.29 -7.63
CA LEU A 76 -17.61 -4.09 -7.54
C LEU A 76 -16.53 -3.55 -8.49
N LEU A 77 -16.97 -3.02 -9.63
CA LEU A 77 -16.05 -2.46 -10.61
C LEU A 77 -15.50 -1.12 -10.15
N GLN A 78 -16.32 -0.36 -9.43
CA GLN A 78 -15.92 0.94 -8.93
C GLN A 78 -14.92 0.81 -7.78
N ARG A 79 -15.22 -0.09 -6.84
CA ARG A 79 -14.35 -0.32 -5.70
C ARG A 79 -12.96 -0.77 -6.15
N HIS A 80 -12.92 -1.68 -7.11
CA HIS A 80 -11.66 -2.18 -7.63
C HIS A 80 -10.85 -1.08 -8.29
N ARG A 81 -11.56 -0.17 -8.95
CA ARG A 81 -10.91 0.95 -9.63
C ARG A 81 -10.42 1.99 -8.63
N LEU A 82 -11.15 2.13 -7.53
CA LEU A 82 -10.80 3.09 -6.50
C LEU A 82 -9.41 2.81 -5.94
N VAL A 83 -9.17 1.55 -5.58
CA VAL A 83 -7.88 1.15 -5.04
C VAL A 83 -6.76 1.38 -6.05
N ASN A 84 -7.03 1.01 -7.30
CA ASN A 84 -6.05 1.17 -8.37
C ASN A 84 -5.81 2.65 -8.67
N GLU A 85 -6.88 3.43 -8.66
CA GLU A 85 -6.80 4.86 -8.93
C GLU A 85 -5.89 5.55 -7.92
N CYS A 86 -5.95 5.10 -6.67
CA CYS A 86 -5.13 5.67 -5.61
C CYS A 86 -3.64 5.52 -5.94
N LEU A 87 -3.22 4.27 -6.14
CA LEU A 87 -1.82 3.99 -6.45
C LEU A 87 -1.62 3.82 -7.95
N ALA A 88 -2.19 4.75 -8.72
CA ALA A 88 -2.08 4.72 -10.17
C ALA A 88 -0.63 4.82 -10.61
N GLU A 89 0.07 5.83 -10.09
CA GLU A 89 1.48 6.03 -10.43
C GLU A 89 2.38 5.01 -9.76
N GLU A 90 2.00 4.62 -8.55
CA GLU A 90 2.78 3.65 -7.78
C GLU A 90 2.59 2.23 -8.32
N LEU A 91 1.41 1.97 -8.88
CA LEU A 91 1.08 0.65 -9.42
C LEU A 91 2.18 0.15 -10.36
N PRO A 92 2.49 0.91 -11.43
CA PRO A 92 3.52 0.53 -12.40
C PRO A 92 4.80 0.03 -11.73
N HIS A 93 5.09 0.58 -10.55
CA HIS A 93 6.29 0.19 -9.81
C HIS A 93 6.10 -1.18 -9.15
N ILE A 94 4.86 -1.48 -8.78
CA ILE A 94 4.55 -2.76 -8.15
C ILE A 94 4.55 -3.89 -9.16
N HIS A 95 5.48 -4.82 -9.01
CA HIS A 95 5.59 -5.96 -9.91
C HIS A 95 4.36 -6.87 -9.79
N ALA A 96 3.80 -6.92 -8.58
CA ALA A 96 2.63 -7.74 -8.32
C ALA A 96 1.82 -7.18 -7.15
N PHE A 97 0.59 -6.78 -7.43
CA PHE A 97 -0.30 -6.22 -6.40
C PHE A 97 -1.56 -7.05 -6.26
N GLU A 98 -2.00 -7.26 -5.03
CA GLU A 98 -3.20 -8.04 -4.77
C GLU A 98 -3.92 -7.53 -3.52
N GLN A 99 -5.17 -7.09 -3.69
CA GLN A 99 -5.95 -6.59 -2.57
C GLN A 99 -7.37 -7.13 -2.62
N LYS A 100 -7.97 -7.32 -1.44
CA LYS A 100 -9.33 -7.84 -1.34
C LYS A 100 -10.27 -6.79 -0.78
N THR A 101 -11.57 -7.04 -0.91
CA THR A 101 -12.59 -6.12 -0.41
C THR A 101 -13.83 -6.87 0.05
N LEU A 102 -14.31 -6.54 1.24
CA LEU A 102 -15.50 -7.18 1.78
C LEU A 102 -16.26 -6.22 2.69
N THR A 103 -17.53 -6.54 2.94
CA THR A 103 -18.38 -5.71 3.79
C THR A 103 -18.17 -6.05 5.27
N PRO A 104 -18.45 -5.09 6.17
CA PRO A 104 -18.30 -5.30 7.61
C PRO A 104 -19.06 -6.53 8.11
N GLU A 105 -20.33 -6.62 7.71
CA GLU A 105 -21.18 -7.74 8.11
C GLU A 105 -20.57 -9.07 7.66
N GLN A 106 -19.86 -9.04 6.54
CA GLN A 106 -19.22 -10.24 6.00
C GLN A 106 -18.01 -10.63 6.83
N TRP A 107 -17.09 -9.69 7.02
CA TRP A 107 -15.89 -9.94 7.80
C TRP A 107 -16.22 -10.24 9.26
N THR A 108 -17.08 -9.40 9.84
CA THR A 108 -17.49 -9.57 11.23
C THR A 108 -18.12 -10.94 11.45
N ARG A 109 -18.76 -11.46 10.42
CA ARG A 109 -19.40 -12.77 10.50
C ARG A 109 -18.42 -13.89 10.21
N GLN A 110 -17.55 -13.67 9.22
CA GLN A 110 -16.55 -14.66 8.84
C GLN A 110 -15.18 -14.28 9.38
N ARG A 111 -15.11 -13.98 10.68
CA ARG A 111 -13.86 -13.60 11.31
C ARG A 111 -13.11 -14.82 11.82
N ARG A 112 -12.89 -15.79 10.93
CA ARG A 112 -12.19 -17.03 11.29
C ARG A 112 -10.75 -16.98 10.81
N GLU A 113 -9.90 -16.27 11.54
CA GLU A 113 -8.49 -16.16 11.20
C GLU A 113 -7.71 -17.40 11.62
N MET A 1 14.49 -22.35 9.61
CA MET A 1 14.99 -23.53 8.85
C MET A 1 16.39 -23.28 8.31
N LYS A 2 16.56 -22.18 7.60
CA LYS A 2 17.86 -21.82 7.02
C LYS A 2 18.49 -20.66 7.78
N GLY A 3 19.27 -21.00 8.81
CA GLY A 3 19.92 -19.97 9.60
C GLY A 3 21.35 -19.72 9.16
N SER A 4 21.93 -18.64 9.66
CA SER A 4 23.30 -18.28 9.31
C SER A 4 23.79 -17.12 10.16
N SER A 5 22.94 -16.10 10.31
CA SER A 5 23.30 -14.93 11.10
C SER A 5 22.57 -14.94 12.45
N HIS A 6 23.29 -15.34 13.50
CA HIS A 6 22.72 -15.39 14.83
C HIS A 6 22.82 -14.03 15.52
N HIS A 7 23.99 -13.41 15.43
CA HIS A 7 24.22 -12.10 16.05
C HIS A 7 23.26 -11.06 15.48
N HIS A 8 22.21 -10.76 16.24
CA HIS A 8 21.22 -9.78 15.81
C HIS A 8 21.13 -8.63 16.82
N HIS A 9 20.20 -7.71 16.57
CA HIS A 9 20.01 -6.57 17.45
C HIS A 9 18.58 -6.04 17.36
N HIS A 10 18.07 -5.92 16.14
CA HIS A 10 16.72 -5.43 15.93
C HIS A 10 16.57 -3.99 16.42
N HIS A 11 15.36 -3.45 16.29
CA HIS A 11 15.09 -2.08 16.73
C HIS A 11 15.96 -1.08 15.97
N SER A 12 15.70 -0.93 14.67
CA SER A 12 16.45 0.00 13.84
C SER A 12 15.85 1.40 13.89
N SER A 13 14.61 1.51 13.42
CA SER A 13 13.91 2.79 13.40
C SER A 13 12.60 2.71 14.17
N GLY A 14 12.19 3.84 14.73
CA GLY A 14 10.95 3.87 15.50
C GLY A 14 10.91 5.00 16.49
N ALA A 15 11.35 6.18 16.08
CA ALA A 15 11.36 7.36 16.94
C ALA A 15 10.34 8.39 16.49
N SER A 16 9.13 8.30 17.05
CA SER A 16 8.07 9.24 16.71
C SER A 16 8.28 10.59 17.37
N LEU A 17 8.87 11.52 16.64
CA LEU A 17 9.14 12.86 17.17
C LEU A 17 8.49 13.92 16.29
N VAL A 18 7.43 14.55 16.81
CA VAL A 18 6.72 15.59 16.07
C VAL A 18 6.08 15.03 14.80
N PRO A 19 4.84 14.53 14.91
CA PRO A 19 4.11 13.96 13.76
C PRO A 19 3.73 15.03 12.74
N ARG A 20 3.54 16.26 13.21
CA ARG A 20 3.17 17.36 12.33
C ARG A 20 4.42 17.99 11.70
N GLY A 21 4.28 18.42 10.45
CA GLY A 21 5.40 19.03 9.75
C GLY A 21 6.59 18.10 9.63
N SER A 22 6.32 16.80 9.59
CA SER A 22 7.38 15.80 9.47
C SER A 22 6.79 14.40 9.30
N GLU A 23 5.68 14.32 8.58
CA GLU A 23 5.01 13.04 8.35
C GLU A 23 5.29 12.53 6.94
N GLY A 24 6.50 12.79 6.44
CA GLY A 24 6.86 12.35 5.11
C GLY A 24 8.35 12.07 4.98
N ALA A 25 8.78 10.95 5.55
CA ALA A 25 10.19 10.57 5.49
C ALA A 25 10.55 10.02 4.12
N ALA A 26 9.95 8.89 3.76
CA ALA A 26 10.21 8.26 2.48
C ALA A 26 11.68 7.88 2.33
N THR A 27 12.33 7.62 3.46
CA THR A 27 13.74 7.26 3.45
C THR A 27 13.96 6.00 2.61
N MET A 28 12.95 5.14 2.57
CA MET A 28 13.03 3.90 1.81
C MET A 28 12.11 3.95 0.60
N GLU A 29 11.05 4.76 0.69
CA GLU A 29 10.09 4.89 -0.41
C GLU A 29 9.39 3.57 -0.69
N LEU A 30 8.09 3.64 -0.95
CA LEU A 30 7.31 2.45 -1.24
C LEU A 30 7.36 1.46 -0.07
N SER A 31 6.29 1.46 0.73
CA SER A 31 6.22 0.56 1.88
C SER A 31 4.80 0.01 2.05
N ALA A 32 4.69 -1.08 2.80
CA ALA A 32 3.40 -1.71 3.03
C ALA A 32 2.44 -0.74 3.73
N ASP A 33 2.91 -0.12 4.80
CA ASP A 33 2.10 0.83 5.55
C ASP A 33 1.67 2.00 4.67
N TYR A 34 2.51 2.35 3.71
CA TYR A 34 2.22 3.45 2.79
C TYR A 34 0.94 3.17 2.00
N LEU A 35 0.88 2.01 1.37
CA LEU A 35 -0.28 1.63 0.58
C LEU A 35 -1.48 1.36 1.48
N ARG A 36 -1.21 0.88 2.69
CA ARG A 36 -2.27 0.58 3.64
C ARG A 36 -2.94 1.86 4.14
N GLU A 37 -2.13 2.75 4.72
CA GLU A 37 -2.65 4.01 5.25
C GLU A 37 -3.30 4.82 4.14
N LYS A 38 -2.73 4.77 2.94
CA LYS A 38 -3.26 5.51 1.81
C LYS A 38 -4.69 5.08 1.49
N LEU A 39 -4.86 3.80 1.18
CA LEU A 39 -6.18 3.26 0.87
C LEU A 39 -7.09 3.29 2.09
N ARG A 40 -6.51 3.15 3.27
CA ARG A 40 -7.27 3.17 4.51
C ARG A 40 -7.80 4.56 4.81
N GLN A 41 -6.95 5.56 4.63
CA GLN A 41 -7.34 6.92 4.89
C GLN A 41 -8.25 7.45 3.77
N ASP A 42 -7.89 7.13 2.53
CA ASP A 42 -8.67 7.57 1.38
C ASP A 42 -10.10 7.06 1.46
N LEU A 43 -10.25 5.75 1.67
CA LEU A 43 -11.56 5.13 1.76
C LEU A 43 -12.11 5.23 3.19
N GLU A 44 -11.21 5.44 4.15
CA GLU A 44 -11.62 5.54 5.55
C GLU A 44 -12.25 4.23 6.03
N ALA A 45 -11.66 3.11 5.64
CA ALA A 45 -12.16 1.80 6.02
C ALA A 45 -12.13 1.62 7.54
N GLU A 46 -12.53 0.45 8.00
CA GLU A 46 -12.55 0.16 9.43
C GLU A 46 -11.28 -0.59 9.84
N HIS A 47 -11.00 -1.70 9.17
CA HIS A 47 -9.81 -2.49 9.47
C HIS A 47 -9.10 -2.91 8.19
N VAL A 48 -7.79 -2.67 8.14
CA VAL A 48 -6.98 -3.01 6.98
C VAL A 48 -5.76 -3.83 7.37
N GLU A 49 -5.20 -4.54 6.39
CA GLU A 49 -4.03 -5.36 6.64
C GLU A 49 -3.12 -5.42 5.41
N VAL A 50 -1.85 -5.11 5.59
CA VAL A 50 -0.89 -5.13 4.49
C VAL A 50 0.27 -6.06 4.79
N GLU A 51 0.76 -6.73 3.76
CA GLU A 51 1.88 -7.66 3.91
C GLU A 51 2.86 -7.54 2.74
N ASP A 52 3.97 -8.24 2.84
CA ASP A 52 4.99 -8.21 1.79
C ASP A 52 5.73 -9.54 1.72
N THR A 53 6.12 -9.92 0.51
CA THR A 53 6.85 -11.17 0.30
C THR A 53 8.31 -10.91 -0.01
N THR A 54 8.87 -9.88 0.63
CA THR A 54 10.27 -9.52 0.44
C THR A 54 10.98 -9.31 1.77
N LEU A 55 12.23 -9.75 1.85
CA LEU A 55 13.00 -9.61 3.07
C LEU A 55 14.13 -8.59 2.88
N ASN A 56 14.89 -8.75 1.81
CA ASN A 56 16.00 -7.85 1.52
C ASN A 56 15.49 -6.46 1.17
N ARG A 57 16.41 -5.51 1.02
CA ARG A 57 16.04 -4.14 0.68
C ARG A 57 15.55 -4.04 -0.76
N CYS A 58 14.28 -4.38 -0.97
CA CYS A 58 13.68 -4.34 -2.30
C CYS A 58 12.16 -4.50 -2.22
N ALA A 59 11.49 -4.30 -3.35
CA ALA A 59 10.04 -4.42 -3.41
C ALA A 59 9.61 -5.24 -4.62
N THR A 60 8.99 -6.39 -4.36
CA THR A 60 8.53 -7.27 -5.43
C THR A 60 7.00 -7.30 -5.48
N SER A 61 6.39 -7.91 -4.48
CA SER A 61 4.94 -8.01 -4.42
C SER A 61 4.40 -7.38 -3.13
N PHE A 62 3.12 -7.02 -3.15
CA PHE A 62 2.49 -6.40 -1.99
C PHE A 62 1.00 -6.75 -1.93
N ARG A 63 0.47 -6.82 -0.72
CA ARG A 63 -0.94 -7.14 -0.52
C ARG A 63 -1.60 -6.13 0.42
N VAL A 64 -2.83 -5.74 0.09
CA VAL A 64 -3.56 -4.78 0.92
C VAL A 64 -4.97 -5.29 1.22
N LEU A 65 -5.37 -5.20 2.49
CA LEU A 65 -6.69 -5.65 2.92
C LEU A 65 -7.51 -4.47 3.42
N VAL A 66 -8.79 -4.44 3.03
CA VAL A 66 -9.68 -3.38 3.44
C VAL A 66 -11.08 -3.90 3.70
N VAL A 67 -11.69 -3.45 4.79
CA VAL A 67 -13.03 -3.87 5.16
C VAL A 67 -13.83 -2.72 5.77
N SER A 68 -14.95 -2.38 5.12
CA SER A 68 -15.80 -1.29 5.60
C SER A 68 -17.03 -1.14 4.72
N ALA A 69 -17.86 -0.15 5.05
CA ALA A 69 -19.08 0.11 4.28
C ALA A 69 -18.82 1.09 3.13
N LYS A 70 -17.69 1.78 3.19
CA LYS A 70 -17.33 2.75 2.15
C LYS A 70 -17.41 2.12 0.76
N PHE A 71 -17.04 0.85 0.67
CA PHE A 71 -17.06 0.13 -0.60
C PHE A 71 -18.48 -0.24 -0.99
N GLU A 72 -19.33 -0.45 0.01
CA GLU A 72 -20.72 -0.81 -0.23
C GLU A 72 -21.44 0.28 -1.02
N GLY A 73 -21.02 1.53 -0.82
CA GLY A 73 -21.63 2.63 -1.52
C GLY A 73 -21.39 2.59 -3.02
N LYS A 74 -20.25 2.01 -3.41
CA LYS A 74 -19.91 1.89 -4.83
C LYS A 74 -19.92 0.44 -5.27
N PRO A 75 -20.14 0.19 -6.58
CA PRO A 75 -20.19 -1.16 -7.14
C PRO A 75 -18.84 -1.86 -7.06
N LEU A 76 -18.83 -3.14 -7.41
CA LEU A 76 -17.59 -3.93 -7.38
C LEU A 76 -16.53 -3.32 -8.29
N LEU A 77 -16.94 -2.89 -9.47
CA LEU A 77 -16.02 -2.28 -10.43
C LEU A 77 -15.37 -1.03 -9.84
N GLN A 78 -16.11 -0.32 -9.00
CA GLN A 78 -15.61 0.89 -8.37
C GLN A 78 -14.61 0.54 -7.26
N ARG A 79 -14.89 -0.53 -6.54
CA ARG A 79 -14.02 -0.96 -5.44
C ARG A 79 -12.61 -1.25 -5.95
N HIS A 80 -12.53 -1.93 -7.08
CA HIS A 80 -11.24 -2.28 -7.67
C HIS A 80 -10.59 -1.06 -8.33
N ARG A 81 -11.36 -0.35 -9.15
CA ARG A 81 -10.86 0.84 -9.83
C ARG A 81 -10.42 1.90 -8.82
N LEU A 82 -11.12 1.96 -7.69
CA LEU A 82 -10.79 2.93 -6.65
C LEU A 82 -9.38 2.71 -6.11
N VAL A 83 -9.13 1.48 -5.65
CA VAL A 83 -7.82 1.14 -5.10
C VAL A 83 -6.72 1.30 -6.15
N ASN A 84 -7.07 1.06 -7.41
CA ASN A 84 -6.12 1.19 -8.51
C ASN A 84 -5.77 2.65 -8.75
N GLU A 85 -6.78 3.52 -8.71
CA GLU A 85 -6.58 4.95 -8.92
C GLU A 85 -5.71 5.55 -7.82
N CYS A 86 -5.86 5.03 -6.61
CA CYS A 86 -5.09 5.52 -5.47
C CYS A 86 -3.59 5.33 -5.70
N LEU A 87 -3.19 4.08 -5.89
CA LEU A 87 -1.78 3.77 -6.12
C LEU A 87 -1.52 3.56 -7.61
N ALA A 88 -2.17 4.35 -8.45
CA ALA A 88 -2.01 4.25 -9.90
C ALA A 88 -0.58 4.57 -10.31
N GLU A 89 0.02 5.55 -9.65
CA GLU A 89 1.39 5.96 -9.95
C GLU A 89 2.40 4.95 -9.40
N GLU A 90 2.15 4.48 -8.18
CA GLU A 90 3.03 3.51 -7.53
C GLU A 90 2.85 2.11 -8.12
N LEU A 91 1.64 1.82 -8.59
CA LEU A 91 1.34 0.51 -9.17
C LEU A 91 2.43 0.06 -10.15
N PRO A 92 2.68 0.85 -11.21
CA PRO A 92 3.69 0.53 -12.22
C PRO A 92 5.00 0.04 -11.59
N HIS A 93 5.33 0.59 -10.43
CA HIS A 93 6.56 0.21 -9.73
C HIS A 93 6.41 -1.16 -9.08
N ILE A 94 5.20 -1.50 -8.69
CA ILE A 94 4.93 -2.79 -8.06
C ILE A 94 4.92 -3.91 -9.08
N HIS A 95 5.70 -4.96 -8.81
CA HIS A 95 5.78 -6.10 -9.70
C HIS A 95 4.53 -6.96 -9.60
N ALA A 96 3.96 -7.04 -8.40
CA ALA A 96 2.76 -7.82 -8.16
C ALA A 96 1.94 -7.23 -7.02
N PHE A 97 0.73 -6.78 -7.34
CA PHE A 97 -0.16 -6.20 -6.35
C PHE A 97 -1.46 -6.97 -6.24
N GLU A 98 -1.91 -7.21 -5.00
CA GLU A 98 -3.14 -7.95 -4.76
C GLU A 98 -3.94 -7.30 -3.64
N GLN A 99 -5.21 -7.02 -3.91
CA GLN A 99 -6.09 -6.40 -2.91
C GLN A 99 -7.40 -7.16 -2.80
N LYS A 100 -8.08 -6.98 -1.67
CA LYS A 100 -9.36 -7.65 -1.44
C LYS A 100 -10.29 -6.76 -0.63
N THR A 101 -11.45 -6.44 -1.22
CA THR A 101 -12.43 -5.59 -0.55
C THR A 101 -13.65 -6.40 -0.13
N LEU A 102 -14.08 -6.18 1.11
CA LEU A 102 -15.25 -6.89 1.65
C LEU A 102 -16.01 -6.01 2.63
N THR A 103 -17.24 -6.42 2.93
CA THR A 103 -18.09 -5.66 3.85
C THR A 103 -17.86 -6.13 5.29
N PRO A 104 -18.13 -5.24 6.27
CA PRO A 104 -17.95 -5.57 7.69
C PRO A 104 -18.70 -6.84 8.09
N GLU A 105 -19.97 -6.92 7.71
CA GLU A 105 -20.78 -8.08 8.03
C GLU A 105 -20.17 -9.36 7.44
N GLN A 106 -19.55 -9.22 6.27
CA GLN A 106 -18.93 -10.36 5.59
C GLN A 106 -17.68 -10.82 6.35
N TRP A 107 -16.88 -9.87 6.79
CA TRP A 107 -15.66 -10.18 7.53
C TRP A 107 -15.98 -10.65 8.95
N THR A 108 -16.87 -9.93 9.62
CA THR A 108 -17.26 -10.27 10.98
C THR A 108 -17.84 -11.68 11.04
N ARG A 109 -18.47 -12.10 9.96
CA ARG A 109 -19.07 -13.43 9.89
C ARG A 109 -18.00 -14.51 9.87
N GLN A 110 -16.82 -14.17 9.37
CA GLN A 110 -15.71 -15.11 9.31
C GLN A 110 -14.80 -14.96 10.53
N ARG A 111 -15.40 -14.84 11.70
CA ARG A 111 -14.64 -14.70 12.95
C ARG A 111 -15.31 -15.47 14.08
N ARG A 112 -15.87 -16.63 13.74
CA ARG A 112 -16.54 -17.47 14.74
C ARG A 112 -15.55 -17.96 15.79
N GLU A 113 -15.96 -17.91 17.05
CA GLU A 113 -15.11 -18.35 18.15
C GLU A 113 -15.22 -19.86 18.36
N MET A 1 1.56 -28.61 11.20
CA MET A 1 0.51 -29.24 10.34
C MET A 1 -0.79 -28.46 10.42
N LYS A 2 -1.36 -28.37 11.61
CA LYS A 2 -2.61 -27.66 11.82
C LYS A 2 -2.52 -26.72 13.02
N GLY A 3 -2.00 -27.23 14.13
CA GLY A 3 -1.86 -26.43 15.32
C GLY A 3 -0.43 -25.98 15.56
N SER A 4 -0.26 -24.97 16.41
CA SER A 4 1.07 -24.45 16.72
C SER A 4 1.51 -24.88 18.11
N SER A 5 2.74 -24.54 18.47
CA SER A 5 3.29 -24.90 19.77
C SER A 5 4.25 -23.83 20.27
N HIS A 6 3.70 -22.71 20.72
CA HIS A 6 4.52 -21.61 21.23
C HIS A 6 5.46 -21.09 20.15
N HIS A 7 5.14 -19.91 19.61
CA HIS A 7 5.96 -19.30 18.57
C HIS A 7 5.97 -17.78 18.71
N HIS A 8 5.95 -17.30 19.95
CA HIS A 8 5.97 -15.87 20.22
C HIS A 8 7.32 -15.26 19.86
N HIS A 9 7.34 -14.47 18.80
CA HIS A 9 8.56 -13.81 18.34
C HIS A 9 9.62 -14.85 17.97
N HIS A 10 9.91 -14.95 16.68
CA HIS A 10 10.91 -15.90 16.19
C HIS A 10 11.58 -15.39 14.93
N HIS A 11 11.77 -14.08 14.86
CA HIS A 11 12.40 -13.46 13.69
C HIS A 11 12.89 -12.05 14.03
N SER A 12 14.06 -11.70 13.51
CA SER A 12 14.64 -10.38 13.75
C SER A 12 13.90 -9.31 12.96
N SER A 13 13.82 -8.11 13.53
CA SER A 13 13.13 -7.00 12.88
C SER A 13 14.14 -5.96 12.39
N GLY A 14 13.97 -5.54 11.14
CA GLY A 14 14.88 -4.55 10.57
C GLY A 14 15.15 -4.80 9.09
N ALA A 15 16.39 -4.55 8.68
CA ALA A 15 16.78 -4.75 7.29
C ALA A 15 18.28 -5.02 7.17
N SER A 16 19.08 -4.01 7.50
CA SER A 16 20.53 -4.14 7.43
C SER A 16 21.21 -3.07 8.28
N LEU A 17 21.21 -1.84 7.79
CA LEU A 17 21.82 -0.73 8.51
C LEU A 17 21.23 0.60 8.06
N VAL A 18 20.76 1.39 9.03
CA VAL A 18 20.17 2.69 8.74
C VAL A 18 20.69 3.77 9.70
N PRO A 19 21.96 4.17 9.52
CA PRO A 19 22.58 5.20 10.38
C PRO A 19 21.98 6.58 10.15
N ARG A 20 21.86 6.96 8.88
CA ARG A 20 21.31 8.27 8.53
C ARG A 20 21.25 8.44 7.00
N GLY A 21 22.41 8.53 6.38
CA GLY A 21 22.48 8.69 4.94
C GLY A 21 22.08 7.44 4.20
N SER A 22 21.49 7.62 3.01
CA SER A 22 21.07 6.48 2.20
C SER A 22 20.81 6.92 0.75
N GLU A 23 20.45 5.95 -0.09
CA GLU A 23 20.18 6.24 -1.49
C GLU A 23 18.68 6.45 -1.73
N GLY A 24 18.35 7.03 -2.87
CA GLY A 24 16.96 7.28 -3.20
C GLY A 24 16.32 6.13 -3.95
N ALA A 25 15.22 6.41 -4.64
CA ALA A 25 14.51 5.38 -5.41
C ALA A 25 13.86 4.36 -4.50
N ALA A 26 14.68 3.56 -3.83
CA ALA A 26 14.18 2.53 -2.92
C ALA A 26 14.92 2.59 -1.58
N THR A 27 14.83 1.51 -0.81
CA THR A 27 15.48 1.44 0.49
C THR A 27 14.92 2.52 1.42
N MET A 28 13.73 3.02 1.08
CA MET A 28 13.08 4.05 1.87
C MET A 28 11.75 4.44 1.24
N GLU A 29 11.68 4.41 -0.09
CA GLU A 29 10.46 4.76 -0.81
C GLU A 29 9.61 3.53 -1.07
N LEU A 30 8.30 3.73 -1.19
CA LEU A 30 7.37 2.64 -1.44
C LEU A 30 7.43 1.60 -0.32
N SER A 31 6.48 1.68 0.60
CA SER A 31 6.41 0.75 1.72
C SER A 31 5.02 0.16 1.87
N ALA A 32 4.92 -0.93 2.62
CA ALA A 32 3.64 -1.59 2.85
C ALA A 32 2.66 -0.67 3.57
N ASP A 33 3.12 -0.08 4.67
CA ASP A 33 2.29 0.82 5.46
C ASP A 33 1.84 2.01 4.62
N TYR A 34 2.67 2.41 3.67
CA TYR A 34 2.36 3.54 2.80
C TYR A 34 1.08 3.28 2.01
N LEU A 35 0.98 2.09 1.43
CA LEU A 35 -0.20 1.71 0.66
C LEU A 35 -1.38 1.41 1.57
N ARG A 36 -1.09 0.89 2.76
CA ARG A 36 -2.14 0.56 3.72
C ARG A 36 -2.83 1.81 4.24
N GLU A 37 -2.05 2.73 4.81
CA GLU A 37 -2.59 3.97 5.34
C GLU A 37 -3.28 4.77 4.25
N LYS A 38 -2.70 4.76 3.05
CA LYS A 38 -3.26 5.49 1.92
C LYS A 38 -4.67 5.00 1.60
N LEU A 39 -4.79 3.69 1.33
CA LEU A 39 -6.08 3.11 1.00
C LEU A 39 -7.03 3.17 2.19
N ARG A 40 -6.52 2.80 3.37
CA ARG A 40 -7.33 2.82 4.58
C ARG A 40 -7.84 4.22 4.87
N GLN A 41 -6.97 5.20 4.75
CA GLN A 41 -7.35 6.58 5.01
C GLN A 41 -8.18 7.14 3.86
N ASP A 42 -7.69 6.93 2.63
CA ASP A 42 -8.39 7.42 1.45
C ASP A 42 -9.78 6.82 1.35
N LEU A 43 -9.85 5.49 1.28
CA LEU A 43 -11.13 4.80 1.17
C LEU A 43 -11.89 4.87 2.50
N GLU A 44 -11.17 5.07 3.60
CA GLU A 44 -11.77 5.16 4.92
C GLU A 44 -12.46 3.85 5.29
N ALA A 45 -11.68 2.89 5.78
CA ALA A 45 -12.21 1.59 6.17
C ALA A 45 -12.10 1.39 7.67
N GLU A 46 -12.62 0.26 8.15
CA GLU A 46 -12.57 -0.05 9.57
C GLU A 46 -11.29 -0.79 9.93
N HIS A 47 -11.06 -1.93 9.27
CA HIS A 47 -9.88 -2.73 9.51
C HIS A 47 -9.15 -3.04 8.20
N VAL A 48 -7.83 -2.96 8.23
CA VAL A 48 -7.01 -3.23 7.05
C VAL A 48 -5.76 -4.02 7.41
N GLU A 49 -5.26 -4.80 6.46
CA GLU A 49 -4.07 -5.60 6.68
C GLU A 49 -3.17 -5.59 5.44
N VAL A 50 -1.92 -5.16 5.62
CA VAL A 50 -0.97 -5.10 4.52
C VAL A 50 0.20 -6.06 4.75
N GLU A 51 0.86 -6.44 3.66
CA GLU A 51 1.99 -7.36 3.75
C GLU A 51 2.99 -7.08 2.63
N ASP A 52 4.23 -7.51 2.84
CA ASP A 52 5.28 -7.31 1.84
C ASP A 52 6.32 -8.43 1.92
N THR A 53 6.75 -8.90 0.76
CA THR A 53 7.75 -9.97 0.69
C THR A 53 9.15 -9.40 0.49
N THR A 54 9.44 -8.29 1.16
CA THR A 54 10.73 -7.65 1.06
C THR A 54 11.84 -8.53 1.64
N LEU A 55 12.75 -8.97 0.78
CA LEU A 55 13.84 -9.83 1.20
C LEU A 55 13.32 -11.13 1.82
N ASN A 56 12.15 -11.56 1.36
CA ASN A 56 11.54 -12.78 1.87
C ASN A 56 11.72 -13.93 0.89
N ARG A 57 11.01 -13.85 -0.24
CA ARG A 57 11.09 -14.88 -1.26
C ARG A 57 10.25 -14.51 -2.48
N CYS A 58 10.59 -15.07 -3.63
CA CYS A 58 9.86 -14.79 -4.87
C CYS A 58 9.93 -13.32 -5.21
N ALA A 59 9.13 -12.92 -6.20
CA ALA A 59 9.10 -11.52 -6.63
C ALA A 59 8.40 -10.64 -5.61
N THR A 60 8.76 -9.36 -5.60
CA THR A 60 8.15 -8.41 -4.66
C THR A 60 6.65 -8.32 -4.87
N SER A 61 5.89 -8.97 -3.99
CA SER A 61 4.43 -8.97 -4.07
C SER A 61 3.81 -8.36 -2.82
N PHE A 62 2.92 -7.40 -3.02
CA PHE A 62 2.26 -6.73 -1.90
C PHE A 62 0.80 -7.17 -1.79
N ARG A 63 0.33 -7.35 -0.56
CA ARG A 63 -1.05 -7.77 -0.33
C ARG A 63 -1.75 -6.83 0.64
N VAL A 64 -2.83 -6.20 0.17
CA VAL A 64 -3.58 -5.26 1.00
C VAL A 64 -5.02 -5.75 1.19
N LEU A 65 -5.54 -5.54 2.40
CA LEU A 65 -6.90 -5.96 2.72
C LEU A 65 -7.69 -4.80 3.33
N VAL A 66 -8.96 -4.68 2.95
CA VAL A 66 -9.82 -3.61 3.47
C VAL A 66 -11.21 -4.14 3.77
N VAL A 67 -11.81 -3.61 4.85
CA VAL A 67 -13.15 -4.02 5.25
C VAL A 67 -13.92 -2.85 5.85
N SER A 68 -15.08 -2.56 5.25
CA SER A 68 -15.91 -1.46 5.73
C SER A 68 -17.21 -1.39 4.93
N ALA A 69 -18.11 -0.52 5.38
CA ALA A 69 -19.40 -0.34 4.71
C ALA A 69 -19.31 0.66 3.57
N LYS A 70 -18.29 1.52 3.62
CA LYS A 70 -18.10 2.54 2.59
C LYS A 70 -18.02 1.90 1.20
N PHE A 71 -17.53 0.67 1.15
CA PHE A 71 -17.41 -0.05 -0.12
C PHE A 71 -18.77 -0.54 -0.59
N GLU A 72 -19.65 -0.86 0.36
CA GLU A 72 -20.99 -1.34 0.04
C GLU A 72 -21.75 -0.31 -0.78
N GLY A 73 -21.46 0.96 -0.54
CA GLY A 73 -22.14 2.02 -1.27
C GLY A 73 -21.82 2.01 -2.75
N LYS A 74 -20.61 1.59 -3.08
CA LYS A 74 -20.17 1.53 -4.48
C LYS A 74 -20.10 0.09 -4.97
N PRO A 75 -20.18 -0.11 -6.30
CA PRO A 75 -20.14 -1.46 -6.89
C PRO A 75 -18.75 -2.10 -6.76
N LEU A 76 -18.55 -3.20 -7.47
CA LEU A 76 -17.28 -3.91 -7.44
C LEU A 76 -16.29 -3.30 -8.44
N LEU A 77 -16.81 -2.77 -9.53
CA LEU A 77 -15.98 -2.17 -10.56
C LEU A 77 -15.47 -0.80 -10.11
N GLN A 78 -16.30 -0.09 -9.35
CA GLN A 78 -15.93 1.23 -8.85
C GLN A 78 -14.92 1.13 -7.72
N ARG A 79 -15.22 0.30 -6.73
CA ARG A 79 -14.33 0.11 -5.59
C ARG A 79 -12.97 -0.42 -6.04
N HIS A 80 -12.99 -1.40 -6.94
CA HIS A 80 -11.76 -1.98 -7.45
C HIS A 80 -10.91 -0.93 -8.16
N ARG A 81 -11.57 -0.03 -8.88
CA ARG A 81 -10.87 1.02 -9.61
C ARG A 81 -10.31 2.07 -8.65
N LEU A 82 -11.02 2.28 -7.53
CA LEU A 82 -10.60 3.25 -6.54
C LEU A 82 -9.22 2.90 -5.99
N VAL A 83 -8.97 1.61 -5.79
CA VAL A 83 -7.70 1.14 -5.26
C VAL A 83 -6.59 1.30 -6.28
N ASN A 84 -6.88 0.97 -7.54
CA ASN A 84 -5.91 1.09 -8.62
C ASN A 84 -5.60 2.56 -8.92
N GLU A 85 -6.65 3.38 -8.92
CA GLU A 85 -6.49 4.80 -9.20
C GLU A 85 -5.63 5.47 -8.14
N CYS A 86 -5.74 5.00 -6.90
CA CYS A 86 -4.97 5.54 -5.79
C CYS A 86 -3.47 5.41 -6.05
N LEU A 87 -3.02 4.17 -6.21
CA LEU A 87 -1.61 3.89 -6.45
C LEU A 87 -1.37 3.54 -7.92
N ALA A 88 -1.86 4.39 -8.81
CA ALA A 88 -1.71 4.16 -10.25
C ALA A 88 -0.25 4.27 -10.67
N GLU A 89 0.44 5.28 -10.15
CA GLU A 89 1.85 5.49 -10.48
C GLU A 89 2.74 4.49 -9.75
N GLU A 90 2.35 4.15 -8.53
CA GLU A 90 3.12 3.20 -7.71
C GLU A 90 2.90 1.77 -8.20
N LEU A 91 1.73 1.50 -8.75
CA LEU A 91 1.40 0.16 -9.25
C LEU A 91 2.50 -0.40 -10.14
N PRO A 92 2.84 0.31 -11.24
CA PRO A 92 3.89 -0.14 -12.16
C PRO A 92 5.14 -0.62 -11.44
N HIS A 93 5.44 -0.01 -10.29
CA HIS A 93 6.61 -0.39 -9.51
C HIS A 93 6.38 -1.71 -8.79
N ILE A 94 5.14 -1.97 -8.42
CA ILE A 94 4.78 -3.20 -7.73
C ILE A 94 4.82 -4.39 -8.68
N HIS A 95 5.70 -5.35 -8.40
CA HIS A 95 5.83 -6.54 -9.23
C HIS A 95 4.55 -7.37 -9.17
N ALA A 96 3.88 -7.33 -8.02
CA ALA A 96 2.64 -8.08 -7.83
C ALA A 96 1.78 -7.44 -6.74
N PHE A 97 0.60 -6.98 -7.14
CA PHE A 97 -0.32 -6.35 -6.19
C PHE A 97 -1.67 -7.05 -6.18
N GLU A 98 -2.24 -7.21 -4.99
CA GLU A 98 -3.54 -7.87 -4.85
C GLU A 98 -4.36 -7.20 -3.75
N GLN A 99 -5.54 -6.69 -4.13
CA GLN A 99 -6.41 -6.03 -3.18
C GLN A 99 -7.71 -6.81 -3.00
N LYS A 100 -8.22 -6.83 -1.77
CA LYS A 100 -9.46 -7.54 -1.46
C LYS A 100 -10.37 -6.68 -0.59
N THR A 101 -11.61 -6.50 -1.03
CA THR A 101 -12.58 -5.71 -0.29
C THR A 101 -13.79 -6.55 0.10
N LEU A 102 -14.28 -6.35 1.32
CA LEU A 102 -15.43 -7.09 1.81
C LEU A 102 -16.24 -6.25 2.80
N THR A 103 -17.52 -6.58 2.94
CA THR A 103 -18.39 -5.85 3.85
C THR A 103 -18.18 -6.31 5.30
N PRO A 104 -18.49 -5.43 6.27
CA PRO A 104 -18.33 -5.74 7.69
C PRO A 104 -19.00 -7.05 8.08
N GLU A 105 -20.26 -7.20 7.67
CA GLU A 105 -21.03 -8.41 7.98
C GLU A 105 -20.33 -9.65 7.41
N GLN A 106 -19.74 -9.50 6.24
CA GLN A 106 -19.04 -10.60 5.58
C GLN A 106 -17.84 -11.05 6.41
N TRP A 107 -17.02 -10.08 6.83
CA TRP A 107 -15.84 -10.38 7.63
C TRP A 107 -16.22 -10.81 9.04
N THR A 108 -17.28 -10.20 9.57
CA THR A 108 -17.75 -10.52 10.91
C THR A 108 -18.15 -11.99 11.02
N ARG A 109 -18.63 -12.55 9.92
CA ARG A 109 -19.04 -13.94 9.88
C ARG A 109 -17.83 -14.87 9.92
N GLN A 110 -16.72 -14.41 9.36
CA GLN A 110 -15.49 -15.20 9.33
C GLN A 110 -14.55 -14.78 10.45
N ARG A 111 -15.11 -14.42 11.60
CA ARG A 111 -14.33 -14.00 12.74
C ARG A 111 -14.56 -14.91 13.94
N ARG A 112 -13.90 -16.06 13.94
CA ARG A 112 -14.04 -17.03 15.02
C ARG A 112 -12.81 -17.04 15.90
N GLU A 113 -12.27 -15.86 16.18
CA GLU A 113 -11.08 -15.73 17.01
C GLU A 113 -11.10 -14.41 17.79
N MET A 1 28.57 -0.29 16.62
CA MET A 1 28.57 -1.53 15.81
C MET A 1 27.15 -2.03 15.55
N LYS A 2 26.22 -1.09 15.41
CA LYS A 2 24.83 -1.44 15.16
C LYS A 2 24.49 -1.31 13.68
N GLY A 3 25.06 -0.29 13.04
CA GLY A 3 24.81 -0.08 11.62
C GLY A 3 26.02 -0.37 10.76
N SER A 4 25.81 -0.49 9.46
CA SER A 4 26.90 -0.78 8.53
C SER A 4 26.53 -0.33 7.12
N SER A 5 25.45 -0.89 6.59
CA SER A 5 24.99 -0.54 5.24
C SER A 5 26.05 -0.88 4.21
N HIS A 6 25.73 -0.65 2.94
CA HIS A 6 26.65 -0.93 1.84
C HIS A 6 26.46 0.06 0.71
N HIS A 7 25.21 0.30 0.33
CA HIS A 7 24.90 1.22 -0.76
C HIS A 7 25.49 0.74 -2.08
N HIS A 8 24.64 0.15 -2.92
CA HIS A 8 25.07 -0.36 -4.21
C HIS A 8 24.92 0.70 -5.29
N HIS A 9 24.02 1.65 -5.07
CA HIS A 9 23.78 2.73 -6.03
C HIS A 9 23.19 2.18 -7.33
N HIS A 10 22.06 2.77 -7.75
CA HIS A 10 21.41 2.34 -8.98
C HIS A 10 22.33 2.48 -10.18
N HIS A 11 22.08 1.68 -11.20
CA HIS A 11 22.89 1.71 -12.41
C HIS A 11 22.12 2.34 -13.58
N SER A 12 22.84 2.68 -14.64
CA SER A 12 22.21 3.29 -15.81
C SER A 12 22.16 2.30 -16.97
N SER A 13 23.20 1.48 -17.10
CA SER A 13 23.27 0.49 -18.17
C SER A 13 23.23 1.17 -19.53
N GLY A 14 23.71 0.45 -20.55
CA GLY A 14 23.72 0.99 -21.90
C GLY A 14 24.93 1.87 -22.16
N ALA A 15 24.99 3.02 -21.48
CA ALA A 15 26.10 3.94 -21.64
C ALA A 15 26.42 4.64 -20.32
N SER A 16 27.54 4.25 -19.71
CA SER A 16 27.96 4.83 -18.45
C SER A 16 29.43 5.23 -18.49
N LEU A 17 29.69 6.52 -18.68
CA LEU A 17 31.06 7.03 -18.74
C LEU A 17 31.57 7.38 -17.34
N VAL A 18 30.96 8.39 -16.73
CA VAL A 18 31.36 8.83 -15.41
C VAL A 18 30.31 9.77 -14.80
N PRO A 19 29.09 9.28 -14.60
CA PRO A 19 28.00 10.07 -14.02
C PRO A 19 28.23 10.39 -12.55
N ARG A 20 27.36 11.24 -11.99
CA ARG A 20 27.48 11.62 -10.59
C ARG A 20 26.16 12.21 -10.08
N GLY A 21 25.22 11.34 -9.73
CA GLY A 21 23.94 11.80 -9.24
C GLY A 21 22.93 10.67 -9.13
N SER A 22 21.65 11.01 -9.34
CA SER A 22 20.58 10.01 -9.25
C SER A 22 20.53 9.38 -7.86
N GLU A 23 19.56 9.79 -7.06
CA GLU A 23 19.40 9.26 -5.72
C GLU A 23 19.17 7.76 -5.75
N GLY A 24 18.00 7.36 -6.25
CA GLY A 24 17.67 5.95 -6.34
C GLY A 24 17.55 5.31 -4.97
N ALA A 25 16.36 5.36 -4.39
CA ALA A 25 16.12 4.78 -3.07
C ALA A 25 14.62 4.64 -2.80
N ALA A 26 14.28 3.70 -1.94
CA ALA A 26 12.88 3.46 -1.59
C ALA A 26 12.75 2.90 -0.18
N THR A 27 13.70 3.26 0.69
CA THR A 27 13.68 2.80 2.07
C THR A 27 12.40 3.23 2.76
N MET A 28 11.85 4.37 2.33
CA MET A 28 10.62 4.88 2.90
C MET A 28 9.46 4.79 1.90
N GLU A 29 9.80 4.80 0.61
CA GLU A 29 8.78 4.71 -0.43
C GLU A 29 8.52 3.25 -0.80
N LEU A 30 7.37 3.00 -1.42
CA LEU A 30 6.99 1.65 -1.83
C LEU A 30 6.90 0.73 -0.62
N SER A 31 6.50 1.28 0.51
CA SER A 31 6.36 0.52 1.74
C SER A 31 4.94 0.00 1.92
N ALA A 32 4.78 -1.05 2.72
CA ALA A 32 3.48 -1.64 2.97
C ALA A 32 2.53 -0.63 3.62
N ASP A 33 3.01 0.00 4.69
CA ASP A 33 2.20 0.98 5.40
C ASP A 33 1.82 2.15 4.49
N TYR A 34 2.68 2.43 3.52
CA TYR A 34 2.43 3.53 2.58
C TYR A 34 1.13 3.30 1.82
N LEU A 35 0.97 2.10 1.27
CA LEU A 35 -0.23 1.75 0.51
C LEU A 35 -1.41 1.53 1.44
N ARG A 36 -1.14 0.99 2.63
CA ARG A 36 -2.19 0.72 3.60
C ARG A 36 -2.75 2.02 4.18
N GLU A 37 -1.86 2.93 4.58
CA GLU A 37 -2.27 4.21 5.14
C GLU A 37 -3.09 5.00 4.13
N LYS A 38 -2.59 5.09 2.90
CA LYS A 38 -3.28 5.81 1.84
C LYS A 38 -4.67 5.25 1.59
N LEU A 39 -4.73 3.93 1.40
CA LEU A 39 -6.01 3.25 1.16
C LEU A 39 -6.93 3.36 2.37
N ARG A 40 -6.40 2.97 3.53
CA ARG A 40 -7.17 3.02 4.77
C ARG A 40 -7.63 4.43 5.07
N GLN A 41 -6.76 5.39 4.85
CA GLN A 41 -7.10 6.79 5.11
C GLN A 41 -8.02 7.33 4.03
N ASP A 42 -7.69 7.03 2.78
CA ASP A 42 -8.50 7.49 1.65
C ASP A 42 -9.87 6.82 1.65
N LEU A 43 -9.88 5.50 1.56
CA LEU A 43 -11.13 4.75 1.54
C LEU A 43 -11.84 4.83 2.89
N GLU A 44 -11.07 5.07 3.94
CA GLU A 44 -11.64 5.18 5.29
C GLU A 44 -12.29 3.87 5.71
N ALA A 45 -11.55 2.78 5.58
CA ALA A 45 -12.06 1.46 5.94
C ALA A 45 -12.07 1.28 7.45
N GLU A 46 -12.54 0.11 7.90
CA GLU A 46 -12.60 -0.19 9.33
C GLU A 46 -11.35 -0.94 9.79
N HIS A 47 -11.03 -2.01 9.08
CA HIS A 47 -9.86 -2.83 9.41
C HIS A 47 -9.11 -3.23 8.16
N VAL A 48 -7.83 -2.85 8.10
CA VAL A 48 -6.99 -3.17 6.94
C VAL A 48 -5.75 -3.94 7.37
N GLU A 49 -5.12 -4.61 6.41
CA GLU A 49 -3.92 -5.39 6.69
C GLU A 49 -3.00 -5.43 5.47
N VAL A 50 -1.74 -5.09 5.67
CA VAL A 50 -0.76 -5.08 4.59
C VAL A 50 0.40 -6.03 4.90
N GLU A 51 0.94 -6.66 3.86
CA GLU A 51 2.05 -7.59 4.03
C GLU A 51 3.10 -7.38 2.93
N ASP A 52 4.28 -7.95 3.13
CA ASP A 52 5.37 -7.82 2.17
C ASP A 52 6.26 -9.05 2.20
N THR A 53 6.36 -9.73 1.06
CA THR A 53 7.18 -10.93 0.95
C THR A 53 8.54 -10.61 0.33
N THR A 54 9.44 -10.05 1.13
CA THR A 54 10.76 -9.69 0.66
C THR A 54 11.74 -9.52 1.82
N LEU A 55 13.03 -9.55 1.52
CA LEU A 55 14.05 -9.39 2.55
C LEU A 55 15.08 -8.35 2.13
N ASN A 56 15.54 -8.44 0.89
CA ASN A 56 16.53 -7.51 0.36
C ASN A 56 16.08 -6.93 -0.98
N ARG A 57 16.03 -7.79 -2.00
CA ARG A 57 15.61 -7.36 -3.33
C ARG A 57 15.41 -8.57 -4.24
N CYS A 58 14.18 -9.08 -4.28
CA CYS A 58 13.86 -10.23 -5.11
C CYS A 58 12.37 -10.56 -5.03
N ALA A 59 11.62 -10.13 -6.04
CA ALA A 59 10.19 -10.38 -6.07
C ALA A 59 9.48 -9.76 -4.86
N THR A 60 9.14 -8.48 -4.97
CA THR A 60 8.48 -7.77 -3.89
C THR A 60 7.14 -8.43 -3.56
N SER A 61 6.14 -8.18 -4.40
CA SER A 61 4.81 -8.76 -4.21
C SER A 61 4.22 -8.30 -2.87
N PHE A 62 3.21 -7.44 -2.93
CA PHE A 62 2.56 -6.94 -1.73
C PHE A 62 1.10 -7.37 -1.68
N ARG A 63 0.52 -7.31 -0.49
CA ARG A 63 -0.88 -7.70 -0.29
C ARG A 63 -1.55 -6.82 0.77
N VAL A 64 -2.60 -6.11 0.36
CA VAL A 64 -3.32 -5.24 1.27
C VAL A 64 -4.79 -5.66 1.39
N LEU A 65 -5.33 -5.55 2.61
CA LEU A 65 -6.71 -5.91 2.85
C LEU A 65 -7.54 -4.68 3.20
N VAL A 66 -8.84 -4.74 2.91
CA VAL A 66 -9.74 -3.63 3.20
C VAL A 66 -11.15 -4.12 3.47
N VAL A 67 -11.66 -3.83 4.66
CA VAL A 67 -13.00 -4.25 5.05
C VAL A 67 -13.79 -3.07 5.61
N SER A 68 -14.90 -2.75 4.96
CA SER A 68 -15.76 -1.64 5.40
C SER A 68 -16.96 -1.50 4.49
N ALA A 69 -17.73 -0.43 4.70
CA ALA A 69 -18.92 -0.16 3.89
C ALA A 69 -18.63 0.85 2.78
N LYS A 70 -17.38 1.33 2.72
CA LYS A 70 -17.00 2.30 1.70
C LYS A 70 -17.21 1.73 0.29
N PHE A 71 -16.88 0.45 0.13
CA PHE A 71 -17.04 -0.21 -1.16
C PHE A 71 -18.51 -0.51 -1.45
N GLU A 72 -19.28 -0.74 -0.39
CA GLU A 72 -20.70 -1.03 -0.53
C GLU A 72 -21.43 0.12 -1.19
N GLY A 73 -20.94 1.34 -0.98
CA GLY A 73 -21.56 2.51 -1.57
C GLY A 73 -21.61 2.44 -3.08
N LYS A 74 -20.47 2.14 -3.70
CA LYS A 74 -20.40 2.04 -5.15
C LYS A 74 -20.35 0.59 -5.61
N PRO A 75 -20.62 0.33 -6.89
CA PRO A 75 -20.61 -1.02 -7.44
C PRO A 75 -19.31 -1.76 -7.15
N LEU A 76 -19.19 -2.97 -7.70
CA LEU A 76 -17.99 -3.78 -7.49
C LEU A 76 -16.85 -3.31 -8.38
N LEU A 77 -17.20 -2.84 -9.58
CA LEU A 77 -16.21 -2.36 -10.54
C LEU A 77 -15.67 -0.99 -10.13
N GLN A 78 -16.53 -0.20 -9.49
CA GLN A 78 -16.15 1.14 -9.04
C GLN A 78 -15.16 1.06 -7.88
N ARG A 79 -15.45 0.21 -6.91
CA ARG A 79 -14.59 0.04 -5.74
C ARG A 79 -13.20 -0.42 -6.17
N HIS A 80 -13.14 -1.29 -7.17
CA HIS A 80 -11.86 -1.80 -7.67
C HIS A 80 -11.05 -0.69 -8.34
N ARG A 81 -11.75 0.20 -9.02
CA ARG A 81 -11.09 1.31 -9.71
C ARG A 81 -10.55 2.33 -8.71
N LEU A 82 -11.26 2.48 -7.60
CA LEU A 82 -10.87 3.43 -6.56
C LEU A 82 -9.48 3.07 -6.01
N VAL A 83 -9.28 1.80 -5.72
CA VAL A 83 -8.00 1.33 -5.19
C VAL A 83 -6.88 1.55 -6.20
N ASN A 84 -7.16 1.26 -7.47
CA ASN A 84 -6.16 1.43 -8.52
C ASN A 84 -5.86 2.90 -8.75
N GLU A 85 -6.89 3.72 -8.72
CA GLU A 85 -6.74 5.16 -8.93
C GLU A 85 -5.82 5.76 -7.87
N CYS A 86 -5.85 5.20 -6.67
CA CYS A 86 -5.03 5.68 -5.57
C CYS A 86 -3.55 5.48 -5.88
N LEU A 87 -3.15 4.23 -6.08
CA LEU A 87 -1.77 3.90 -6.38
C LEU A 87 -1.61 3.49 -7.84
N ALA A 88 -2.24 4.25 -8.73
CA ALA A 88 -2.17 3.96 -10.16
C ALA A 88 -0.74 4.11 -10.69
N GLU A 89 -0.07 5.18 -10.26
CA GLU A 89 1.30 5.44 -10.70
C GLU A 89 2.27 4.52 -9.98
N GLU A 90 1.99 4.22 -8.71
CA GLU A 90 2.85 3.36 -7.92
C GLU A 90 2.67 1.89 -8.31
N LEU A 91 1.48 1.54 -8.77
CA LEU A 91 1.18 0.17 -9.17
C LEU A 91 2.25 -0.40 -10.09
N PRO A 92 2.50 0.26 -11.24
CA PRO A 92 3.51 -0.19 -12.21
C PRO A 92 4.83 -0.60 -11.53
N HIS A 93 5.15 0.04 -10.41
CA HIS A 93 6.36 -0.26 -9.69
C HIS A 93 6.24 -1.58 -8.92
N ILE A 94 5.02 -1.87 -8.48
CA ILE A 94 4.76 -3.11 -7.74
C ILE A 94 4.77 -4.32 -8.66
N HIS A 95 5.75 -5.20 -8.48
CA HIS A 95 5.85 -6.40 -9.30
C HIS A 95 4.63 -7.27 -9.15
N ALA A 96 4.04 -7.27 -7.94
CA ALA A 96 2.86 -8.05 -7.66
C ALA A 96 1.97 -7.36 -6.63
N PHE A 97 0.75 -7.03 -7.03
CA PHE A 97 -0.19 -6.36 -6.13
C PHE A 97 -1.48 -7.16 -6.00
N GLU A 98 -1.94 -7.33 -4.76
CA GLU A 98 -3.17 -8.07 -4.49
C GLU A 98 -3.97 -7.39 -3.39
N GLN A 99 -5.20 -6.99 -3.73
CA GLN A 99 -6.08 -6.33 -2.76
C GLN A 99 -7.43 -7.04 -2.69
N LYS A 100 -8.01 -7.06 -1.49
CA LYS A 100 -9.31 -7.69 -1.28
C LYS A 100 -10.30 -6.71 -0.67
N THR A 101 -11.50 -6.64 -1.26
CA THR A 101 -12.53 -5.73 -0.76
C THR A 101 -13.79 -6.51 -0.38
N LEU A 102 -14.25 -6.32 0.84
CA LEU A 102 -15.44 -6.99 1.33
C LEU A 102 -16.20 -6.13 2.34
N THR A 103 -17.38 -6.57 2.74
CA THR A 103 -18.19 -5.84 3.70
C THR A 103 -17.92 -6.33 5.13
N PRO A 104 -18.17 -5.48 6.13
CA PRO A 104 -17.94 -5.83 7.54
C PRO A 104 -18.68 -7.10 7.94
N GLU A 105 -19.97 -7.16 7.62
CA GLU A 105 -20.79 -8.32 7.96
C GLU A 105 -20.23 -9.58 7.30
N GLN A 106 -19.81 -9.46 6.05
CA GLN A 106 -19.25 -10.59 5.32
C GLN A 106 -18.02 -11.15 6.03
N TRP A 107 -17.10 -10.26 6.40
CA TRP A 107 -15.89 -10.66 7.10
C TRP A 107 -16.20 -11.19 8.49
N THR A 108 -17.06 -10.48 9.21
CA THR A 108 -17.44 -10.89 10.55
C THR A 108 -18.23 -12.20 10.53
N ARG A 109 -18.96 -12.42 9.46
CA ARG A 109 -19.76 -13.64 9.30
C ARG A 109 -18.90 -14.80 8.81
N GLN A 110 -17.83 -14.47 8.08
CA GLN A 110 -16.93 -15.48 7.56
C GLN A 110 -15.72 -15.67 8.48
N ARG A 111 -15.97 -15.65 9.78
CA ARG A 111 -14.90 -15.82 10.77
C ARG A 111 -15.02 -17.17 11.47
N ARG A 112 -15.48 -18.17 10.73
CA ARG A 112 -15.64 -19.52 11.27
C ARG A 112 -14.86 -20.54 10.45
N GLU A 113 -13.56 -20.62 10.69
CA GLU A 113 -12.70 -21.56 9.97
C GLU A 113 -13.09 -22.99 10.28
N MET A 1 52.79 30.27 25.01
CA MET A 1 52.61 28.82 25.28
C MET A 1 51.49 28.57 26.30
N LYS A 2 50.52 27.76 25.91
CA LYS A 2 49.39 27.45 26.78
C LYS A 2 48.62 28.71 27.16
N GLY A 3 47.71 29.12 26.28
CA GLY A 3 46.92 30.31 26.53
C GLY A 3 45.70 30.40 25.64
N SER A 4 45.85 31.07 24.50
CA SER A 4 44.76 31.22 23.54
C SER A 4 44.26 29.86 23.06
N SER A 5 43.04 29.53 23.44
CA SER A 5 42.44 28.26 23.04
C SER A 5 41.64 28.41 21.74
N HIS A 6 42.35 28.41 20.61
CA HIS A 6 41.72 28.55 19.31
C HIS A 6 41.76 27.22 18.55
N HIS A 7 42.83 26.46 18.75
CA HIS A 7 42.99 25.18 18.07
C HIS A 7 43.46 24.11 19.06
N HIS A 8 42.64 23.09 19.25
CA HIS A 8 42.97 22.00 20.16
C HIS A 8 43.33 20.73 19.39
N HIS A 9 44.38 20.05 19.83
CA HIS A 9 44.83 18.82 19.19
C HIS A 9 45.47 17.87 20.20
N HIS A 10 45.05 16.62 20.16
CA HIS A 10 45.58 15.61 21.08
C HIS A 10 45.67 14.25 20.39
N HIS A 11 44.60 13.86 19.73
CA HIS A 11 44.55 12.58 19.03
C HIS A 11 43.63 12.65 17.82
N SER A 12 43.79 11.70 16.91
CA SER A 12 42.97 11.65 15.70
C SER A 12 42.47 10.23 15.44
N SER A 13 41.14 10.08 15.42
CA SER A 13 40.54 8.77 15.19
C SER A 13 39.32 8.90 14.27
N GLY A 14 38.45 9.85 14.59
CA GLY A 14 37.26 10.06 13.78
C GLY A 14 37.00 11.52 13.50
N ALA A 15 36.39 11.81 12.35
CA ALA A 15 36.09 13.18 11.97
C ALA A 15 34.79 13.25 11.17
N SER A 16 34.77 12.57 10.02
CA SER A 16 33.60 12.56 9.16
C SER A 16 33.59 11.33 8.26
N LEU A 17 32.63 10.44 8.48
CA LEU A 17 32.52 9.22 7.68
C LEU A 17 31.14 9.12 7.03
N VAL A 18 31.12 8.71 5.76
CA VAL A 18 29.87 8.57 5.03
C VAL A 18 29.75 7.18 4.40
N PRO A 19 29.20 6.21 5.14
CA PRO A 19 29.03 4.84 4.66
C PRO A 19 28.33 4.79 3.30
N ARG A 20 28.33 3.61 2.69
CA ARG A 20 27.70 3.43 1.39
C ARG A 20 26.17 3.43 1.50
N GLY A 21 25.65 2.44 2.22
CA GLY A 21 24.21 2.35 2.40
C GLY A 21 23.66 3.47 3.27
N SER A 22 22.34 3.65 3.24
CA SER A 22 21.69 4.69 4.03
C SER A 22 20.28 4.27 4.43
N GLU A 23 19.78 4.86 5.50
CA GLU A 23 18.44 4.54 5.99
C GLU A 23 17.81 5.76 6.68
N GLY A 24 17.20 6.63 5.88
CA GLY A 24 16.57 7.81 6.44
C GLY A 24 15.67 8.51 5.43
N ALA A 25 15.07 7.73 4.53
CA ALA A 25 14.18 8.28 3.52
C ALA A 25 13.55 7.16 2.68
N ALA A 26 12.24 7.27 2.46
CA ALA A 26 11.51 6.28 1.68
C ALA A 26 10.47 6.93 0.79
N THR A 27 10.73 8.18 0.39
CA THR A 27 9.81 8.91 -0.47
C THR A 27 9.59 8.16 -1.78
N MET A 28 10.61 7.42 -2.21
CA MET A 28 10.52 6.66 -3.45
C MET A 28 10.48 5.16 -3.15
N GLU A 29 11.06 4.76 -2.02
CA GLU A 29 11.08 3.35 -1.62
C GLU A 29 9.72 2.90 -1.13
N LEU A 30 8.97 2.23 -2.00
CA LEU A 30 7.64 1.74 -1.66
C LEU A 30 7.61 1.11 -0.28
N SER A 31 6.45 1.18 0.39
CA SER A 31 6.29 0.62 1.72
C SER A 31 4.89 0.04 1.90
N ALA A 32 4.79 -1.04 2.66
CA ALA A 32 3.50 -1.68 2.91
C ALA A 32 2.59 -0.77 3.73
N ASP A 33 3.14 -0.19 4.79
CA ASP A 33 2.37 0.71 5.65
C ASP A 33 1.90 1.94 4.88
N TYR A 34 2.69 2.36 3.89
CA TYR A 34 2.35 3.52 3.09
C TYR A 34 1.03 3.29 2.34
N LEU A 35 0.89 2.12 1.74
CA LEU A 35 -0.32 1.78 1.00
C LEU A 35 -1.49 1.52 1.94
N ARG A 36 -1.16 0.98 3.12
CA ARG A 36 -2.19 0.68 4.12
C ARG A 36 -2.84 1.96 4.65
N GLU A 37 -2.03 2.82 5.24
CA GLU A 37 -2.52 4.08 5.79
C GLU A 37 -3.16 4.94 4.71
N LYS A 38 -2.63 4.83 3.49
CA LYS A 38 -3.14 5.60 2.36
C LYS A 38 -4.57 5.17 2.02
N LEU A 39 -4.73 3.89 1.68
CA LEU A 39 -6.04 3.36 1.33
C LEU A 39 -7.02 3.52 2.49
N ARG A 40 -6.50 3.47 3.72
CA ARG A 40 -7.34 3.61 4.90
C ARG A 40 -8.06 4.94 4.91
N GLN A 41 -7.29 6.02 4.88
CA GLN A 41 -7.87 7.35 4.90
C GLN A 41 -8.46 7.71 3.53
N ASP A 42 -7.77 7.30 2.47
CA ASP A 42 -8.24 7.58 1.11
C ASP A 42 -9.62 6.98 0.87
N LEU A 43 -9.71 5.66 1.01
CA LEU A 43 -10.97 4.96 0.81
C LEU A 43 -11.86 5.07 2.04
N GLU A 44 -11.27 5.42 3.18
CA GLU A 44 -12.01 5.56 4.43
C GLU A 44 -12.62 4.23 4.86
N ALA A 45 -11.78 3.36 5.40
CA ALA A 45 -12.23 2.05 5.86
C ALA A 45 -12.13 1.92 7.37
N GLU A 46 -12.62 0.82 7.90
CA GLU A 46 -12.61 0.57 9.34
C GLU A 46 -11.31 -0.12 9.76
N HIS A 47 -11.00 -1.23 9.08
CA HIS A 47 -9.79 -2.00 9.38
C HIS A 47 -9.07 -2.38 8.09
N VAL A 48 -7.82 -1.93 7.97
CA VAL A 48 -7.01 -2.22 6.79
C VAL A 48 -5.80 -3.06 7.16
N GLU A 49 -5.31 -3.84 6.20
CA GLU A 49 -4.15 -4.70 6.41
C GLU A 49 -3.28 -4.77 5.16
N VAL A 50 -1.96 -4.83 5.35
CA VAL A 50 -1.04 -4.90 4.24
C VAL A 50 -0.09 -6.09 4.39
N GLU A 51 0.49 -6.53 3.27
CA GLU A 51 1.41 -7.66 3.28
C GLU A 51 2.56 -7.42 2.31
N ASP A 52 3.59 -8.25 2.42
CA ASP A 52 4.76 -8.13 1.56
C ASP A 52 5.42 -9.49 1.34
N THR A 53 5.82 -9.76 0.11
CA THR A 53 6.46 -11.02 -0.23
C THR A 53 7.51 -10.83 -1.32
N THR A 54 8.70 -10.42 -0.92
CA THR A 54 9.78 -10.19 -1.88
C THR A 54 10.54 -11.49 -2.16
N LEU A 55 10.87 -11.71 -3.43
CA LEU A 55 11.59 -12.91 -3.83
C LEU A 55 12.78 -12.56 -4.71
N ASN A 56 13.37 -11.39 -4.49
CA ASN A 56 14.51 -10.93 -5.28
C ASN A 56 15.03 -9.59 -4.76
N ARG A 57 16.06 -9.08 -5.41
CA ARG A 57 16.65 -7.80 -5.02
C ARG A 57 16.25 -6.70 -5.98
N CYS A 58 15.04 -6.81 -6.54
CA CYS A 58 14.53 -5.82 -7.48
C CYS A 58 13.02 -5.69 -7.37
N ALA A 59 12.32 -6.82 -7.52
CA ALA A 59 10.87 -6.83 -7.43
C ALA A 59 10.40 -6.75 -5.98
N THR A 60 9.13 -6.40 -5.79
CA THR A 60 8.56 -6.29 -4.44
C THR A 60 7.05 -6.43 -4.48
N SER A 61 6.55 -7.59 -4.06
CA SER A 61 5.12 -7.85 -4.04
C SER A 61 4.50 -7.37 -2.74
N PHE A 62 3.22 -7.02 -2.80
CA PHE A 62 2.50 -6.54 -1.63
C PHE A 62 1.01 -6.89 -1.71
N ARG A 63 0.42 -7.19 -0.56
CA ARG A 63 -1.00 -7.54 -0.49
C ARG A 63 -1.77 -6.51 0.31
N VAL A 64 -2.76 -5.89 -0.33
CA VAL A 64 -3.57 -4.88 0.33
C VAL A 64 -4.93 -5.45 0.73
N LEU A 65 -5.35 -5.15 1.96
CA LEU A 65 -6.64 -5.64 2.47
C LEU A 65 -7.42 -4.50 3.13
N VAL A 66 -8.72 -4.47 2.89
CA VAL A 66 -9.58 -3.45 3.46
C VAL A 66 -10.95 -4.01 3.82
N VAL A 67 -11.49 -3.55 4.95
CA VAL A 67 -12.80 -4.01 5.40
C VAL A 67 -13.68 -2.83 5.83
N SER A 68 -14.82 -2.67 5.18
CA SER A 68 -15.73 -1.58 5.48
C SER A 68 -17.00 -1.68 4.65
N ALA A 69 -17.95 -0.80 4.92
CA ALA A 69 -19.21 -0.77 4.19
C ALA A 69 -19.14 0.14 2.97
N LYS A 70 -18.20 1.08 2.99
CA LYS A 70 -18.03 2.02 1.88
C LYS A 70 -17.86 1.27 0.56
N PHE A 71 -17.24 0.10 0.62
CA PHE A 71 -17.03 -0.71 -0.57
C PHE A 71 -18.32 -1.38 -1.02
N GLU A 72 -19.19 -1.68 -0.05
CA GLU A 72 -20.46 -2.33 -0.34
C GLU A 72 -21.33 -1.44 -1.22
N GLY A 73 -21.29 -0.13 -0.98
CA GLY A 73 -22.08 0.81 -1.75
C GLY A 73 -21.76 0.74 -3.23
N LYS A 74 -20.48 0.91 -3.57
CA LYS A 74 -20.06 0.87 -4.97
C LYS A 74 -19.97 -0.57 -5.47
N PRO A 75 -20.06 -0.77 -6.80
CA PRO A 75 -19.98 -2.10 -7.40
C PRO A 75 -18.62 -2.75 -7.22
N LEU A 76 -18.41 -3.88 -7.88
CA LEU A 76 -17.15 -4.60 -7.80
C LEU A 76 -16.08 -3.94 -8.66
N LEU A 77 -16.51 -3.33 -9.76
CA LEU A 77 -15.59 -2.66 -10.67
C LEU A 77 -15.11 -1.34 -10.08
N GLN A 78 -15.97 -0.70 -9.30
CA GLN A 78 -15.63 0.58 -8.68
C GLN A 78 -14.64 0.39 -7.53
N ARG A 79 -14.89 -0.62 -6.70
CA ARG A 79 -14.03 -0.91 -5.56
C ARG A 79 -12.61 -1.21 -6.02
N HIS A 80 -12.50 -1.95 -7.13
CA HIS A 80 -11.19 -2.30 -7.67
C HIS A 80 -10.55 -1.11 -8.37
N ARG A 81 -11.38 -0.25 -8.94
CA ARG A 81 -10.89 0.94 -9.64
C ARG A 81 -10.40 1.99 -8.65
N LEU A 82 -11.13 2.15 -7.55
CA LEU A 82 -10.77 3.12 -6.52
C LEU A 82 -9.42 2.77 -5.90
N VAL A 83 -9.23 1.49 -5.60
CA VAL A 83 -7.98 1.03 -5.00
C VAL A 83 -6.82 1.15 -5.98
N ASN A 84 -7.05 0.74 -7.21
CA ASN A 84 -6.04 0.80 -8.25
C ASN A 84 -5.67 2.24 -8.57
N GLU A 85 -6.69 3.08 -8.76
CA GLU A 85 -6.47 4.49 -9.08
C GLU A 85 -5.71 5.19 -7.96
N CYS A 86 -5.91 4.71 -6.73
CA CYS A 86 -5.23 5.29 -5.58
C CYS A 86 -3.72 5.19 -5.73
N LEU A 87 -3.22 3.98 -5.87
CA LEU A 87 -1.79 3.75 -6.02
C LEU A 87 -1.43 3.46 -7.48
N ALA A 88 -2.08 4.19 -8.39
CA ALA A 88 -1.84 4.01 -9.82
C ALA A 88 -0.39 4.32 -10.17
N GLU A 89 0.18 5.31 -9.50
CA GLU A 89 1.56 5.70 -9.75
C GLU A 89 2.54 4.70 -9.13
N GLU A 90 2.23 4.26 -7.92
CA GLU A 90 3.08 3.31 -7.21
C GLU A 90 2.92 1.89 -7.77
N LEU A 91 1.74 1.60 -8.30
CA LEU A 91 1.45 0.27 -8.86
C LEU A 91 2.58 -0.20 -9.78
N PRO A 92 2.88 0.57 -10.84
CA PRO A 92 3.94 0.22 -11.79
C PRO A 92 5.21 -0.25 -11.10
N HIS A 93 5.49 0.31 -9.93
CA HIS A 93 6.69 -0.06 -9.17
C HIS A 93 6.50 -1.41 -8.49
N ILE A 94 5.26 -1.73 -8.15
CA ILE A 94 4.95 -3.00 -7.49
C ILE A 94 5.00 -4.15 -8.49
N HIS A 95 5.83 -5.14 -8.20
CA HIS A 95 5.97 -6.31 -9.07
C HIS A 95 4.70 -7.15 -9.05
N ALA A 96 4.05 -7.20 -7.89
CA ALA A 96 2.82 -7.97 -7.74
C ALA A 96 1.91 -7.33 -6.70
N PHE A 97 0.73 -6.89 -7.14
CA PHE A 97 -0.24 -6.25 -6.25
C PHE A 97 -1.56 -7.01 -6.26
N GLU A 98 -2.07 -7.31 -5.07
CA GLU A 98 -3.34 -8.03 -4.94
C GLU A 98 -4.34 -7.20 -4.13
N GLN A 99 -5.47 -6.89 -4.77
CA GLN A 99 -6.51 -6.11 -4.10
C GLN A 99 -7.64 -7.01 -3.60
N LYS A 100 -7.92 -6.93 -2.30
CA LYS A 100 -8.97 -7.74 -1.70
C LYS A 100 -9.87 -6.88 -0.80
N THR A 101 -11.16 -6.91 -1.09
CA THR A 101 -12.14 -6.13 -0.32
C THR A 101 -13.25 -7.03 0.21
N LEU A 102 -13.73 -6.72 1.40
CA LEU A 102 -14.80 -7.50 2.02
C LEU A 102 -15.65 -6.62 2.94
N THR A 103 -16.84 -7.11 3.28
CA THR A 103 -17.74 -6.37 4.15
C THR A 103 -17.47 -6.69 5.63
N PRO A 104 -17.75 -5.73 6.53
CA PRO A 104 -17.54 -5.92 7.97
C PRO A 104 -18.22 -7.17 8.50
N GLU A 105 -19.47 -7.38 8.08
CA GLU A 105 -20.24 -8.54 8.51
C GLU A 105 -19.54 -9.83 8.11
N GLN A 106 -19.08 -9.90 6.86
CA GLN A 106 -18.39 -11.08 6.35
C GLN A 106 -17.13 -11.37 7.16
N TRP A 107 -16.31 -10.34 7.36
CA TRP A 107 -15.08 -10.49 8.12
C TRP A 107 -15.37 -10.91 9.56
N THR A 108 -16.26 -10.19 10.21
CA THR A 108 -16.63 -10.49 11.60
C THR A 108 -17.16 -11.92 11.72
N ARG A 109 -18.18 -12.23 10.93
CA ARG A 109 -18.77 -13.57 10.95
C ARG A 109 -17.74 -14.63 10.59
N GLN A 110 -16.79 -14.25 9.73
CA GLN A 110 -15.75 -15.18 9.31
C GLN A 110 -14.41 -14.46 9.15
N ARG A 111 -13.72 -14.26 10.28
CA ARG A 111 -12.43 -13.58 10.27
C ARG A 111 -11.28 -14.58 10.28
N ARG A 112 -11.47 -15.70 9.57
CA ARG A 112 -10.46 -16.74 9.50
C ARG A 112 -9.18 -16.21 8.86
N GLU A 113 -9.26 -15.84 7.59
CA GLU A 113 -8.12 -15.31 6.86
C GLU A 113 -7.63 -14.00 7.48
N MET A 1 -22.03 16.47 20.02
CA MET A 1 -22.03 17.94 20.21
C MET A 1 -23.21 18.39 21.07
N LYS A 2 -23.05 19.53 21.72
CA LYS A 2 -24.12 20.07 22.57
C LYS A 2 -24.68 21.36 21.99
N GLY A 3 -23.80 22.31 21.68
CA GLY A 3 -24.24 23.57 21.12
C GLY A 3 -25.18 24.32 22.04
N SER A 4 -24.98 24.16 23.34
CA SER A 4 -25.81 24.82 24.34
C SER A 4 -25.39 26.27 24.51
N SER A 5 -26.36 27.14 24.79
CA SER A 5 -26.08 28.56 24.98
C SER A 5 -25.47 29.17 23.72
N HIS A 6 -26.31 29.56 22.78
CA HIS A 6 -25.85 30.15 21.53
C HIS A 6 -24.96 29.19 20.77
N HIS A 7 -24.82 29.42 19.46
CA HIS A 7 -23.99 28.57 18.62
C HIS A 7 -23.15 29.40 17.67
N HIS A 8 -22.02 29.90 18.16
CA HIS A 8 -21.12 30.71 17.35
C HIS A 8 -19.78 30.92 18.05
N HIS A 9 -19.34 29.91 18.80
CA HIS A 9 -18.08 29.98 19.52
C HIS A 9 -17.06 29.02 18.94
N HIS A 10 -15.91 29.55 18.54
CA HIS A 10 -14.86 28.73 17.96
C HIS A 10 -13.48 29.27 18.35
N HIS A 11 -12.44 28.55 17.94
CA HIS A 11 -11.07 28.96 18.25
C HIS A 11 -10.23 29.05 16.97
N SER A 12 -9.62 30.21 16.75
CA SER A 12 -8.79 30.43 15.57
C SER A 12 -7.47 31.09 15.95
N SER A 13 -6.73 31.53 14.94
CA SER A 13 -5.44 32.19 15.16
C SER A 13 -5.03 33.01 13.95
N GLY A 14 -4.63 32.32 12.89
CA GLY A 14 -4.21 33.00 11.68
C GLY A 14 -3.27 32.18 10.84
N ALA A 15 -2.47 32.85 10.00
CA ALA A 15 -1.51 32.16 9.14
C ALA A 15 -2.22 31.21 8.18
N SER A 16 -1.56 30.92 7.07
CA SER A 16 -2.13 30.01 6.06
C SER A 16 -1.34 28.71 6.00
N LEU A 17 -0.80 28.30 7.13
CA LEU A 17 -0.01 27.06 7.21
C LEU A 17 -0.57 26.13 8.28
N VAL A 18 0.10 25.00 8.47
CA VAL A 18 -0.33 24.03 9.47
C VAL A 18 0.88 23.29 10.07
N PRO A 19 1.00 23.27 11.41
CA PRO A 19 2.11 22.60 12.08
C PRO A 19 2.03 21.07 11.98
N ARG A 20 0.80 20.56 11.86
CA ARG A 20 0.59 19.12 11.75
C ARG A 20 1.31 18.56 10.52
N GLY A 21 2.26 17.66 10.77
CA GLY A 21 3.01 17.07 9.67
C GLY A 21 4.30 16.44 10.14
N SER A 22 4.30 15.12 10.34
CA SER A 22 5.48 14.41 10.78
C SER A 22 6.61 14.53 9.77
N GLU A 23 7.67 13.76 9.97
CA GLU A 23 8.82 13.78 9.07
C GLU A 23 9.13 12.39 8.54
N GLY A 24 9.89 12.33 7.45
CA GLY A 24 10.25 11.06 6.86
C GLY A 24 9.04 10.32 6.33
N ALA A 25 8.74 9.17 6.94
CA ALA A 25 7.60 8.36 6.54
C ALA A 25 7.80 7.79 5.13
N ALA A 26 7.66 8.64 4.12
CA ALA A 26 7.84 8.22 2.74
C ALA A 26 9.23 8.54 2.23
N THR A 27 10.20 8.53 3.14
CA THR A 27 11.58 8.80 2.78
C THR A 27 12.08 7.84 1.70
N MET A 28 11.53 6.63 1.71
CA MET A 28 11.90 5.61 0.74
C MET A 28 10.76 5.35 -0.24
N GLU A 29 9.54 5.64 0.19
CA GLU A 29 8.37 5.43 -0.65
C GLU A 29 8.21 3.96 -1.01
N LEU A 30 7.00 3.58 -1.42
CA LEU A 30 6.72 2.20 -1.79
C LEU A 30 6.98 1.25 -0.63
N SER A 31 6.06 1.22 0.32
CA SER A 31 6.19 0.36 1.49
C SER A 31 4.86 -0.31 1.83
N ALA A 32 4.86 -1.12 2.88
CA ALA A 32 3.67 -1.82 3.32
C ALA A 32 2.68 -0.87 4.00
N ASP A 33 3.17 -0.16 5.01
CA ASP A 33 2.34 0.79 5.74
C ASP A 33 1.89 1.94 4.85
N TYR A 34 2.73 2.29 3.88
CA TYR A 34 2.42 3.37 2.95
C TYR A 34 1.13 3.06 2.17
N LEU A 35 1.15 1.96 1.44
CA LEU A 35 -0.01 1.56 0.64
C LEU A 35 -1.22 1.30 1.54
N ARG A 36 -0.95 0.85 2.77
CA ARG A 36 -2.03 0.57 3.72
C ARG A 36 -2.70 1.85 4.19
N GLU A 37 -1.92 2.74 4.79
CA GLU A 37 -2.44 4.01 5.28
C GLU A 37 -3.03 4.84 4.15
N LYS A 38 -2.40 4.77 2.99
CA LYS A 38 -2.86 5.50 1.81
C LYS A 38 -4.28 5.09 1.43
N LEU A 39 -4.54 3.78 1.48
CA LEU A 39 -5.85 3.26 1.14
C LEU A 39 -6.86 3.52 2.25
N ARG A 40 -6.48 3.19 3.47
CA ARG A 40 -7.34 3.39 4.64
C ARG A 40 -7.72 4.85 4.78
N GLN A 41 -6.78 5.74 4.50
CA GLN A 41 -7.03 7.17 4.60
C GLN A 41 -7.89 7.66 3.44
N ASP A 42 -7.53 7.25 2.23
CA ASP A 42 -8.26 7.64 1.03
C ASP A 42 -9.65 7.01 1.00
N LEU A 43 -9.68 5.68 1.00
CA LEU A 43 -10.95 4.94 0.97
C LEU A 43 -11.74 5.17 2.24
N GLU A 44 -11.05 5.51 3.33
CA GLU A 44 -11.69 5.75 4.61
C GLU A 44 -12.40 4.49 5.10
N ALA A 45 -11.70 3.36 5.03
CA ALA A 45 -12.26 2.09 5.47
C ALA A 45 -12.19 1.95 6.99
N GLU A 46 -12.60 0.79 7.49
CA GLU A 46 -12.58 0.53 8.92
C GLU A 46 -11.32 -0.23 9.32
N HIS A 47 -11.09 -1.36 8.66
CA HIS A 47 -9.92 -2.18 8.95
C HIS A 47 -9.07 -2.37 7.70
N VAL A 48 -7.75 -2.46 7.89
CA VAL A 48 -6.83 -2.64 6.79
C VAL A 48 -5.68 -3.56 7.17
N GLU A 49 -5.08 -4.21 6.17
CA GLU A 49 -3.97 -5.12 6.40
C GLU A 49 -3.03 -5.15 5.20
N VAL A 50 -1.74 -4.99 5.46
CA VAL A 50 -0.73 -5.00 4.41
C VAL A 50 0.38 -5.99 4.71
N GLU A 51 0.98 -6.55 3.66
CA GLU A 51 2.06 -7.51 3.82
C GLU A 51 3.02 -7.45 2.65
N ASP A 52 4.10 -8.21 2.73
CA ASP A 52 5.11 -8.24 1.68
C ASP A 52 5.79 -9.60 1.62
N THR A 53 6.14 -10.02 0.40
CA THR A 53 6.80 -11.32 0.22
C THR A 53 8.01 -11.17 -0.71
N THR A 54 8.72 -10.06 -0.58
CA THR A 54 9.90 -9.81 -1.40
C THR A 54 11.18 -9.99 -0.59
N LEU A 55 11.51 -8.99 0.22
CA LEU A 55 12.69 -9.03 1.06
C LEU A 55 13.95 -9.21 0.20
N ASN A 56 13.91 -8.67 -1.01
CA ASN A 56 15.04 -8.79 -1.93
C ASN A 56 15.29 -7.45 -2.64
N ARG A 57 16.39 -7.38 -3.37
CA ARG A 57 16.76 -6.17 -4.10
C ARG A 57 16.45 -6.31 -5.58
N CYS A 58 15.41 -7.08 -5.90
CA CYS A 58 15.01 -7.29 -7.28
C CYS A 58 13.57 -7.79 -7.36
N ALA A 59 12.75 -7.36 -6.41
CA ALA A 59 11.35 -7.76 -6.37
C ALA A 59 10.49 -6.69 -5.71
N THR A 60 9.21 -6.67 -6.04
CA THR A 60 8.28 -5.70 -5.48
C THR A 60 6.83 -6.19 -5.59
N SER A 61 6.31 -6.72 -4.49
CA SER A 61 4.95 -7.23 -4.47
C SER A 61 4.37 -7.17 -3.07
N PHE A 62 3.17 -6.62 -2.94
CA PHE A 62 2.50 -6.49 -1.65
C PHE A 62 1.01 -6.81 -1.76
N ARG A 63 0.39 -7.08 -0.62
CA ARG A 63 -1.04 -7.40 -0.59
C ARG A 63 -1.78 -6.49 0.39
N VAL A 64 -2.74 -5.74 -0.12
CA VAL A 64 -3.51 -4.82 0.71
C VAL A 64 -4.92 -5.36 0.96
N LEU A 65 -5.46 -5.06 2.14
CA LEU A 65 -6.80 -5.52 2.51
C LEU A 65 -7.63 -4.35 3.03
N VAL A 66 -8.90 -4.32 2.63
CA VAL A 66 -9.80 -3.26 3.08
C VAL A 66 -11.19 -3.81 3.40
N VAL A 67 -11.83 -3.22 4.39
CA VAL A 67 -13.17 -3.64 4.80
C VAL A 67 -13.96 -2.48 5.38
N SER A 68 -15.10 -2.17 4.75
CA SER A 68 -15.94 -1.07 5.20
C SER A 68 -17.21 -0.98 4.34
N ALA A 69 -18.16 -0.17 4.80
CA ALA A 69 -19.42 0.01 4.08
C ALA A 69 -19.25 0.98 2.92
N LYS A 70 -18.19 1.78 2.95
CA LYS A 70 -17.93 2.75 1.90
C LYS A 70 -17.88 2.06 0.53
N PHE A 71 -17.39 0.83 0.51
CA PHE A 71 -17.29 0.07 -0.73
C PHE A 71 -18.66 -0.43 -1.17
N GLU A 72 -19.54 -0.68 -0.21
CA GLU A 72 -20.88 -1.15 -0.51
C GLU A 72 -21.63 -0.17 -1.42
N GLY A 73 -21.36 1.11 -1.22
CA GLY A 73 -22.02 2.14 -2.01
C GLY A 73 -21.74 1.98 -3.49
N LYS A 74 -20.56 1.44 -3.82
CA LYS A 74 -20.17 1.24 -5.21
C LYS A 74 -20.13 -0.25 -5.55
N PRO A 75 -20.32 -0.60 -6.84
CA PRO A 75 -20.30 -1.99 -7.29
C PRO A 75 -18.93 -2.64 -7.11
N LEU A 76 -18.86 -3.94 -7.39
CA LEU A 76 -17.61 -4.68 -7.25
C LEU A 76 -16.53 -4.10 -8.17
N LEU A 77 -16.90 -3.83 -9.42
CA LEU A 77 -15.96 -3.28 -10.39
C LEU A 77 -15.42 -1.93 -9.92
N GLN A 78 -16.25 -1.18 -9.19
CA GLN A 78 -15.85 0.12 -8.68
C GLN A 78 -14.90 -0.02 -7.50
N ARG A 79 -15.10 -1.09 -6.72
CA ARG A 79 -14.26 -1.35 -5.55
C ARG A 79 -12.80 -1.49 -5.95
N HIS A 80 -12.51 -2.46 -6.81
CA HIS A 80 -11.15 -2.71 -7.27
C HIS A 80 -10.59 -1.47 -7.99
N ARG A 81 -11.47 -0.73 -8.64
CA ARG A 81 -11.07 0.47 -9.37
C ARG A 81 -10.61 1.56 -8.40
N LEU A 82 -11.27 1.64 -7.25
CA LEU A 82 -10.93 2.64 -6.23
C LEU A 82 -9.53 2.40 -5.68
N VAL A 83 -9.25 1.16 -5.29
CA VAL A 83 -7.95 0.80 -4.75
C VAL A 83 -6.84 1.08 -5.76
N ASN A 84 -7.09 0.74 -7.02
CA ASN A 84 -6.11 0.95 -8.08
C ASN A 84 -5.84 2.45 -8.27
N GLU A 85 -6.90 3.24 -8.28
CA GLU A 85 -6.78 4.69 -8.46
C GLU A 85 -5.94 5.30 -7.34
N CYS A 86 -6.07 4.74 -6.14
CA CYS A 86 -5.33 5.23 -4.99
C CYS A 86 -3.82 5.14 -5.23
N LEU A 87 -3.34 3.94 -5.45
CA LEU A 87 -1.91 3.72 -5.70
C LEU A 87 -1.64 3.55 -7.20
N ALA A 88 -2.37 4.31 -8.01
CA ALA A 88 -2.21 4.25 -9.47
C ALA A 88 -0.80 4.68 -9.87
N GLU A 89 -0.23 5.60 -9.11
CA GLU A 89 1.11 6.09 -9.40
C GLU A 89 2.18 5.07 -9.02
N GLU A 90 2.07 4.54 -7.81
CA GLU A 90 3.04 3.55 -7.32
C GLU A 90 2.81 2.19 -7.95
N LEU A 91 1.55 1.89 -8.29
CA LEU A 91 1.20 0.61 -8.89
C LEU A 91 2.19 0.20 -9.99
N PRO A 92 2.36 1.04 -11.03
CA PRO A 92 3.27 0.76 -12.13
C PRO A 92 4.63 0.24 -11.66
N HIS A 93 5.07 0.74 -10.51
CA HIS A 93 6.35 0.34 -9.93
C HIS A 93 6.25 -1.05 -9.33
N ILE A 94 5.07 -1.39 -8.83
CA ILE A 94 4.84 -2.69 -8.21
C ILE A 94 4.74 -3.79 -9.27
N HIS A 95 5.51 -4.85 -9.08
CA HIS A 95 5.50 -5.98 -10.01
C HIS A 95 4.23 -6.81 -9.85
N ALA A 96 3.74 -6.89 -8.62
CA ALA A 96 2.53 -7.65 -8.32
C ALA A 96 1.80 -7.08 -7.11
N PHE A 97 0.59 -6.59 -7.33
CA PHE A 97 -0.21 -6.02 -6.26
C PHE A 97 -1.55 -6.72 -6.14
N GLU A 98 -1.84 -7.25 -4.96
CA GLU A 98 -3.09 -7.95 -4.71
C GLU A 98 -3.95 -7.20 -3.69
N GLN A 99 -5.16 -6.82 -4.09
CA GLN A 99 -6.07 -6.10 -3.23
C GLN A 99 -7.43 -6.79 -3.16
N LYS A 100 -8.04 -6.78 -1.98
CA LYS A 100 -9.34 -7.39 -1.79
C LYS A 100 -10.24 -6.51 -0.94
N THR A 101 -11.45 -6.25 -1.44
CA THR A 101 -12.41 -5.42 -0.73
C THR A 101 -13.66 -6.21 -0.38
N LEU A 102 -14.15 -6.03 0.85
CA LEU A 102 -15.35 -6.73 1.30
C LEU A 102 -16.16 -5.85 2.26
N THR A 103 -17.30 -6.38 2.71
CA THR A 103 -18.16 -5.64 3.63
C THR A 103 -17.82 -5.99 5.08
N PRO A 104 -18.15 -5.08 6.01
CA PRO A 104 -17.88 -5.29 7.44
C PRO A 104 -18.71 -6.42 8.02
N GLU A 105 -19.95 -6.55 7.55
CA GLU A 105 -20.85 -7.59 8.03
C GLU A 105 -20.39 -8.96 7.55
N GLN A 106 -19.80 -8.99 6.36
CA GLN A 106 -19.31 -10.25 5.79
C GLN A 106 -18.02 -10.70 6.47
N TRP A 107 -17.09 -9.76 6.61
CA TRP A 107 -15.80 -10.07 7.25
C TRP A 107 -16.01 -10.55 8.68
N THR A 108 -17.06 -10.05 9.32
CA THR A 108 -17.36 -10.43 10.69
C THR A 108 -17.60 -11.93 10.81
N ARG A 109 -18.05 -12.54 9.73
CA ARG A 109 -18.32 -13.98 9.70
C ARG A 109 -17.14 -14.74 9.11
N GLN A 110 -15.95 -14.16 9.21
CA GLN A 110 -14.74 -14.80 8.69
C GLN A 110 -13.51 -14.36 9.48
N ARG A 111 -13.71 -14.00 10.74
CA ARG A 111 -12.63 -13.57 11.61
C ARG A 111 -12.78 -14.13 13.02
N ARG A 112 -13.34 -15.33 13.12
CA ARG A 112 -13.54 -15.98 14.40
C ARG A 112 -12.23 -16.52 14.95
N GLU A 113 -11.34 -16.95 14.06
CA GLU A 113 -10.05 -17.49 14.46
C GLU A 113 -10.23 -18.74 15.32
N MET A 1 9.45 24.67 -3.48
CA MET A 1 10.84 24.63 -4.00
C MET A 1 11.81 24.07 -2.97
N LYS A 2 12.89 23.47 -3.43
CA LYS A 2 13.90 22.90 -2.55
C LYS A 2 15.27 22.90 -3.21
N GLY A 3 15.43 22.08 -4.25
CA GLY A 3 16.69 22.01 -4.94
C GLY A 3 17.58 20.89 -4.43
N SER A 4 16.96 19.76 -4.10
CA SER A 4 17.70 18.61 -3.58
C SER A 4 17.87 17.54 -4.66
N SER A 5 16.75 17.02 -5.15
CA SER A 5 16.76 16.00 -6.18
C SER A 5 17.44 16.51 -7.44
N HIS A 6 18.16 15.61 -8.13
CA HIS A 6 18.85 15.97 -9.36
C HIS A 6 18.45 15.05 -10.50
N HIS A 7 18.40 13.75 -10.23
CA HIS A 7 18.03 12.76 -11.23
C HIS A 7 19.11 12.64 -12.30
N HIS A 8 19.28 13.69 -13.09
CA HIS A 8 20.27 13.70 -14.15
C HIS A 8 19.99 12.61 -15.18
N HIS A 9 20.52 12.78 -16.38
CA HIS A 9 20.32 11.80 -17.44
C HIS A 9 21.54 10.88 -17.57
N HIS A 10 22.23 10.67 -16.45
CA HIS A 10 23.41 9.81 -16.44
C HIS A 10 23.99 9.72 -15.02
N HIS A 11 25.18 9.14 -14.92
CA HIS A 11 25.85 8.99 -13.63
C HIS A 11 27.35 9.20 -13.78
N SER A 12 28.10 8.88 -12.72
CA SER A 12 29.54 9.03 -12.73
C SER A 12 30.23 7.74 -12.30
N SER A 13 30.18 7.45 -11.00
CA SER A 13 30.79 6.25 -10.46
C SER A 13 29.79 5.43 -9.64
N GLY A 14 29.03 6.13 -8.81
CA GLY A 14 28.04 5.46 -7.98
C GLY A 14 28.45 5.40 -6.52
N ALA A 15 27.47 5.19 -5.65
CA ALA A 15 27.73 5.10 -4.21
C ALA A 15 27.11 3.84 -3.61
N SER A 16 27.96 2.98 -3.07
CA SER A 16 27.50 1.73 -2.46
C SER A 16 27.75 1.75 -0.95
N LEU A 17 28.91 2.25 -0.54
CA LEU A 17 29.27 2.31 0.87
C LEU A 17 28.91 3.68 1.45
N VAL A 18 27.70 3.80 1.98
CA VAL A 18 27.24 5.05 2.57
C VAL A 18 26.91 4.86 4.04
N PRO A 19 27.08 5.93 4.85
CA PRO A 19 26.80 5.89 6.29
C PRO A 19 25.39 5.36 6.59
N ARG A 20 25.03 5.38 7.87
CA ARG A 20 23.71 4.90 8.28
C ARG A 20 22.97 5.98 9.07
N GLY A 21 23.42 6.24 10.28
CA GLY A 21 22.79 7.24 11.12
C GLY A 21 21.33 6.95 11.39
N SER A 22 20.49 7.96 11.27
CA SER A 22 19.05 7.80 11.50
C SER A 22 18.24 8.43 10.37
N GLU A 23 18.13 7.70 9.26
CA GLU A 23 17.38 8.18 8.11
C GLU A 23 16.59 7.06 7.46
N GLY A 24 15.37 7.37 7.02
CA GLY A 24 14.54 6.37 6.38
C GLY A 24 13.30 6.97 5.74
N ALA A 25 13.52 7.84 4.76
CA ALA A 25 12.41 8.49 4.07
C ALA A 25 11.97 7.67 2.85
N ALA A 26 10.79 7.08 2.94
CA ALA A 26 10.25 6.28 1.85
C ALA A 26 9.28 7.09 0.99
N THR A 27 9.48 8.40 0.95
CA THR A 27 8.62 9.27 0.15
C THR A 27 8.63 8.86 -1.31
N MET A 28 9.76 8.30 -1.75
CA MET A 28 9.90 7.86 -3.13
C MET A 28 9.96 6.33 -3.21
N GLU A 29 10.42 5.71 -2.14
CA GLU A 29 10.52 4.25 -2.09
C GLU A 29 9.22 3.64 -1.58
N LEU A 30 8.60 2.79 -2.41
CA LEU A 30 7.36 2.13 -2.05
C LEU A 30 7.39 1.60 -0.62
N SER A 31 6.21 1.38 -0.06
CA SER A 31 6.09 0.87 1.31
C SER A 31 4.71 0.29 1.56
N ALA A 32 4.67 -0.87 2.22
CA ALA A 32 3.40 -1.53 2.52
C ALA A 32 2.52 -0.65 3.40
N ASP A 33 3.11 -0.10 4.46
CA ASP A 33 2.39 0.76 5.39
C ASP A 33 1.81 1.98 4.66
N TYR A 34 2.52 2.43 3.63
CA TYR A 34 2.09 3.59 2.86
C TYR A 34 0.83 3.28 2.07
N LEU A 35 0.82 2.13 1.38
CA LEU A 35 -0.33 1.72 0.59
C LEU A 35 -1.51 1.39 1.48
N ARG A 36 -1.23 0.80 2.64
CA ARG A 36 -2.28 0.43 3.59
C ARG A 36 -2.89 1.66 4.24
N GLU A 37 -2.04 2.56 4.70
CA GLU A 37 -2.49 3.80 5.33
C GLU A 37 -3.26 4.67 4.35
N LYS A 38 -2.81 4.67 3.10
CA LYS A 38 -3.45 5.48 2.05
C LYS A 38 -4.91 5.07 1.88
N LEU A 39 -5.14 3.80 1.54
CA LEU A 39 -6.50 3.30 1.34
C LEU A 39 -7.31 3.41 2.63
N ARG A 40 -6.63 3.29 3.77
CA ARG A 40 -7.29 3.38 5.06
C ARG A 40 -7.99 4.72 5.23
N GLN A 41 -7.22 5.78 5.18
CA GLN A 41 -7.77 7.12 5.34
C GLN A 41 -8.51 7.55 4.08
N ASP A 42 -8.00 7.15 2.92
CA ASP A 42 -8.63 7.51 1.65
C ASP A 42 -10.07 7.02 1.59
N LEU A 43 -10.27 5.74 1.86
CA LEU A 43 -11.60 5.14 1.83
C LEU A 43 -12.24 5.17 3.22
N GLU A 44 -11.43 5.39 4.25
CA GLU A 44 -11.92 5.44 5.62
C GLU A 44 -12.51 4.08 6.02
N ALA A 45 -11.69 3.04 5.98
CA ALA A 45 -12.13 1.70 6.34
C ALA A 45 -12.03 1.47 7.84
N GLU A 46 -12.57 0.35 8.31
CA GLU A 46 -12.55 0.02 9.72
C GLU A 46 -11.27 -0.73 10.08
N HIS A 47 -11.01 -1.82 9.36
CA HIS A 47 -9.81 -2.62 9.60
C HIS A 47 -9.06 -2.87 8.29
N VAL A 48 -7.74 -2.76 8.35
CA VAL A 48 -6.90 -2.98 7.16
C VAL A 48 -5.62 -3.71 7.53
N GLU A 49 -5.13 -4.53 6.61
CA GLU A 49 -3.91 -5.29 6.84
C GLU A 49 -3.10 -5.42 5.55
N VAL A 50 -1.80 -5.15 5.64
CA VAL A 50 -0.92 -5.24 4.49
C VAL A 50 0.26 -6.16 4.77
N GLU A 51 0.84 -6.71 3.70
CA GLU A 51 1.97 -7.61 3.83
C GLU A 51 2.92 -7.48 2.64
N ASP A 52 4.11 -8.06 2.77
CA ASP A 52 5.10 -7.99 1.70
C ASP A 52 5.99 -9.24 1.73
N THR A 53 6.28 -9.77 0.54
CA THR A 53 7.11 -10.95 0.42
C THR A 53 8.57 -10.57 0.19
N THR A 54 9.17 -9.91 1.18
CA THR A 54 10.57 -9.48 1.07
C THR A 54 11.11 -9.11 2.45
N LEU A 55 12.44 -9.05 2.56
CA LEU A 55 13.09 -8.71 3.81
C LEU A 55 14.33 -7.85 3.57
N ASN A 56 15.16 -8.27 2.61
CA ASN A 56 16.38 -7.53 2.28
C ASN A 56 16.50 -7.36 0.77
N ARG A 57 15.40 -6.98 0.13
CA ARG A 57 15.39 -6.77 -1.31
C ARG A 57 14.62 -5.52 -1.67
N CYS A 58 14.33 -5.35 -2.96
CA CYS A 58 13.59 -4.18 -3.44
C CYS A 58 12.10 -4.51 -3.59
N ALA A 59 11.57 -5.28 -2.65
CA ALA A 59 10.16 -5.66 -2.68
C ALA A 59 9.83 -6.43 -3.95
N THR A 60 8.72 -7.16 -3.93
CA THR A 60 8.29 -7.95 -5.08
C THR A 60 6.78 -7.92 -5.21
N SER A 61 6.09 -8.55 -4.26
CA SER A 61 4.63 -8.60 -4.27
C SER A 61 4.05 -7.98 -3.01
N PHE A 62 2.87 -7.39 -3.13
CA PHE A 62 2.20 -6.76 -1.99
C PHE A 62 0.73 -7.14 -1.95
N ARG A 63 0.14 -7.07 -0.76
CA ARG A 63 -1.27 -7.41 -0.58
C ARG A 63 -1.94 -6.42 0.37
N VAL A 64 -3.02 -5.79 -0.11
CA VAL A 64 -3.76 -4.82 0.69
C VAL A 64 -5.13 -5.35 1.09
N LEU A 65 -5.45 -5.23 2.37
CA LEU A 65 -6.74 -5.70 2.88
C LEU A 65 -7.56 -4.54 3.43
N VAL A 66 -8.84 -4.51 3.10
CA VAL A 66 -9.73 -3.45 3.57
C VAL A 66 -11.12 -3.99 3.84
N VAL A 67 -11.76 -3.46 4.89
CA VAL A 67 -13.10 -3.88 5.25
C VAL A 67 -13.90 -2.73 5.86
N SER A 68 -15.01 -2.39 5.24
CA SER A 68 -15.86 -1.29 5.72
C SER A 68 -17.11 -1.15 4.85
N ALA A 69 -17.85 -0.07 5.07
CA ALA A 69 -19.07 0.19 4.32
C ALA A 69 -18.81 1.12 3.14
N LYS A 70 -17.68 1.83 3.18
CA LYS A 70 -17.32 2.76 2.12
C LYS A 70 -17.38 2.07 0.75
N PHE A 71 -17.08 0.78 0.73
CA PHE A 71 -17.10 0.01 -0.51
C PHE A 71 -18.54 -0.28 -0.95
N GLU A 72 -19.43 -0.41 0.02
CA GLU A 72 -20.83 -0.69 -0.26
C GLU A 72 -21.45 0.44 -1.08
N GLY A 73 -20.97 1.66 -0.86
CA GLY A 73 -21.48 2.81 -1.57
C GLY A 73 -21.27 2.70 -3.07
N LYS A 74 -20.08 2.23 -3.46
CA LYS A 74 -19.75 2.09 -4.87
C LYS A 74 -19.84 0.62 -5.30
N PRO A 75 -20.09 0.37 -6.60
CA PRO A 75 -20.20 -0.98 -7.14
C PRO A 75 -18.98 -1.84 -6.80
N LEU A 76 -19.10 -3.14 -7.01
CA LEU A 76 -18.00 -4.06 -6.74
C LEU A 76 -16.80 -3.78 -7.65
N LEU A 77 -17.09 -3.54 -8.92
CA LEU A 77 -16.03 -3.25 -9.89
C LEU A 77 -15.35 -1.92 -9.57
N GLN A 78 -16.12 -0.97 -9.04
CA GLN A 78 -15.58 0.34 -8.69
C GLN A 78 -14.56 0.23 -7.57
N ARG A 79 -14.74 -0.77 -6.71
CA ARG A 79 -13.83 -0.98 -5.59
C ARG A 79 -12.40 -1.21 -6.08
N HIS A 80 -12.23 -2.22 -6.94
CA HIS A 80 -10.92 -2.54 -7.49
C HIS A 80 -10.34 -1.35 -8.27
N ARG A 81 -11.22 -0.60 -8.92
CA ARG A 81 -10.80 0.56 -9.70
C ARG A 81 -10.33 1.69 -8.78
N LEU A 82 -10.91 1.77 -7.59
CA LEU A 82 -10.56 2.80 -6.63
C LEU A 82 -9.12 2.60 -6.14
N VAL A 83 -8.81 1.38 -5.72
CA VAL A 83 -7.46 1.06 -5.23
C VAL A 83 -6.41 1.33 -6.30
N ASN A 84 -6.76 1.07 -7.55
CA ASN A 84 -5.84 1.27 -8.66
C ASN A 84 -5.59 2.76 -8.89
N GLU A 85 -6.64 3.56 -8.75
CA GLU A 85 -6.54 5.00 -8.93
C GLU A 85 -5.60 5.62 -7.90
N CYS A 86 -5.72 5.18 -6.65
CA CYS A 86 -4.88 5.69 -5.57
C CYS A 86 -3.41 5.42 -5.86
N LEU A 87 -3.08 4.16 -6.07
CA LEU A 87 -1.70 3.78 -6.35
C LEU A 87 -1.49 3.58 -7.85
N ALA A 88 -2.07 4.47 -8.64
CA ALA A 88 -1.95 4.39 -10.09
C ALA A 88 -0.50 4.57 -10.53
N GLU A 89 0.17 5.58 -9.97
CA GLU A 89 1.56 5.85 -10.31
C GLU A 89 2.49 4.83 -9.65
N GLU A 90 2.15 4.43 -8.43
CA GLU A 90 2.96 3.47 -7.68
C GLU A 90 2.77 2.05 -8.22
N LEU A 91 1.59 1.78 -8.76
CA LEU A 91 1.28 0.45 -9.30
C LEU A 91 2.38 -0.06 -10.23
N PRO A 92 2.69 0.70 -11.30
CA PRO A 92 3.73 0.32 -12.25
C PRO A 92 5.01 -0.19 -11.58
N HIS A 93 5.31 0.37 -10.41
CA HIS A 93 6.50 -0.02 -9.67
C HIS A 93 6.29 -1.38 -8.99
N ILE A 94 5.06 -1.67 -8.63
CA ILE A 94 4.72 -2.93 -7.98
C ILE A 94 4.71 -4.08 -8.98
N HIS A 95 5.54 -5.09 -8.71
CA HIS A 95 5.62 -6.25 -9.59
C HIS A 95 4.39 -7.15 -9.42
N ALA A 96 3.85 -7.18 -8.20
CA ALA A 96 2.68 -7.98 -7.90
C ALA A 96 1.84 -7.33 -6.80
N PHE A 97 0.59 -7.02 -7.13
CA PHE A 97 -0.31 -6.40 -6.17
C PHE A 97 -1.66 -7.13 -6.13
N GLU A 98 -2.25 -7.19 -4.93
CA GLU A 98 -3.53 -7.86 -4.76
C GLU A 98 -4.49 -6.97 -3.97
N GLN A 99 -5.62 -6.63 -4.60
CA GLN A 99 -6.62 -5.80 -3.96
C GLN A 99 -7.77 -6.63 -3.41
N LYS A 100 -8.07 -6.45 -2.12
CA LYS A 100 -9.14 -7.19 -1.48
C LYS A 100 -10.11 -6.23 -0.76
N THR A 101 -11.37 -6.27 -1.17
CA THR A 101 -12.38 -5.41 -0.57
C THR A 101 -13.61 -6.21 -0.17
N LEU A 102 -14.05 -6.03 1.07
CA LEU A 102 -15.22 -6.74 1.58
C LEU A 102 -15.94 -5.90 2.63
N THR A 103 -17.19 -6.25 2.91
CA THR A 103 -17.99 -5.54 3.89
C THR A 103 -17.70 -6.05 5.30
N PRO A 104 -18.08 -5.28 6.33
CA PRO A 104 -17.86 -5.67 7.73
C PRO A 104 -18.71 -6.86 8.14
N GLU A 105 -19.98 -6.85 7.73
CA GLU A 105 -20.89 -7.94 8.04
C GLU A 105 -20.38 -9.27 7.48
N GLN A 106 -19.83 -9.22 6.27
CA GLN A 106 -19.30 -10.41 5.62
C GLN A 106 -18.07 -10.93 6.35
N TRP A 107 -17.12 -10.02 6.60
CA TRP A 107 -15.88 -10.38 7.28
C TRP A 107 -16.16 -10.92 8.68
N THR A 108 -17.24 -10.44 9.28
CA THR A 108 -17.62 -10.87 10.62
C THR A 108 -17.89 -12.38 10.64
N ARG A 109 -18.41 -12.90 9.53
CA ARG A 109 -18.71 -14.33 9.43
C ARG A 109 -17.42 -15.15 9.43
N GLN A 110 -16.36 -14.59 8.86
CA GLN A 110 -15.08 -15.27 8.79
C GLN A 110 -14.01 -14.51 9.57
N ARG A 111 -14.17 -14.44 10.88
CA ARG A 111 -13.23 -13.74 11.75
C ARG A 111 -12.28 -14.72 12.43
N ARG A 112 -11.92 -15.78 11.70
CA ARG A 112 -11.00 -16.79 12.23
C ARG A 112 -9.87 -17.08 11.25
N GLU A 113 -9.48 -16.06 10.50
CA GLU A 113 -8.41 -16.20 9.51
C GLU A 113 -7.05 -15.97 10.16
N MET A 1 9.85 3.22 32.48
CA MET A 1 10.10 2.37 31.29
C MET A 1 11.47 2.66 30.67
N LYS A 2 11.58 3.81 30.02
CA LYS A 2 12.84 4.20 29.39
C LYS A 2 13.62 5.17 30.28
N GLY A 3 13.16 6.41 30.35
CA GLY A 3 13.82 7.40 31.19
C GLY A 3 14.13 8.68 30.42
N SER A 4 15.14 9.40 30.88
CA SER A 4 15.53 10.65 30.23
C SER A 4 17.05 10.81 30.22
N SER A 5 17.61 11.03 29.03
CA SER A 5 19.06 11.20 28.89
C SER A 5 19.38 12.46 28.10
N HIS A 6 20.23 13.30 28.66
CA HIS A 6 20.63 14.55 28.01
C HIS A 6 22.14 14.64 27.90
N HIS A 7 22.70 13.98 26.88
CA HIS A 7 24.13 13.99 26.66
C HIS A 7 24.51 15.01 25.59
N HIS A 8 25.69 15.62 25.75
CA HIS A 8 26.16 16.62 24.80
C HIS A 8 27.28 16.07 23.94
N HIS A 9 26.92 15.48 22.80
CA HIS A 9 27.88 14.90 21.89
C HIS A 9 27.22 14.45 20.59
N HIS A 10 26.96 15.41 19.70
CA HIS A 10 26.32 15.12 18.44
C HIS A 10 24.95 14.49 18.64
N HIS A 11 24.29 14.85 19.73
CA HIS A 11 22.97 14.33 20.05
C HIS A 11 21.99 15.46 20.35
N SER A 12 22.43 16.38 21.20
CA SER A 12 21.58 17.52 21.58
C SER A 12 22.02 18.79 20.85
N SER A 13 22.44 18.63 19.60
CA SER A 13 22.88 19.77 18.80
C SER A 13 24.09 20.45 19.43
N GLY A 14 25.28 20.02 19.02
CA GLY A 14 26.50 20.60 19.56
C GLY A 14 27.00 21.77 18.73
N ALA A 15 26.87 21.65 17.41
CA ALA A 15 27.32 22.69 16.50
C ALA A 15 26.29 22.97 15.42
N SER A 16 25.01 22.78 15.77
CA SER A 16 23.92 23.01 14.82
C SER A 16 24.05 22.09 13.61
N LEU A 17 23.13 21.14 13.49
CA LEU A 17 23.15 20.18 12.38
C LEU A 17 21.74 19.98 11.83
N VAL A 18 21.61 20.08 10.52
CA VAL A 18 20.31 19.90 9.86
C VAL A 18 20.22 18.54 9.18
N PRO A 19 19.71 17.53 9.90
CA PRO A 19 19.57 16.17 9.37
C PRO A 19 18.51 16.08 8.27
N ARG A 20 18.97 15.85 7.05
CA ARG A 20 18.06 15.74 5.90
C ARG A 20 18.70 14.95 4.77
N GLY A 21 17.95 13.99 4.22
CA GLY A 21 18.45 13.18 3.15
C GLY A 21 17.65 13.33 1.87
N SER A 22 17.93 12.49 0.88
CA SER A 22 17.24 12.53 -0.39
C SER A 22 15.74 12.29 -0.20
N GLU A 23 15.01 13.37 0.08
CA GLU A 23 13.56 13.27 0.29
C GLU A 23 13.24 12.52 1.57
N GLY A 24 13.51 11.22 1.58
CA GLY A 24 13.24 10.41 2.74
C GLY A 24 11.80 9.94 2.82
N ALA A 25 11.44 9.01 1.93
CA ALA A 25 10.08 8.48 1.90
C ALA A 25 10.00 7.25 0.99
N ALA A 26 8.77 6.82 0.71
CA ALA A 26 8.55 5.66 -0.15
C ALA A 26 8.29 6.08 -1.59
N THR A 27 8.73 7.28 -1.95
CA THR A 27 8.54 7.79 -3.30
C THR A 27 9.29 6.92 -4.31
N MET A 28 10.40 6.34 -3.86
CA MET A 28 11.21 5.48 -4.72
C MET A 28 11.14 4.03 -4.26
N GLU A 29 10.86 3.82 -2.98
CA GLU A 29 10.77 2.47 -2.43
C GLU A 29 9.42 2.26 -1.74
N LEU A 30 8.44 1.79 -2.49
CA LEU A 30 7.11 1.54 -1.96
C LEU A 30 7.16 0.85 -0.59
N SER A 31 6.16 1.12 0.24
CA SER A 31 6.09 0.51 1.58
C SER A 31 4.73 -0.11 1.82
N ALA A 32 4.69 -1.11 2.70
CA ALA A 32 3.45 -1.78 3.03
C ALA A 32 2.51 -0.88 3.83
N ASP A 33 3.03 -0.31 4.90
CA ASP A 33 2.24 0.59 5.75
C ASP A 33 1.77 1.80 4.95
N TYR A 34 2.57 2.23 4.00
CA TYR A 34 2.23 3.39 3.17
C TYR A 34 0.94 3.14 2.41
N LEU A 35 0.89 2.04 1.66
CA LEU A 35 -0.30 1.70 0.88
C LEU A 35 -1.50 1.47 1.79
N ARG A 36 -1.26 0.79 2.91
CA ARG A 36 -2.33 0.51 3.87
C ARG A 36 -2.94 1.80 4.40
N GLU A 37 -2.11 2.62 5.05
CA GLU A 37 -2.57 3.88 5.60
C GLU A 37 -3.14 4.80 4.51
N LYS A 38 -2.54 4.72 3.33
CA LYS A 38 -2.99 5.54 2.20
C LYS A 38 -4.41 5.19 1.80
N LEU A 39 -4.61 3.92 1.42
CA LEU A 39 -5.94 3.46 1.01
C LEU A 39 -6.93 3.53 2.18
N ARG A 40 -6.43 3.26 3.38
CA ARG A 40 -7.26 3.29 4.57
C ARG A 40 -7.89 4.66 4.77
N GLN A 41 -7.05 5.69 4.75
CA GLN A 41 -7.52 7.05 4.94
C GLN A 41 -8.22 7.56 3.68
N ASP A 42 -7.63 7.26 2.52
CA ASP A 42 -8.18 7.70 1.25
C ASP A 42 -9.59 7.14 1.05
N LEU A 43 -9.73 5.83 1.22
CA LEU A 43 -11.01 5.17 1.07
C LEU A 43 -11.83 5.23 2.36
N GLU A 44 -11.15 5.44 3.48
CA GLU A 44 -11.80 5.52 4.78
C GLU A 44 -12.48 4.19 5.13
N ALA A 45 -11.68 3.24 5.57
CA ALA A 45 -12.19 1.92 5.94
C ALA A 45 -12.18 1.73 7.45
N GLU A 46 -12.54 0.53 7.90
CA GLU A 46 -12.56 0.22 9.32
C GLU A 46 -11.32 -0.57 9.73
N HIS A 47 -11.08 -1.68 9.03
CA HIS A 47 -9.93 -2.53 9.31
C HIS A 47 -9.17 -2.86 8.03
N VAL A 48 -7.87 -2.58 8.04
CA VAL A 48 -7.03 -2.85 6.88
C VAL A 48 -5.83 -3.71 7.25
N GLU A 49 -5.37 -4.52 6.30
CA GLU A 49 -4.23 -5.40 6.53
C GLU A 49 -3.33 -5.48 5.30
N VAL A 50 -2.05 -5.20 5.49
CA VAL A 50 -1.09 -5.24 4.40
C VAL A 50 0.01 -6.27 4.66
N GLU A 51 0.57 -6.81 3.59
CA GLU A 51 1.63 -7.81 3.70
C GLU A 51 2.80 -7.46 2.78
N ASP A 52 3.96 -8.01 3.09
CA ASP A 52 5.17 -7.76 2.31
C ASP A 52 6.10 -8.96 2.35
N THR A 53 6.42 -9.51 1.18
CA THR A 53 7.31 -10.66 1.09
C THR A 53 8.76 -10.21 0.90
N THR A 54 9.00 -9.39 -0.11
CA THR A 54 10.33 -8.89 -0.41
C THR A 54 11.28 -10.04 -0.73
N LEU A 55 12.32 -9.75 -1.50
CA LEU A 55 13.31 -10.75 -1.89
C LEU A 55 14.71 -10.31 -1.49
N ASN A 56 15.03 -9.04 -1.75
CA ASN A 56 16.34 -8.50 -1.43
C ASN A 56 16.36 -6.99 -1.60
N ARG A 57 16.41 -6.27 -0.49
CA ARG A 57 16.43 -4.81 -0.51
C ARG A 57 15.14 -4.25 -1.09
N CYS A 58 15.03 -4.28 -2.42
CA CYS A 58 13.84 -3.77 -3.09
C CYS A 58 12.62 -4.66 -2.79
N ALA A 59 11.76 -4.17 -1.92
CA ALA A 59 10.55 -4.92 -1.54
C ALA A 59 9.60 -5.04 -2.72
N THR A 60 9.43 -6.27 -3.21
CA THR A 60 8.54 -6.52 -4.34
C THR A 60 7.33 -7.35 -3.90
N SER A 61 6.26 -7.29 -4.70
CA SER A 61 5.05 -8.03 -4.39
C SER A 61 4.44 -7.57 -3.07
N PHE A 62 3.25 -6.99 -3.14
CA PHE A 62 2.56 -6.50 -1.96
C PHE A 62 1.09 -6.91 -1.97
N ARG A 63 0.48 -6.93 -0.78
CA ARG A 63 -0.92 -7.30 -0.66
C ARG A 63 -1.68 -6.28 0.18
N VAL A 64 -2.79 -5.78 -0.37
CA VAL A 64 -3.60 -4.79 0.33
C VAL A 64 -4.96 -5.37 0.71
N LEU A 65 -5.33 -5.22 1.97
CA LEU A 65 -6.60 -5.72 2.47
C LEU A 65 -7.39 -4.62 3.16
N VAL A 66 -8.72 -4.64 2.97
CA VAL A 66 -9.58 -3.63 3.57
C VAL A 66 -10.95 -4.22 3.93
N VAL A 67 -11.46 -3.84 5.09
CA VAL A 67 -12.76 -4.33 5.55
C VAL A 67 -13.62 -3.18 6.06
N SER A 68 -14.77 -2.98 5.42
CA SER A 68 -15.68 -1.91 5.82
C SER A 68 -16.96 -1.96 4.98
N ALA A 69 -17.85 -0.99 5.20
CA ALA A 69 -19.10 -0.91 4.48
C ALA A 69 -19.05 0.15 3.39
N LYS A 70 -18.05 1.03 3.45
CA LYS A 70 -17.89 2.09 2.46
C LYS A 70 -17.85 1.52 1.04
N PHE A 71 -17.33 0.30 0.92
CA PHE A 71 -17.23 -0.35 -0.37
C PHE A 71 -18.59 -0.86 -0.84
N GLU A 72 -19.44 -1.23 0.12
CA GLU A 72 -20.77 -1.73 -0.19
C GLU A 72 -21.58 -0.70 -0.97
N GLY A 73 -21.30 0.57 -0.72
CA GLY A 73 -22.01 1.64 -1.41
C GLY A 73 -21.81 1.58 -2.91
N LYS A 74 -20.56 1.47 -3.34
CA LYS A 74 -20.24 1.40 -4.76
C LYS A 74 -20.02 -0.04 -5.21
N PRO A 75 -20.25 -0.33 -6.50
CA PRO A 75 -20.07 -1.68 -7.05
C PRO A 75 -18.61 -2.13 -7.03
N LEU A 76 -18.38 -3.39 -7.39
CA LEU A 76 -17.03 -3.94 -7.42
C LEU A 76 -16.13 -3.16 -8.37
N LEU A 77 -16.66 -2.83 -9.55
CA LEU A 77 -15.91 -2.08 -10.54
C LEU A 77 -15.48 -0.72 -9.99
N GLN A 78 -16.29 -0.17 -9.09
CA GLN A 78 -15.99 1.12 -8.50
C GLN A 78 -14.88 1.00 -7.46
N ARG A 79 -15.10 0.16 -6.45
CA ARG A 79 -14.13 -0.06 -5.40
C ARG A 79 -12.81 -0.57 -5.96
N HIS A 80 -12.89 -1.36 -7.03
CA HIS A 80 -11.70 -1.91 -7.66
C HIS A 80 -10.91 -0.82 -8.37
N ARG A 81 -11.62 0.11 -9.00
CA ARG A 81 -10.99 1.21 -9.72
C ARG A 81 -10.43 2.25 -8.75
N LEU A 82 -11.10 2.39 -7.60
CA LEU A 82 -10.67 3.35 -6.60
C LEU A 82 -9.25 3.04 -6.11
N VAL A 83 -9.05 1.82 -5.64
CA VAL A 83 -7.75 1.39 -5.14
C VAL A 83 -6.70 1.45 -6.25
N ASN A 84 -7.12 1.17 -7.48
CA ASN A 84 -6.22 1.18 -8.62
C ASN A 84 -5.84 2.62 -8.99
N GLU A 85 -6.83 3.50 -9.02
CA GLU A 85 -6.60 4.90 -9.35
C GLU A 85 -5.67 5.56 -8.35
N CYS A 86 -5.79 5.14 -7.08
CA CYS A 86 -4.97 5.70 -6.02
C CYS A 86 -3.48 5.45 -6.29
N LEU A 87 -3.12 4.18 -6.45
CA LEU A 87 -1.74 3.81 -6.72
C LEU A 87 -1.52 3.57 -8.21
N ALA A 88 -2.03 4.49 -9.03
CA ALA A 88 -1.89 4.37 -10.48
C ALA A 88 -0.43 4.40 -10.90
N GLU A 89 0.29 5.42 -10.46
CA GLU A 89 1.71 5.56 -10.79
C GLU A 89 2.55 4.58 -9.98
N GLU A 90 2.12 4.29 -8.77
CA GLU A 90 2.83 3.37 -7.89
C GLU A 90 2.64 1.91 -8.33
N LEU A 91 1.49 1.63 -8.93
CA LEU A 91 1.17 0.28 -9.39
C LEU A 91 2.31 -0.29 -10.25
N PRO A 92 2.66 0.39 -11.36
CA PRO A 92 3.72 -0.07 -12.26
C PRO A 92 4.97 -0.51 -11.51
N HIS A 93 5.23 0.10 -10.36
CA HIS A 93 6.38 -0.22 -9.55
C HIS A 93 6.17 -1.55 -8.81
N ILE A 94 4.92 -1.82 -8.46
CA ILE A 94 4.58 -3.05 -7.75
C ILE A 94 4.64 -4.26 -8.68
N HIS A 95 5.63 -5.12 -8.48
CA HIS A 95 5.80 -6.31 -9.30
C HIS A 95 4.57 -7.22 -9.17
N ALA A 96 3.95 -7.21 -8.00
CA ALA A 96 2.76 -8.02 -7.76
C ALA A 96 1.85 -7.36 -6.73
N PHE A 97 0.64 -7.02 -7.16
CA PHE A 97 -0.32 -6.37 -6.27
C PHE A 97 -1.61 -7.19 -6.17
N GLU A 98 -2.11 -7.33 -4.95
CA GLU A 98 -3.34 -8.08 -4.72
C GLU A 98 -4.24 -7.37 -3.71
N GLN A 99 -5.45 -7.03 -4.15
CA GLN A 99 -6.40 -6.33 -3.29
C GLN A 99 -7.63 -7.21 -3.01
N LYS A 100 -8.23 -7.02 -1.85
CA LYS A 100 -9.41 -7.79 -1.46
C LYS A 100 -10.34 -6.94 -0.59
N THR A 101 -11.56 -6.75 -1.06
CA THR A 101 -12.55 -5.97 -0.34
C THR A 101 -13.68 -6.85 0.18
N LEU A 102 -13.96 -6.75 1.48
CA LEU A 102 -15.02 -7.54 2.09
C LEU A 102 -15.78 -6.73 3.13
N THR A 103 -17.04 -7.07 3.33
CA THR A 103 -17.88 -6.36 4.30
C THR A 103 -17.63 -6.87 5.71
N PRO A 104 -17.92 -6.04 6.73
CA PRO A 104 -17.71 -6.40 8.13
C PRO A 104 -18.41 -7.70 8.49
N GLU A 105 -19.67 -7.83 8.08
CA GLU A 105 -20.45 -9.04 8.35
C GLU A 105 -19.78 -10.27 7.77
N GLN A 106 -19.07 -10.08 6.65
CA GLN A 106 -18.39 -11.18 6.00
C GLN A 106 -17.14 -11.60 6.78
N TRP A 107 -16.29 -10.62 7.08
CA TRP A 107 -15.06 -10.88 7.83
C TRP A 107 -15.37 -11.43 9.21
N THR A 108 -16.35 -10.82 9.88
CA THR A 108 -16.74 -11.26 11.22
C THR A 108 -17.23 -12.70 11.21
N ARG A 109 -17.82 -13.11 10.08
CA ARG A 109 -18.33 -14.46 9.93
C ARG A 109 -17.26 -15.39 9.35
N GLN A 110 -16.33 -14.81 8.61
CA GLN A 110 -15.26 -15.59 7.98
C GLN A 110 -14.00 -15.55 8.84
N ARG A 111 -14.17 -15.53 10.15
CA ARG A 111 -13.05 -15.49 11.07
C ARG A 111 -12.90 -16.82 11.81
N ARG A 112 -13.24 -17.91 11.13
CA ARG A 112 -13.16 -19.25 11.72
C ARG A 112 -11.79 -19.86 11.50
N GLU A 113 -11.52 -20.97 12.17
CA GLU A 113 -10.24 -21.65 12.04
C GLU A 113 -9.10 -20.74 12.48
N MET A 1 45.95 -4.53 -43.81
CA MET A 1 46.71 -3.52 -44.58
C MET A 1 46.53 -2.13 -43.99
N LYS A 2 45.31 -1.62 -44.03
CA LYS A 2 45.01 -0.30 -43.48
C LYS A 2 44.25 -0.41 -42.16
N GLY A 3 44.51 0.53 -41.25
CA GLY A 3 43.84 0.52 -39.97
C GLY A 3 44.79 0.77 -38.82
N SER A 4 44.93 -0.22 -37.94
CA SER A 4 45.82 -0.10 -36.79
C SER A 4 45.39 1.06 -35.89
N SER A 5 46.00 1.15 -34.72
CA SER A 5 45.69 2.21 -33.77
C SER A 5 46.91 2.59 -32.94
N HIS A 6 47.68 3.57 -33.43
CA HIS A 6 48.88 4.02 -32.73
C HIS A 6 48.65 5.38 -32.09
N HIS A 7 47.80 6.19 -32.72
CA HIS A 7 47.50 7.53 -32.20
C HIS A 7 46.42 7.46 -31.14
N HIS A 8 45.22 7.05 -31.55
CA HIS A 8 44.09 6.94 -30.63
C HIS A 8 43.54 5.52 -30.61
N HIS A 9 42.61 5.26 -29.69
CA HIS A 9 42.00 3.94 -29.57
C HIS A 9 40.86 3.78 -30.56
N HIS A 10 41.13 3.07 -31.65
CA HIS A 10 40.11 2.85 -32.68
C HIS A 10 38.99 1.97 -32.14
N HIS A 11 38.04 1.64 -33.03
CA HIS A 11 36.90 0.82 -32.65
C HIS A 11 35.97 1.55 -31.69
N SER A 12 36.46 1.82 -30.48
CA SER A 12 35.67 2.52 -29.48
C SER A 12 36.52 2.89 -28.27
N SER A 13 36.23 4.05 -27.67
CA SER A 13 36.98 4.51 -26.51
C SER A 13 36.37 5.80 -25.97
N GLY A 14 35.67 5.70 -24.85
CA GLY A 14 35.05 6.87 -24.25
C GLY A 14 33.94 6.51 -23.29
N ALA A 15 33.98 7.06 -22.09
CA ALA A 15 32.96 6.80 -21.08
C ALA A 15 32.91 5.32 -20.73
N SER A 16 33.40 4.98 -19.54
CA SER A 16 33.41 3.59 -19.08
C SER A 16 32.72 3.46 -17.73
N LEU A 17 33.30 4.10 -16.72
CA LEU A 17 32.74 4.05 -15.37
C LEU A 17 32.06 5.37 -15.01
N VAL A 18 31.05 5.30 -14.15
CA VAL A 18 30.32 6.50 -13.73
C VAL A 18 30.27 6.59 -12.20
N PRO A 19 31.26 7.24 -11.59
CA PRO A 19 31.33 7.40 -10.13
C PRO A 19 30.24 8.33 -9.61
N ARG A 20 29.79 9.25 -10.45
CA ARG A 20 28.74 10.20 -10.06
C ARG A 20 27.46 9.47 -9.67
N GLY A 21 27.00 9.72 -8.45
CA GLY A 21 25.78 9.08 -7.97
C GLY A 21 24.57 9.43 -8.81
N SER A 22 23.80 8.42 -9.16
CA SER A 22 22.60 8.62 -9.97
C SER A 22 21.35 8.63 -9.08
N GLU A 23 21.40 7.88 -7.99
CA GLU A 23 20.27 7.82 -7.07
C GLU A 23 19.03 7.26 -7.76
N GLY A 24 18.13 6.67 -6.98
CA GLY A 24 16.92 6.11 -7.53
C GLY A 24 15.69 6.93 -7.18
N ALA A 25 14.53 6.48 -7.65
CA ALA A 25 13.28 7.18 -7.38
C ALA A 25 12.65 6.71 -6.07
N ALA A 26 12.76 7.54 -5.04
CA ALA A 26 12.21 7.21 -3.73
C ALA A 26 11.39 8.36 -3.17
N THR A 27 10.82 9.17 -4.05
CA THR A 27 10.01 10.31 -3.63
C THR A 27 8.86 9.87 -2.75
N MET A 28 8.38 8.64 -2.99
CA MET A 28 7.28 8.08 -2.21
C MET A 28 7.77 6.95 -1.32
N GLU A 29 8.83 6.29 -1.73
CA GLU A 29 9.40 5.19 -0.96
C GLU A 29 8.36 4.08 -0.75
N LEU A 30 8.12 3.30 -1.81
CA LEU A 30 7.15 2.21 -1.75
C LEU A 30 7.28 1.40 -0.45
N SER A 31 6.17 1.23 0.25
CA SER A 31 6.17 0.48 1.50
C SER A 31 4.78 -0.07 1.79
N ALA A 32 4.72 -1.16 2.54
CA ALA A 32 3.45 -1.79 2.90
C ALA A 32 2.61 -0.85 3.76
N ASP A 33 3.24 -0.28 4.79
CA ASP A 33 2.54 0.63 5.69
C ASP A 33 2.00 1.84 4.93
N TYR A 34 2.74 2.27 3.92
CA TYR A 34 2.33 3.43 3.11
C TYR A 34 1.01 3.15 2.40
N LEU A 35 0.99 2.09 1.60
CA LEU A 35 -0.23 1.72 0.86
C LEU A 35 -1.37 1.40 1.82
N ARG A 36 -1.03 0.84 2.97
CA ARG A 36 -2.03 0.49 3.98
C ARG A 36 -2.74 1.74 4.51
N GLU A 37 -1.96 2.65 5.09
CA GLU A 37 -2.50 3.89 5.64
C GLU A 37 -3.13 4.73 4.55
N LYS A 38 -2.57 4.65 3.34
CA LYS A 38 -3.07 5.41 2.21
C LYS A 38 -4.49 4.97 1.85
N LEU A 39 -4.64 3.70 1.50
CA LEU A 39 -5.94 3.16 1.13
C LEU A 39 -6.94 3.29 2.28
N ARG A 40 -6.42 3.22 3.51
CA ARG A 40 -7.27 3.34 4.70
C ARG A 40 -7.99 4.67 4.72
N GLN A 41 -7.22 5.75 4.74
CA GLN A 41 -7.81 7.08 4.77
C GLN A 41 -8.36 7.47 3.40
N ASP A 42 -7.74 6.95 2.35
CA ASP A 42 -8.18 7.24 0.98
C ASP A 42 -9.57 6.68 0.72
N LEU A 43 -9.72 5.37 0.96
CA LEU A 43 -11.00 4.70 0.75
C LEU A 43 -11.87 4.78 2.01
N GLU A 44 -11.25 5.07 3.14
CA GLU A 44 -11.98 5.19 4.41
C GLU A 44 -12.52 3.82 4.83
N ALA A 45 -11.69 3.05 5.55
CA ALA A 45 -12.10 1.73 6.01
C ALA A 45 -11.96 1.62 7.52
N GLU A 46 -12.35 0.47 8.06
CA GLU A 46 -12.26 0.23 9.50
C GLU A 46 -10.95 -0.46 9.86
N HIS A 47 -10.72 -1.63 9.26
CA HIS A 47 -9.52 -2.40 9.51
C HIS A 47 -8.82 -2.76 8.20
N VAL A 48 -7.52 -2.51 8.15
CA VAL A 48 -6.72 -2.80 6.95
C VAL A 48 -5.49 -3.64 7.30
N GLU A 49 -5.14 -4.55 6.41
CA GLU A 49 -3.98 -5.42 6.61
C GLU A 49 -3.10 -5.45 5.37
N VAL A 50 -1.81 -5.19 5.56
CA VAL A 50 -0.86 -5.19 4.45
C VAL A 50 0.26 -6.19 4.70
N GLU A 51 0.70 -6.86 3.64
CA GLU A 51 1.77 -7.84 3.74
C GLU A 51 2.84 -7.59 2.70
N ASP A 52 4.03 -8.14 2.93
CA ASP A 52 5.15 -7.96 2.01
C ASP A 52 6.08 -9.17 2.04
N THR A 53 6.50 -9.62 0.86
CA THR A 53 7.39 -10.77 0.76
C THR A 53 8.84 -10.36 1.02
N THR A 54 9.28 -9.30 0.35
CA THR A 54 10.65 -8.80 0.50
C THR A 54 10.76 -7.37 0.02
N LEU A 55 11.99 -6.84 0.04
CA LEU A 55 12.23 -5.47 -0.40
C LEU A 55 13.32 -5.44 -1.46
N ASN A 56 14.43 -6.12 -1.19
CA ASN A 56 15.55 -6.17 -2.12
C ASN A 56 15.63 -7.52 -2.81
N ARG A 57 14.48 -8.12 -3.09
CA ARG A 57 14.42 -9.42 -3.74
C ARG A 57 13.60 -9.35 -5.03
N CYS A 58 13.83 -10.30 -5.93
CA CYS A 58 13.11 -10.35 -7.19
C CYS A 58 11.61 -10.57 -6.97
N ALA A 59 10.79 -9.97 -7.82
CA ALA A 59 9.35 -10.11 -7.71
C ALA A 59 8.85 -9.58 -6.37
N THR A 60 8.75 -8.26 -6.26
CA THR A 60 8.28 -7.63 -5.03
C THR A 60 6.76 -7.58 -4.98
N SER A 61 6.15 -8.62 -4.43
CA SER A 61 4.70 -8.69 -4.33
C SER A 61 4.21 -8.00 -3.06
N PHE A 62 3.00 -7.44 -3.12
CA PHE A 62 2.42 -6.75 -1.98
C PHE A 62 0.94 -7.07 -1.85
N ARG A 63 0.45 -7.15 -0.61
CA ARG A 63 -0.95 -7.45 -0.36
C ARG A 63 -1.59 -6.36 0.50
N VAL A 64 -2.86 -6.08 0.25
CA VAL A 64 -3.58 -5.07 0.99
C VAL A 64 -5.05 -5.44 1.16
N LEU A 65 -5.51 -5.47 2.42
CA LEU A 65 -6.89 -5.82 2.71
C LEU A 65 -7.64 -4.60 3.26
N VAL A 66 -8.89 -4.45 2.83
CA VAL A 66 -9.72 -3.34 3.27
C VAL A 66 -11.14 -3.80 3.58
N VAL A 67 -11.62 -3.49 4.78
CA VAL A 67 -12.97 -3.87 5.19
C VAL A 67 -13.77 -2.65 5.62
N SER A 68 -14.89 -2.41 4.93
CA SER A 68 -15.75 -1.28 5.25
C SER A 68 -16.99 -1.27 4.36
N ALA A 69 -18.00 -0.51 4.78
CA ALA A 69 -19.24 -0.42 4.02
C ALA A 69 -19.11 0.56 2.86
N LYS A 70 -18.08 1.39 2.89
CA LYS A 70 -17.84 2.37 1.84
C LYS A 70 -17.82 1.71 0.46
N PHE A 71 -17.40 0.45 0.43
CA PHE A 71 -17.32 -0.30 -0.82
C PHE A 71 -18.71 -0.72 -1.28
N GLU A 72 -19.59 -0.98 -0.32
CA GLU A 72 -20.96 -1.39 -0.61
C GLU A 72 -21.69 -0.33 -1.42
N GLY A 73 -21.40 0.94 -1.12
CA GLY A 73 -22.04 2.03 -1.83
C GLY A 73 -21.73 2.02 -3.32
N LYS A 74 -20.56 1.51 -3.68
CA LYS A 74 -20.15 1.45 -5.07
C LYS A 74 -20.11 -0.01 -5.56
N PRO A 75 -20.27 -0.22 -6.88
CA PRO A 75 -20.26 -1.56 -7.47
C PRO A 75 -18.90 -2.24 -7.33
N LEU A 76 -18.76 -3.41 -7.93
CA LEU A 76 -17.51 -4.15 -7.88
C LEU A 76 -16.45 -3.53 -8.77
N LEU A 77 -16.89 -2.98 -9.91
CA LEU A 77 -15.98 -2.34 -10.85
C LEU A 77 -15.50 -0.99 -10.32
N GLN A 78 -16.35 -0.33 -9.54
CA GLN A 78 -16.01 0.97 -8.97
C GLN A 78 -15.04 0.82 -7.82
N ARG A 79 -15.39 -0.02 -6.84
CA ARG A 79 -14.53 -0.25 -5.69
C ARG A 79 -13.17 -0.78 -6.12
N HIS A 80 -13.16 -1.61 -7.16
CA HIS A 80 -11.91 -2.18 -7.66
C HIS A 80 -11.06 -1.12 -8.32
N ARG A 81 -11.70 -0.18 -8.99
CA ARG A 81 -10.98 0.90 -9.68
C ARG A 81 -10.48 1.93 -8.67
N LEU A 82 -11.23 2.12 -7.59
CA LEU A 82 -10.86 3.08 -6.55
C LEU A 82 -9.49 2.74 -5.97
N VAL A 83 -9.29 1.47 -5.65
CA VAL A 83 -8.02 1.02 -5.08
C VAL A 83 -6.88 1.19 -6.08
N ASN A 84 -7.12 0.75 -7.31
CA ASN A 84 -6.11 0.85 -8.37
C ASN A 84 -5.82 2.31 -8.71
N GLU A 85 -6.88 3.11 -8.81
CA GLU A 85 -6.74 4.53 -9.13
C GLU A 85 -5.89 5.25 -8.09
N CYS A 86 -6.01 4.80 -6.84
CA CYS A 86 -5.24 5.41 -5.74
C CYS A 86 -3.75 5.27 -6.00
N LEU A 87 -3.28 4.03 -6.11
CA LEU A 87 -1.86 3.77 -6.34
C LEU A 87 -1.60 3.54 -7.83
N ALA A 88 -2.22 4.36 -8.67
CA ALA A 88 -2.05 4.25 -10.12
C ALA A 88 -0.60 4.49 -10.52
N GLU A 89 0.01 5.52 -9.95
CA GLU A 89 1.40 5.86 -10.25
C GLU A 89 2.36 4.88 -9.58
N GLU A 90 2.03 4.48 -8.36
CA GLU A 90 2.87 3.56 -7.61
C GLU A 90 2.73 2.12 -8.13
N LEU A 91 1.56 1.80 -8.67
CA LEU A 91 1.30 0.46 -9.21
C LEU A 91 2.43 -0.01 -10.12
N PRO A 92 2.72 0.75 -11.20
CA PRO A 92 3.78 0.40 -12.15
C PRO A 92 5.07 -0.04 -11.45
N HIS A 93 5.33 0.55 -10.29
CA HIS A 93 6.53 0.22 -9.53
C HIS A 93 6.38 -1.14 -8.83
N ILE A 94 5.15 -1.46 -8.47
CA ILE A 94 4.87 -2.73 -7.80
C ILE A 94 4.94 -3.90 -8.77
N HIS A 95 5.85 -4.82 -8.52
CA HIS A 95 6.02 -5.99 -9.38
C HIS A 95 4.79 -6.90 -9.29
N ALA A 96 4.16 -6.92 -8.12
CA ALA A 96 2.97 -7.73 -7.91
C ALA A 96 2.07 -7.11 -6.84
N PHE A 97 0.85 -6.76 -7.24
CA PHE A 97 -0.11 -6.15 -6.32
C PHE A 97 -1.41 -6.94 -6.29
N GLU A 98 -2.03 -7.00 -5.12
CA GLU A 98 -3.29 -7.72 -4.96
C GLU A 98 -4.18 -7.04 -3.93
N GLN A 99 -5.36 -6.61 -4.34
CA GLN A 99 -6.29 -5.94 -3.44
C GLN A 99 -7.49 -6.84 -3.14
N LYS A 100 -8.07 -6.66 -1.95
CA LYS A 100 -9.22 -7.45 -1.53
C LYS A 100 -10.22 -6.59 -0.77
N THR A 101 -11.44 -6.50 -1.29
CA THR A 101 -12.49 -5.71 -0.66
C THR A 101 -13.61 -6.60 -0.15
N LEU A 102 -14.07 -6.32 1.06
CA LEU A 102 -15.15 -7.09 1.67
C LEU A 102 -15.97 -6.23 2.63
N THR A 103 -17.26 -6.54 2.73
CA THR A 103 -18.16 -5.80 3.60
C THR A 103 -18.00 -6.24 5.05
N PRO A 104 -18.23 -5.33 6.01
CA PRO A 104 -18.12 -5.62 7.44
C PRO A 104 -18.93 -6.85 7.84
N GLU A 105 -20.15 -6.95 7.30
CA GLU A 105 -21.03 -8.08 7.61
C GLU A 105 -20.38 -9.39 7.19
N GLN A 106 -19.57 -9.34 6.14
CA GLN A 106 -18.90 -10.53 5.63
C GLN A 106 -17.73 -10.93 6.55
N TRP A 107 -16.85 -9.97 6.81
CA TRP A 107 -15.70 -10.20 7.66
C TRP A 107 -16.13 -10.64 9.06
N THR A 108 -17.23 -10.07 9.53
CA THR A 108 -17.75 -10.40 10.85
C THR A 108 -18.08 -11.88 10.95
N ARG A 109 -18.50 -12.48 9.84
CA ARG A 109 -18.85 -13.89 9.81
C ARG A 109 -17.63 -14.74 9.45
N GLN A 110 -16.72 -14.16 8.68
CA GLN A 110 -15.51 -14.87 8.27
C GLN A 110 -14.55 -15.07 9.44
N ARG A 111 -14.83 -14.40 10.55
CA ARG A 111 -13.99 -14.51 11.74
C ARG A 111 -14.77 -15.13 12.89
N ARG A 112 -15.63 -16.08 12.57
CA ARG A 112 -16.44 -16.76 13.60
C ARG A 112 -15.55 -17.45 14.62
N GLU A 113 -16.14 -17.84 15.73
CA GLU A 113 -15.40 -18.53 16.80
C GLU A 113 -15.35 -20.03 16.55
N MET A 1 7.69 -29.67 -34.10
CA MET A 1 6.74 -28.97 -33.22
C MET A 1 6.68 -29.62 -31.83
N LYS A 2 7.53 -29.15 -30.93
CA LYS A 2 7.59 -29.69 -29.57
C LYS A 2 7.32 -28.59 -28.55
N GLY A 3 6.79 -28.97 -27.40
CA GLY A 3 6.51 -28.01 -26.35
C GLY A 3 6.77 -28.56 -24.96
N SER A 4 7.67 -27.93 -24.24
CA SER A 4 8.02 -28.37 -22.88
C SER A 4 7.42 -27.43 -21.84
N SER A 5 7.78 -26.16 -21.91
CA SER A 5 7.28 -25.17 -20.97
C SER A 5 7.62 -23.75 -21.43
N HIS A 6 6.58 -22.94 -21.65
CA HIS A 6 6.77 -21.56 -22.08
C HIS A 6 6.39 -20.58 -20.99
N HIS A 7 7.29 -20.37 -20.03
CA HIS A 7 7.04 -19.46 -18.93
C HIS A 7 7.36 -18.02 -19.33
N HIS A 8 8.35 -17.86 -20.19
CA HIS A 8 8.76 -16.54 -20.66
C HIS A 8 9.19 -15.66 -19.49
N HIS A 9 10.51 -15.58 -19.27
CA HIS A 9 11.05 -14.78 -18.20
C HIS A 9 12.52 -14.46 -18.43
N HIS A 10 12.79 -13.28 -18.97
CA HIS A 10 14.16 -12.87 -19.26
C HIS A 10 14.42 -11.44 -18.76
N HIS A 11 15.57 -10.89 -19.12
CA HIS A 11 15.93 -9.54 -18.70
C HIS A 11 17.07 -9.00 -19.54
N SER A 12 18.13 -9.80 -19.68
CA SER A 12 19.30 -9.40 -20.47
C SER A 12 19.94 -8.15 -19.89
N SER A 13 19.92 -8.03 -18.56
CA SER A 13 20.50 -6.88 -17.89
C SER A 13 21.42 -7.31 -16.75
N GLY A 14 22.57 -6.66 -16.65
CA GLY A 14 23.52 -6.99 -15.60
C GLY A 14 24.59 -5.93 -15.42
N ALA A 15 25.80 -6.23 -15.87
CA ALA A 15 26.91 -5.30 -15.75
C ALA A 15 27.12 -4.53 -17.07
N SER A 16 26.03 -4.26 -17.76
CA SER A 16 26.09 -3.53 -19.03
C SER A 16 24.78 -2.81 -19.31
N LEU A 17 23.67 -3.51 -19.12
CA LEU A 17 22.35 -2.93 -19.35
C LEU A 17 21.52 -2.93 -18.08
N VAL A 18 20.73 -1.87 -17.89
CA VAL A 18 19.89 -1.76 -16.70
C VAL A 18 18.46 -1.41 -17.08
N PRO A 19 17.48 -1.85 -16.27
CA PRO A 19 16.06 -1.58 -16.53
C PRO A 19 15.71 -0.11 -16.32
N ARG A 20 14.40 0.18 -16.29
CA ARG A 20 13.93 1.54 -16.10
C ARG A 20 14.16 2.00 -14.66
N GLY A 21 15.36 2.52 -14.39
CA GLY A 21 15.68 2.99 -13.06
C GLY A 21 17.17 3.21 -12.85
N SER A 22 17.55 3.58 -11.64
CA SER A 22 18.96 3.82 -11.33
C SER A 22 19.55 2.65 -10.54
N GLU A 23 19.07 2.48 -9.32
CA GLU A 23 19.56 1.40 -8.46
C GLU A 23 18.40 0.69 -7.76
N GLY A 24 17.24 0.67 -8.43
CA GLY A 24 16.07 0.02 -7.86
C GLY A 24 15.11 1.02 -7.25
N ALA A 25 13.83 0.88 -7.59
CA ALA A 25 12.81 1.78 -7.06
C ALA A 25 12.54 1.50 -5.59
N ALA A 26 12.19 0.26 -5.27
CA ALA A 26 11.91 -0.12 -3.89
C ALA A 26 13.13 0.09 -3.01
N THR A 27 13.13 -0.55 -1.84
CA THR A 27 14.24 -0.41 -0.90
C THR A 27 14.39 1.04 -0.46
N MET A 28 13.32 1.82 -0.63
CA MET A 28 13.33 3.22 -0.26
C MET A 28 11.99 3.88 -0.64
N GLU A 29 11.39 3.42 -1.73
CA GLU A 29 10.12 3.97 -2.19
C GLU A 29 9.03 2.90 -2.15
N LEU A 30 7.79 3.34 -1.96
CA LEU A 30 6.65 2.42 -1.91
C LEU A 30 6.82 1.42 -0.77
N SER A 31 5.99 1.56 0.26
CA SER A 31 6.05 0.67 1.42
C SER A 31 4.69 0.03 1.66
N ALA A 32 4.68 -1.03 2.47
CA ALA A 32 3.44 -1.74 2.79
C ALA A 32 2.46 -0.83 3.52
N ASP A 33 2.89 -0.28 4.66
CA ASP A 33 2.05 0.60 5.45
C ASP A 33 1.66 1.84 4.64
N TYR A 34 2.53 2.25 3.74
CA TYR A 34 2.28 3.42 2.90
C TYR A 34 1.02 3.24 2.08
N LEU A 35 0.95 2.14 1.33
CA LEU A 35 -0.20 1.84 0.49
C LEU A 35 -1.42 1.50 1.34
N ARG A 36 -1.17 0.90 2.51
CA ARG A 36 -2.24 0.51 3.40
C ARG A 36 -2.88 1.74 4.05
N GLU A 37 -2.05 2.60 4.63
CA GLU A 37 -2.54 3.82 5.28
C GLU A 37 -3.21 4.74 4.26
N LYS A 38 -2.67 4.77 3.06
CA LYS A 38 -3.21 5.62 2.00
C LYS A 38 -4.67 5.25 1.70
N LEU A 39 -4.89 4.01 1.29
CA LEU A 39 -6.23 3.54 0.97
C LEU A 39 -7.12 3.56 2.21
N ARG A 40 -6.51 3.35 3.38
CA ARG A 40 -7.25 3.36 4.63
C ARG A 40 -7.95 4.69 4.86
N GLN A 41 -7.18 5.76 4.81
CA GLN A 41 -7.73 7.09 5.02
C GLN A 41 -8.51 7.56 3.79
N ASP A 42 -8.09 7.09 2.62
CA ASP A 42 -8.75 7.46 1.36
C ASP A 42 -10.23 7.08 1.39
N LEU A 43 -10.50 5.81 1.70
CA LEU A 43 -11.87 5.32 1.75
C LEU A 43 -12.39 5.27 3.20
N GLU A 44 -11.48 5.43 4.16
CA GLU A 44 -11.84 5.39 5.57
C GLU A 44 -12.43 4.03 5.94
N ALA A 45 -11.60 3.00 5.87
CA ALA A 45 -12.03 1.65 6.20
C ALA A 45 -11.95 1.39 7.69
N GLU A 46 -12.54 0.28 8.14
CA GLU A 46 -12.53 -0.07 9.56
C GLU A 46 -11.25 -0.83 9.92
N HIS A 47 -11.05 -1.98 9.28
CA HIS A 47 -9.87 -2.80 9.53
C HIS A 47 -9.11 -3.07 8.24
N VAL A 48 -7.80 -2.86 8.27
CA VAL A 48 -6.96 -3.09 7.11
C VAL A 48 -5.66 -3.78 7.49
N GLU A 49 -5.19 -4.67 6.61
CA GLU A 49 -3.97 -5.42 6.86
C GLU A 49 -3.11 -5.50 5.59
N VAL A 50 -1.84 -5.12 5.71
CA VAL A 50 -0.93 -5.15 4.58
C VAL A 50 0.20 -6.16 4.82
N GLU A 51 0.67 -6.77 3.73
CA GLU A 51 1.76 -7.74 3.83
C GLU A 51 2.75 -7.57 2.68
N ASP A 52 3.94 -8.12 2.85
CA ASP A 52 4.98 -8.02 1.84
C ASP A 52 5.89 -9.24 1.87
N THR A 53 6.38 -9.65 0.70
CA THR A 53 7.26 -10.80 0.60
C THR A 53 8.73 -10.38 0.71
N THR A 54 9.15 -9.51 -0.21
CA THR A 54 10.53 -9.03 -0.22
C THR A 54 10.59 -7.57 -0.66
N LEU A 55 11.74 -6.94 -0.43
CA LEU A 55 11.94 -5.54 -0.80
C LEU A 55 13.22 -5.37 -1.61
N ASN A 56 14.30 -5.98 -1.14
CA ASN A 56 15.58 -5.89 -1.81
C ASN A 56 15.73 -6.98 -2.86
N ARG A 57 14.76 -7.04 -3.77
CA ARG A 57 14.78 -8.04 -4.84
C ARG A 57 14.11 -7.51 -6.10
N CYS A 58 14.30 -8.20 -7.22
CA CYS A 58 13.72 -7.80 -8.48
C CYS A 58 12.20 -7.88 -8.44
N ALA A 59 11.70 -9.00 -7.93
CA ALA A 59 10.26 -9.22 -7.82
C ALA A 59 9.74 -8.80 -6.45
N THR A 60 9.04 -7.68 -6.40
CA THR A 60 8.48 -7.18 -5.15
C THR A 60 6.96 -7.32 -5.11
N SER A 61 6.48 -8.23 -4.28
CA SER A 61 5.04 -8.46 -4.17
C SER A 61 4.46 -7.73 -2.97
N PHE A 62 3.18 -7.38 -3.04
CA PHE A 62 2.51 -6.67 -1.95
C PHE A 62 1.08 -7.16 -1.79
N ARG A 63 0.55 -7.02 -0.58
CA ARG A 63 -0.83 -7.44 -0.29
C ARG A 63 -1.53 -6.40 0.57
N VAL A 64 -2.76 -6.05 0.18
CA VAL A 64 -3.54 -5.07 0.91
C VAL A 64 -4.95 -5.59 1.19
N LEU A 65 -5.37 -5.47 2.45
CA LEU A 65 -6.69 -5.93 2.86
C LEU A 65 -7.51 -4.77 3.43
N VAL A 66 -8.76 -4.68 3.01
CA VAL A 66 -9.65 -3.61 3.48
C VAL A 66 -11.05 -4.13 3.74
N VAL A 67 -11.69 -3.62 4.78
CA VAL A 67 -13.05 -4.03 5.14
C VAL A 67 -13.83 -2.87 5.74
N SER A 68 -14.93 -2.50 5.10
CA SER A 68 -15.76 -1.41 5.58
C SER A 68 -17.02 -1.27 4.72
N ALA A 69 -17.88 -0.32 5.11
CA ALA A 69 -19.12 -0.08 4.38
C ALA A 69 -18.90 0.89 3.22
N LYS A 70 -17.81 1.63 3.27
CA LYS A 70 -17.49 2.60 2.22
C LYS A 70 -17.54 1.94 0.84
N PHE A 71 -17.18 0.67 0.78
CA PHE A 71 -17.17 -0.08 -0.47
C PHE A 71 -18.59 -0.42 -0.90
N GLU A 72 -19.47 -0.63 0.08
CA GLU A 72 -20.86 -0.97 -0.21
C GLU A 72 -21.54 0.14 -1.01
N GLY A 73 -21.10 1.38 -0.79
CA GLY A 73 -21.68 2.51 -1.50
C GLY A 73 -21.51 2.39 -3.00
N LYS A 74 -20.37 1.84 -3.43
CA LYS A 74 -20.08 1.67 -4.84
C LYS A 74 -20.05 0.20 -5.23
N PRO A 75 -20.23 -0.12 -6.52
CA PRO A 75 -20.22 -1.50 -7.02
C PRO A 75 -18.85 -2.16 -6.85
N LEU A 76 -18.68 -3.31 -7.50
CA LEU A 76 -17.42 -4.04 -7.42
C LEU A 76 -16.38 -3.46 -8.38
N LEU A 77 -16.85 -2.91 -9.49
CA LEU A 77 -15.97 -2.31 -10.48
C LEU A 77 -15.43 -0.97 -10.00
N GLN A 78 -16.25 -0.24 -9.24
CA GLN A 78 -15.86 1.06 -8.72
C GLN A 78 -14.87 0.92 -7.56
N ARG A 79 -15.19 0.04 -6.63
CA ARG A 79 -14.33 -0.19 -5.47
C ARG A 79 -12.95 -0.64 -5.90
N HIS A 80 -12.89 -1.58 -6.84
CA HIS A 80 -11.62 -2.10 -7.34
C HIS A 80 -10.84 -1.01 -8.07
N ARG A 81 -11.57 -0.15 -8.78
CA ARG A 81 -10.96 0.95 -9.52
C ARG A 81 -10.38 2.00 -8.57
N LEU A 82 -11.13 2.32 -7.52
CA LEU A 82 -10.69 3.30 -6.54
C LEU A 82 -9.36 2.90 -5.93
N VAL A 83 -9.13 1.60 -5.81
CA VAL A 83 -7.89 1.08 -5.24
C VAL A 83 -6.70 1.39 -6.13
N ASN A 84 -6.76 0.91 -7.37
CA ASN A 84 -5.69 1.13 -8.33
C ASN A 84 -5.58 2.61 -8.69
N GLU A 85 -6.72 3.29 -8.72
CA GLU A 85 -6.74 4.72 -9.05
C GLU A 85 -5.86 5.52 -8.10
N CYS A 86 -5.85 5.13 -6.83
CA CYS A 86 -5.04 5.81 -5.83
C CYS A 86 -3.55 5.58 -6.08
N LEU A 87 -3.15 4.31 -6.14
CA LEU A 87 -1.76 3.96 -6.38
C LEU A 87 -1.55 3.56 -7.84
N ALA A 88 -2.16 4.28 -8.75
CA ALA A 88 -2.05 3.99 -10.17
C ALA A 88 -0.63 4.22 -10.67
N GLU A 89 0.01 5.26 -10.15
CA GLU A 89 1.38 5.59 -10.54
C GLU A 89 2.38 4.64 -9.90
N GLU A 90 2.12 4.28 -8.64
CA GLU A 90 2.99 3.37 -7.90
C GLU A 90 2.81 1.92 -8.35
N LEU A 91 1.60 1.60 -8.81
CA LEU A 91 1.29 0.24 -9.26
C LEU A 91 2.36 -0.29 -10.21
N PRO A 92 2.61 0.41 -11.33
CA PRO A 92 3.61 -0.01 -12.30
C PRO A 92 4.93 -0.45 -11.65
N HIS A 93 5.27 0.18 -10.53
CA HIS A 93 6.49 -0.13 -9.82
C HIS A 93 6.35 -1.46 -9.06
N ILE A 94 5.14 -1.76 -8.63
CA ILE A 94 4.88 -2.99 -7.90
C ILE A 94 4.87 -4.20 -8.83
N HIS A 95 5.79 -5.13 -8.59
CA HIS A 95 5.90 -6.33 -9.41
C HIS A 95 4.66 -7.21 -9.24
N ALA A 96 4.08 -7.17 -8.05
CA ALA A 96 2.89 -7.96 -7.76
C ALA A 96 2.06 -7.31 -6.67
N PHE A 97 0.83 -6.93 -7.02
CA PHE A 97 -0.07 -6.29 -6.06
C PHE A 97 -1.40 -7.04 -5.98
N GLU A 98 -1.93 -7.15 -4.76
CA GLU A 98 -3.20 -7.84 -4.55
C GLU A 98 -4.17 -6.96 -3.77
N GLN A 99 -5.36 -6.76 -4.33
CA GLN A 99 -6.37 -5.93 -3.69
C GLN A 99 -7.62 -6.75 -3.36
N LYS A 100 -7.97 -6.79 -2.08
CA LYS A 100 -9.14 -7.54 -1.64
C LYS A 100 -10.04 -6.67 -0.75
N THR A 101 -11.27 -6.49 -1.18
CA THR A 101 -12.23 -5.68 -0.44
C THR A 101 -13.49 -6.48 -0.10
N LEU A 102 -14.02 -6.27 1.10
CA LEU A 102 -15.22 -6.98 1.53
C LEU A 102 -16.03 -6.12 2.50
N THR A 103 -17.24 -6.58 2.82
CA THR A 103 -18.11 -5.85 3.74
C THR A 103 -17.88 -6.32 5.19
N PRO A 104 -18.11 -5.41 6.16
CA PRO A 104 -17.93 -5.73 7.58
C PRO A 104 -18.72 -6.97 8.00
N GLU A 105 -19.97 -7.04 7.58
CA GLU A 105 -20.83 -8.17 7.91
C GLU A 105 -20.22 -9.48 7.43
N GLN A 106 -19.75 -9.49 6.19
CA GLN A 106 -19.14 -10.68 5.61
C GLN A 106 -17.92 -11.11 6.42
N TRP A 107 -17.01 -10.18 6.65
CA TRP A 107 -15.80 -10.47 7.40
C TRP A 107 -16.13 -10.92 8.83
N THR A 108 -17.02 -10.18 9.47
CA THR A 108 -17.44 -10.49 10.83
C THR A 108 -18.16 -11.83 10.89
N ARG A 109 -18.97 -12.11 9.87
CA ARG A 109 -19.72 -13.35 9.80
C ARG A 109 -18.82 -14.51 9.36
N GLN A 110 -17.79 -14.19 8.58
CA GLN A 110 -16.86 -15.20 8.09
C GLN A 110 -16.01 -15.77 9.22
N ARG A 111 -16.05 -15.12 10.38
CA ARG A 111 -15.29 -15.57 11.55
C ARG A 111 -16.20 -15.76 12.76
N ARG A 112 -17.13 -16.71 12.64
CA ARG A 112 -18.06 -16.99 13.73
C ARG A 112 -18.86 -15.74 14.10
N GLU A 113 -19.90 -15.92 14.90
CA GLU A 113 -20.74 -14.82 15.34
C GLU A 113 -20.04 -13.98 16.39
N MET A 1 30.18 -10.90 21.65
CA MET A 1 30.94 -10.23 20.57
C MET A 1 31.28 -8.78 20.93
N LYS A 2 32.34 -8.60 21.70
CA LYS A 2 32.76 -7.27 22.13
C LYS A 2 33.09 -6.40 20.92
N GLY A 3 34.24 -6.67 20.29
CA GLY A 3 34.65 -5.90 19.14
C GLY A 3 36.04 -6.30 18.64
N SER A 4 36.07 -7.16 17.63
CA SER A 4 37.33 -7.61 17.06
C SER A 4 37.17 -7.98 15.58
N SER A 5 36.13 -8.74 15.28
CA SER A 5 35.85 -9.15 13.91
C SER A 5 35.17 -8.04 13.13
N HIS A 6 35.45 -7.98 11.84
CA HIS A 6 34.86 -6.96 10.97
C HIS A 6 34.35 -7.57 9.67
N HIS A 7 33.65 -6.76 8.89
CA HIS A 7 33.11 -7.22 7.61
C HIS A 7 34.21 -7.32 6.56
N HIS A 8 34.88 -8.47 6.53
CA HIS A 8 35.96 -8.69 5.58
C HIS A 8 35.78 -10.02 4.86
N HIS A 9 34.52 -10.41 4.66
CA HIS A 9 34.19 -11.67 3.98
C HIS A 9 32.69 -11.83 3.83
N HIS A 10 32.27 -12.34 2.67
CA HIS A 10 30.86 -12.55 2.40
C HIS A 10 30.62 -13.94 1.80
N HIS A 11 29.87 -14.76 2.51
CA HIS A 11 29.57 -16.11 2.05
C HIS A 11 28.18 -16.18 1.42
N SER A 12 27.77 -15.07 0.80
CA SER A 12 26.46 -15.00 0.16
C SER A 12 26.60 -14.95 -1.35
N SER A 13 27.18 -13.87 -1.86
CA SER A 13 27.38 -13.70 -3.29
C SER A 13 28.14 -12.41 -3.60
N GLY A 14 27.76 -11.33 -2.91
CA GLY A 14 28.41 -10.05 -3.12
C GLY A 14 27.63 -9.14 -4.04
N ALA A 15 28.31 -8.58 -5.02
CA ALA A 15 27.67 -7.69 -5.99
C ALA A 15 27.07 -8.46 -7.16
N SER A 16 27.77 -9.51 -7.58
CA SER A 16 27.32 -10.33 -8.69
C SER A 16 27.19 -9.50 -9.97
N LEU A 17 27.16 -10.18 -11.11
CA LEU A 17 27.04 -9.51 -12.40
C LEU A 17 25.57 -9.22 -12.72
N VAL A 18 25.30 -8.02 -13.20
CA VAL A 18 23.94 -7.62 -13.56
C VAL A 18 23.01 -7.71 -12.36
N PRO A 19 23.03 -6.68 -11.48
CA PRO A 19 22.19 -6.65 -10.28
C PRO A 19 20.72 -6.44 -10.62
N ARG A 20 20.45 -5.49 -11.50
CA ARG A 20 19.08 -5.18 -11.91
C ARG A 20 18.25 -4.75 -10.71
N GLY A 21 17.00 -4.37 -10.97
CA GLY A 21 16.11 -3.94 -9.90
C GLY A 21 14.99 -3.05 -10.41
N SER A 22 14.63 -2.06 -9.61
CA SER A 22 13.56 -1.13 -9.96
C SER A 22 13.91 -0.38 -11.24
N GLU A 23 13.05 0.56 -11.63
CA GLU A 23 13.27 1.35 -12.84
C GLU A 23 14.19 2.53 -12.56
N GLY A 24 13.71 3.47 -11.74
CA GLY A 24 14.50 4.64 -11.40
C GLY A 24 14.18 5.18 -10.03
N ALA A 25 12.92 5.56 -9.82
CA ALA A 25 12.49 6.09 -8.54
C ALA A 25 12.23 4.98 -7.53
N ALA A 26 13.26 4.63 -6.76
CA ALA A 26 13.15 3.57 -5.77
C ALA A 26 14.18 3.76 -4.65
N THR A 27 14.57 5.00 -4.41
CA THR A 27 15.55 5.31 -3.38
C THR A 27 15.04 4.85 -2.01
N MET A 28 13.72 4.89 -1.84
CA MET A 28 13.11 4.48 -0.58
C MET A 28 12.34 3.17 -0.76
N GLU A 29 11.93 2.88 -1.98
CA GLU A 29 11.18 1.66 -2.28
C GLU A 29 9.83 1.67 -1.56
N LEU A 30 8.77 1.33 -2.31
CA LEU A 30 7.43 1.29 -1.76
C LEU A 30 7.39 0.62 -0.39
N SER A 31 6.39 0.98 0.41
CA SER A 31 6.24 0.40 1.75
C SER A 31 4.85 -0.17 1.94
N ALA A 32 4.75 -1.21 2.77
CA ALA A 32 3.47 -1.85 3.04
C ALA A 32 2.54 -0.93 3.83
N ASP A 33 3.13 -0.13 4.72
CA ASP A 33 2.36 0.80 5.54
C ASP A 33 1.92 2.01 4.72
N TYR A 34 2.73 2.38 3.73
CA TYR A 34 2.42 3.52 2.88
C TYR A 34 1.11 3.30 2.14
N LEU A 35 0.98 2.14 1.50
CA LEU A 35 -0.23 1.82 0.75
C LEU A 35 -1.39 1.53 1.69
N ARG A 36 -1.08 1.01 2.87
CA ARG A 36 -2.10 0.70 3.86
C ARG A 36 -2.72 1.97 4.44
N GLU A 37 -1.86 2.86 4.92
CA GLU A 37 -2.32 4.13 5.50
C GLU A 37 -2.96 5.01 4.43
N LYS A 38 -2.48 4.90 3.20
CA LYS A 38 -3.00 5.69 2.10
C LYS A 38 -4.42 5.27 1.75
N LEU A 39 -4.59 4.01 1.38
CA LEU A 39 -5.91 3.48 1.02
C LEU A 39 -6.87 3.57 2.20
N ARG A 40 -6.39 3.20 3.38
CA ARG A 40 -7.20 3.24 4.59
C ARG A 40 -7.73 4.64 4.85
N GLN A 41 -6.84 5.62 4.75
CA GLN A 41 -7.22 6.99 4.98
C GLN A 41 -8.02 7.55 3.81
N ASP A 42 -7.60 7.20 2.60
CA ASP A 42 -8.27 7.66 1.38
C ASP A 42 -9.68 7.08 1.29
N LEU A 43 -9.76 5.76 1.25
CA LEU A 43 -11.06 5.08 1.16
C LEU A 43 -11.82 5.17 2.48
N GLU A 44 -11.09 5.38 3.57
CA GLU A 44 -11.69 5.48 4.90
C GLU A 44 -12.37 4.16 5.28
N ALA A 45 -11.56 3.16 5.59
CA ALA A 45 -12.08 1.86 5.98
C ALA A 45 -11.98 1.65 7.49
N GLU A 46 -12.62 0.59 7.97
CA GLU A 46 -12.61 0.28 9.40
C GLU A 46 -11.28 -0.36 9.81
N HIS A 47 -10.99 -1.51 9.21
CA HIS A 47 -9.74 -2.22 9.51
C HIS A 47 -9.06 -2.69 8.22
N VAL A 48 -7.77 -2.39 8.10
CA VAL A 48 -7.01 -2.78 6.93
C VAL A 48 -5.76 -3.58 7.32
N GLU A 49 -5.37 -4.51 6.47
CA GLU A 49 -4.19 -5.33 6.73
C GLU A 49 -3.34 -5.48 5.46
N VAL A 50 -2.09 -5.03 5.54
CA VAL A 50 -1.18 -5.12 4.40
C VAL A 50 -0.12 -6.17 4.62
N GLU A 51 0.44 -6.69 3.53
CA GLU A 51 1.48 -7.71 3.61
C GLU A 51 2.62 -7.40 2.65
N ASP A 52 3.76 -8.04 2.87
CA ASP A 52 4.93 -7.83 2.03
C ASP A 52 5.80 -9.10 1.97
N THR A 53 6.25 -9.44 0.77
CA THR A 53 7.09 -10.62 0.58
C THR A 53 8.44 -10.24 -0.01
N THR A 54 9.35 -9.78 0.84
CA THR A 54 10.68 -9.39 0.40
C THR A 54 11.50 -10.61 -0.02
N LEU A 55 11.32 -11.04 -1.27
CA LEU A 55 12.04 -12.19 -1.79
C LEU A 55 11.72 -13.44 -0.98
N ASN A 56 10.51 -13.50 -0.45
CA ASN A 56 10.08 -14.65 0.34
C ASN A 56 9.35 -15.67 -0.53
N ARG A 57 8.46 -15.19 -1.39
CA ARG A 57 7.70 -16.05 -2.28
C ARG A 57 7.03 -15.25 -3.38
N CYS A 58 7.09 -15.75 -4.61
CA CYS A 58 6.49 -15.07 -5.75
C CYS A 58 7.08 -13.68 -5.94
N ALA A 59 8.39 -13.56 -5.69
CA ALA A 59 9.08 -12.29 -5.83
C ALA A 59 8.49 -11.23 -4.91
N THR A 60 8.90 -9.98 -5.10
CA THR A 60 8.41 -8.88 -4.28
C THR A 60 6.95 -8.58 -4.60
N SER A 61 6.06 -8.91 -3.67
CA SER A 61 4.64 -8.67 -3.84
C SER A 61 4.05 -7.96 -2.62
N PHE A 62 2.87 -7.39 -2.80
CA PHE A 62 2.19 -6.68 -1.71
C PHE A 62 0.70 -6.98 -1.71
N ARG A 63 0.20 -7.43 -0.56
CA ARG A 63 -1.21 -7.76 -0.42
C ARG A 63 -1.92 -6.76 0.47
N VAL A 64 -2.93 -6.08 -0.08
CA VAL A 64 -3.68 -5.08 0.66
C VAL A 64 -5.10 -5.56 0.95
N LEU A 65 -5.52 -5.47 2.20
CA LEU A 65 -6.85 -5.89 2.61
C LEU A 65 -7.63 -4.72 3.21
N VAL A 66 -8.91 -4.63 2.86
CA VAL A 66 -9.76 -3.56 3.36
C VAL A 66 -11.16 -4.07 3.67
N VAL A 67 -11.63 -3.78 4.89
CA VAL A 67 -12.96 -4.21 5.31
C VAL A 67 -13.77 -3.04 5.86
N SER A 68 -14.90 -2.76 5.22
CA SER A 68 -15.77 -1.66 5.64
C SER A 68 -17.06 -1.64 4.84
N ALA A 69 -17.89 -0.65 5.10
CA ALA A 69 -19.17 -0.51 4.39
C ALA A 69 -19.08 0.52 3.27
N LYS A 70 -18.08 1.40 3.35
CA LYS A 70 -17.89 2.43 2.34
C LYS A 70 -17.79 1.83 0.95
N PHE A 71 -17.26 0.60 0.88
CA PHE A 71 -17.12 -0.09 -0.40
C PHE A 71 -18.46 -0.61 -0.90
N GLU A 72 -19.34 -0.95 0.04
CA GLU A 72 -20.66 -1.47 -0.29
C GLU A 72 -21.46 -0.43 -1.10
N GLY A 73 -21.25 0.84 -0.78
CA GLY A 73 -21.95 1.90 -1.47
C GLY A 73 -21.60 1.98 -2.94
N LYS A 74 -20.37 1.57 -3.27
CA LYS A 74 -19.91 1.59 -4.66
C LYS A 74 -19.98 0.20 -5.26
N PRO A 75 -20.08 0.11 -6.61
CA PRO A 75 -20.16 -1.17 -7.32
C PRO A 75 -18.86 -1.97 -7.20
N LEU A 76 -18.93 -3.26 -7.52
CA LEU A 76 -17.77 -4.12 -7.45
C LEU A 76 -16.64 -3.61 -8.34
N LEU A 77 -17.02 -2.94 -9.43
CA LEU A 77 -16.03 -2.39 -10.37
C LEU A 77 -15.38 -1.14 -9.79
N GLN A 78 -16.13 -0.40 -8.99
CA GLN A 78 -15.62 0.83 -8.38
C GLN A 78 -14.66 0.51 -7.24
N ARG A 79 -14.91 -0.62 -6.56
CA ARG A 79 -14.07 -1.03 -5.44
C ARG A 79 -12.63 -1.22 -5.89
N HIS A 80 -12.42 -2.11 -6.87
CA HIS A 80 -11.09 -2.38 -7.38
C HIS A 80 -10.48 -1.14 -8.00
N ARG A 81 -11.26 -0.43 -8.82
CA ARG A 81 -10.79 0.78 -9.47
C ARG A 81 -10.40 1.83 -8.45
N LEU A 82 -11.10 1.85 -7.32
CA LEU A 82 -10.81 2.81 -6.25
C LEU A 82 -9.39 2.64 -5.73
N VAL A 83 -8.97 1.39 -5.56
CA VAL A 83 -7.63 1.09 -5.07
C VAL A 83 -6.58 1.31 -6.15
N ASN A 84 -6.97 1.07 -7.40
CA ASN A 84 -6.06 1.25 -8.53
C ASN A 84 -5.81 2.72 -8.80
N GLU A 85 -6.86 3.53 -8.66
CA GLU A 85 -6.75 4.97 -8.87
C GLU A 85 -5.78 5.61 -7.89
N CYS A 86 -5.87 5.21 -6.63
CA CYS A 86 -4.99 5.73 -5.59
C CYS A 86 -3.53 5.43 -5.91
N LEU A 87 -3.20 4.15 -6.03
CA LEU A 87 -1.84 3.73 -6.33
C LEU A 87 -1.68 3.44 -7.82
N ALA A 88 -2.32 4.26 -8.66
CA ALA A 88 -2.25 4.10 -10.10
C ALA A 88 -0.82 4.27 -10.60
N GLU A 89 -0.17 5.35 -10.17
CA GLU A 89 1.20 5.63 -10.58
C GLU A 89 2.18 4.71 -9.85
N GLU A 90 1.86 4.38 -8.60
CA GLU A 90 2.71 3.51 -7.79
C GLU A 90 2.59 2.05 -8.23
N LEU A 91 1.42 1.69 -8.74
CA LEU A 91 1.16 0.32 -9.18
C LEU A 91 2.27 -0.19 -10.11
N PRO A 92 2.52 0.51 -11.24
CA PRO A 92 3.56 0.12 -12.19
C PRO A 92 4.88 -0.26 -11.51
N HIS A 93 5.15 0.37 -10.38
CA HIS A 93 6.38 0.10 -9.64
C HIS A 93 6.29 -1.23 -8.91
N ILE A 94 5.07 -1.59 -8.49
CA ILE A 94 4.85 -2.84 -7.77
C ILE A 94 4.91 -4.03 -8.73
N HIS A 95 5.88 -4.91 -8.51
CA HIS A 95 6.04 -6.09 -9.35
C HIS A 95 4.81 -6.97 -9.28
N ALA A 96 4.17 -7.01 -8.12
CA ALA A 96 2.97 -7.80 -7.92
C ALA A 96 2.08 -7.20 -6.85
N PHE A 97 0.88 -6.79 -7.23
CA PHE A 97 -0.07 -6.19 -6.30
C PHE A 97 -1.37 -6.99 -6.25
N GLU A 98 -1.94 -7.09 -5.06
CA GLU A 98 -3.19 -7.81 -4.87
C GLU A 98 -4.11 -7.08 -3.89
N GLN A 99 -5.29 -6.72 -4.36
CA GLN A 99 -6.27 -6.01 -3.54
C GLN A 99 -7.54 -6.82 -3.38
N LYS A 100 -8.15 -6.73 -2.20
CA LYS A 100 -9.39 -7.46 -1.93
C LYS A 100 -10.30 -6.65 -1.01
N THR A 101 -11.50 -6.34 -1.50
CA THR A 101 -12.46 -5.56 -0.74
C THR A 101 -13.67 -6.41 -0.37
N LEU A 102 -14.12 -6.28 0.88
CA LEU A 102 -15.28 -7.04 1.36
C LEU A 102 -16.03 -6.26 2.43
N THR A 103 -17.18 -6.79 2.84
CA THR A 103 -17.99 -6.14 3.86
C THR A 103 -17.66 -6.68 5.25
N PRO A 104 -17.90 -5.87 6.30
CA PRO A 104 -17.62 -6.27 7.68
C PRO A 104 -18.48 -7.43 8.14
N GLU A 105 -19.69 -7.52 7.57
CA GLU A 105 -20.62 -8.58 7.93
C GLU A 105 -20.15 -9.92 7.38
N GLN A 106 -19.55 -9.89 6.19
CA GLN A 106 -19.05 -11.11 5.56
C GLN A 106 -17.75 -11.57 6.22
N TRP A 107 -16.84 -10.63 6.46
CA TRP A 107 -15.56 -10.95 7.08
C TRP A 107 -15.78 -11.53 8.49
N THR A 108 -16.55 -10.80 9.30
CA THR A 108 -16.82 -11.24 10.67
C THR A 108 -17.53 -12.60 10.67
N ARG A 109 -18.30 -12.86 9.62
CA ARG A 109 -19.02 -14.12 9.50
C ARG A 109 -18.15 -15.20 8.87
N GLN A 110 -17.17 -14.78 8.07
CA GLN A 110 -16.28 -15.72 7.40
C GLN A 110 -15.40 -16.46 8.41
N ARG A 111 -15.35 -15.97 9.64
CA ARG A 111 -14.56 -16.59 10.68
C ARG A 111 -15.45 -17.23 11.75
N ARG A 112 -16.59 -17.75 11.31
CA ARG A 112 -17.54 -18.39 12.22
C ARG A 112 -17.46 -19.90 12.09
N GLU A 113 -17.13 -20.56 13.20
CA GLU A 113 -17.01 -22.01 13.23
C GLU A 113 -16.81 -22.53 14.64
N MET A 1 -27.82 13.40 17.97
CA MET A 1 -27.31 14.46 17.07
C MET A 1 -27.99 14.41 15.71
N LYS A 2 -27.81 15.46 14.91
CA LYS A 2 -28.41 15.53 13.58
C LYS A 2 -27.39 15.14 12.52
N GLY A 3 -26.15 15.58 12.69
CA GLY A 3 -25.11 15.27 11.73
C GLY A 3 -24.15 14.20 12.24
N SER A 4 -23.37 13.62 11.33
CA SER A 4 -22.42 12.58 11.69
C SER A 4 -21.09 12.81 10.99
N SER A 5 -21.14 13.02 9.68
CA SER A 5 -19.92 13.25 8.90
C SER A 5 -19.74 14.74 8.61
N HIS A 6 -19.18 15.45 9.57
CA HIS A 6 -18.95 16.89 9.41
C HIS A 6 -17.69 17.32 10.16
N HIS A 7 -17.16 18.47 9.78
CA HIS A 7 -15.96 19.00 10.41
C HIS A 7 -15.79 20.49 10.14
N HIS A 8 -15.79 21.29 11.20
CA HIS A 8 -15.64 22.74 11.06
C HIS A 8 -14.20 23.16 11.29
N HIS A 9 -13.94 24.46 11.16
CA HIS A 9 -12.60 24.99 11.36
C HIS A 9 -11.62 24.37 10.37
N HIS A 10 -11.38 25.05 9.25
CA HIS A 10 -10.47 24.56 8.24
C HIS A 10 -9.10 25.24 8.37
N HIS A 11 -8.70 25.50 9.60
CA HIS A 11 -7.41 26.14 9.86
C HIS A 11 -6.58 25.33 10.85
N SER A 12 -6.70 24.00 10.75
CA SER A 12 -5.95 23.11 11.63
C SER A 12 -4.66 22.64 10.97
N SER A 13 -4.69 22.51 9.65
CA SER A 13 -3.52 22.07 8.90
C SER A 13 -2.39 23.09 9.01
N GLY A 14 -1.18 22.66 8.68
CA GLY A 14 -0.03 23.54 8.76
C GLY A 14 0.86 23.25 9.94
N ALA A 15 1.04 21.96 10.24
CA ALA A 15 1.88 21.56 11.36
C ALA A 15 1.33 22.08 12.68
N SER A 16 0.86 21.18 13.53
CA SER A 16 0.31 21.56 14.82
C SER A 16 0.95 20.76 15.95
N LEU A 17 2.26 20.50 15.81
CA LEU A 17 2.99 19.74 16.81
C LEU A 17 2.41 18.34 16.99
N VAL A 18 1.94 17.77 15.88
CA VAL A 18 1.36 16.43 15.91
C VAL A 18 0.98 15.96 14.51
N PRO A 19 1.29 14.70 14.17
CA PRO A 19 0.98 14.15 12.85
C PRO A 19 -0.52 13.93 12.65
N ARG A 20 -0.99 14.16 11.43
CA ARG A 20 -2.41 13.99 11.10
C ARG A 20 -2.58 13.28 9.77
N GLY A 21 -2.18 13.95 8.69
CA GLY A 21 -2.30 13.37 7.37
C GLY A 21 -0.96 13.15 6.70
N SER A 22 0.08 12.94 7.52
CA SER A 22 1.43 12.72 7.00
C SER A 22 1.91 13.93 6.21
N GLU A 23 3.23 14.12 6.19
CA GLU A 23 3.83 15.24 5.48
C GLU A 23 4.58 14.76 4.25
N GLY A 24 5.14 13.55 4.33
CA GLY A 24 5.87 13.00 3.21
C GLY A 24 6.94 12.01 3.65
N ALA A 25 6.52 10.79 3.95
CA ALA A 25 7.44 9.74 4.39
C ALA A 25 7.38 8.53 3.47
N ALA A 26 8.53 7.95 3.19
CA ALA A 26 8.61 6.77 2.32
C ALA A 26 8.05 7.08 0.94
N THR A 27 8.13 8.34 0.53
CA THR A 27 7.63 8.76 -0.77
C THR A 27 8.34 7.99 -1.89
N MET A 28 9.60 7.63 -1.64
CA MET A 28 10.38 6.89 -2.61
C MET A 28 10.62 5.46 -2.14
N GLU A 29 10.60 5.25 -0.83
CA GLU A 29 10.81 3.92 -0.27
C GLU A 29 9.48 3.23 0.00
N LEU A 30 8.87 2.69 -1.05
CA LEU A 30 7.60 2.00 -0.95
C LEU A 30 7.57 1.07 0.27
N SER A 31 6.55 1.24 1.11
CA SER A 31 6.40 0.41 2.31
C SER A 31 4.99 -0.14 2.42
N ALA A 32 4.85 -1.24 3.14
CA ALA A 32 3.55 -1.88 3.32
C ALA A 32 2.57 -0.94 4.01
N ASP A 33 3.04 -0.26 5.05
CA ASP A 33 2.21 0.66 5.81
C ASP A 33 1.82 1.86 4.94
N TYR A 34 2.70 2.23 4.02
CA TYR A 34 2.44 3.36 3.13
C TYR A 34 1.22 3.11 2.27
N LEU A 35 1.19 1.95 1.61
CA LEU A 35 0.08 1.59 0.75
C LEU A 35 -1.18 1.33 1.57
N ARG A 36 -1.00 0.84 2.79
CA ARG A 36 -2.12 0.54 3.67
C ARG A 36 -2.72 1.82 4.23
N GLU A 37 -1.88 2.68 4.78
CA GLU A 37 -2.33 3.95 5.35
C GLU A 37 -3.00 4.80 4.29
N LYS A 38 -2.43 4.83 3.09
CA LYS A 38 -2.98 5.61 2.00
C LYS A 38 -4.40 5.16 1.66
N LEU A 39 -4.55 3.86 1.41
CA LEU A 39 -5.86 3.30 1.09
C LEU A 39 -6.85 3.50 2.23
N ARG A 40 -6.38 3.27 3.46
CA ARG A 40 -7.22 3.42 4.64
C ARG A 40 -7.73 4.84 4.76
N GLN A 41 -6.84 5.80 4.59
CA GLN A 41 -7.22 7.19 4.69
C GLN A 41 -8.00 7.64 3.46
N ASP A 42 -7.48 7.29 2.28
CA ASP A 42 -8.11 7.67 1.02
C ASP A 42 -9.52 7.09 0.94
N LEU A 43 -9.66 5.81 1.24
CA LEU A 43 -10.95 5.14 1.19
C LEU A 43 -11.72 5.36 2.50
N GLU A 44 -10.99 5.62 3.57
CA GLU A 44 -11.62 5.85 4.88
C GLU A 44 -12.31 4.58 5.37
N ALA A 45 -11.62 3.45 5.28
CA ALA A 45 -12.17 2.18 5.72
C ALA A 45 -12.12 2.05 7.24
N GLU A 46 -12.53 0.89 7.74
CA GLU A 46 -12.52 0.64 9.18
C GLU A 46 -11.25 -0.11 9.60
N HIS A 47 -10.98 -1.23 8.94
CA HIS A 47 -9.80 -2.03 9.24
C HIS A 47 -9.09 -2.46 7.96
N VAL A 48 -7.78 -2.29 7.92
CA VAL A 48 -6.99 -2.66 6.76
C VAL A 48 -5.79 -3.52 7.16
N GLU A 49 -5.35 -4.38 6.24
CA GLU A 49 -4.22 -5.26 6.50
C GLU A 49 -3.32 -5.36 5.27
N VAL A 50 -2.03 -5.07 5.46
CA VAL A 50 -1.07 -5.14 4.35
C VAL A 50 -0.04 -6.24 4.60
N GLU A 51 0.57 -6.71 3.51
CA GLU A 51 1.57 -7.77 3.60
C GLU A 51 2.75 -7.48 2.69
N ASP A 52 3.85 -8.18 2.90
CA ASP A 52 5.05 -8.00 2.10
C ASP A 52 5.84 -9.30 2.01
N THR A 53 6.24 -9.66 0.79
CA THR A 53 7.01 -10.88 0.56
C THR A 53 8.49 -10.59 0.48
N THR A 54 8.92 -9.98 -0.63
CA THR A 54 10.31 -9.64 -0.83
C THR A 54 11.18 -10.88 -0.84
N LEU A 55 11.81 -11.16 -1.98
CA LEU A 55 12.67 -12.32 -2.12
C LEU A 55 13.83 -12.27 -1.13
N ASN A 56 14.50 -11.12 -1.07
CA ASN A 56 15.62 -10.95 -0.16
C ASN A 56 15.56 -9.58 0.50
N ARG A 57 15.90 -8.54 -0.25
CA ARG A 57 15.89 -7.17 0.27
C ARG A 57 14.94 -6.29 -0.54
N CYS A 58 15.20 -6.16 -1.82
CA CYS A 58 14.38 -5.35 -2.70
C CYS A 58 12.94 -5.87 -2.73
N ALA A 59 11.97 -4.96 -2.64
CA ALA A 59 10.57 -5.32 -2.65
C ALA A 59 10.19 -5.99 -3.97
N THR A 60 9.06 -6.70 -3.96
CA THR A 60 8.58 -7.38 -5.16
C THR A 60 7.06 -7.32 -5.25
N SER A 61 6.39 -7.95 -4.30
CA SER A 61 4.93 -7.97 -4.27
C SER A 61 4.41 -7.40 -2.96
N PHE A 62 3.14 -6.99 -2.97
CA PHE A 62 2.52 -6.42 -1.78
C PHE A 62 1.02 -6.71 -1.76
N ARG A 63 0.53 -7.19 -0.63
CA ARG A 63 -0.89 -7.52 -0.48
C ARG A 63 -1.60 -6.44 0.33
N VAL A 64 -2.78 -6.03 -0.14
CA VAL A 64 -3.56 -5.02 0.55
C VAL A 64 -5.01 -5.46 0.72
N LEU A 65 -5.54 -5.28 1.93
CA LEU A 65 -6.92 -5.66 2.23
C LEU A 65 -7.66 -4.53 2.93
N VAL A 66 -8.89 -4.30 2.53
CA VAL A 66 -9.71 -3.24 3.14
C VAL A 66 -11.09 -3.76 3.51
N VAL A 67 -11.55 -3.40 4.71
CA VAL A 67 -12.85 -3.84 5.19
C VAL A 67 -13.66 -2.65 5.72
N SER A 68 -14.84 -2.43 5.16
CA SER A 68 -15.69 -1.34 5.58
C SER A 68 -17.04 -1.38 4.86
N ALA A 69 -17.90 -0.43 5.16
CA ALA A 69 -19.22 -0.35 4.54
C ALA A 69 -19.24 0.66 3.40
N LYS A 70 -18.26 1.56 3.39
CA LYS A 70 -18.18 2.58 2.34
C LYS A 70 -18.17 1.94 0.96
N PHE A 71 -17.62 0.73 0.87
CA PHE A 71 -17.54 0.02 -0.40
C PHE A 71 -18.91 -0.53 -0.80
N GLU A 72 -19.72 -0.87 0.20
CA GLU A 72 -21.06 -1.41 -0.06
C GLU A 72 -21.90 -0.43 -0.86
N GLY A 73 -21.65 0.87 -0.65
CA GLY A 73 -22.39 1.89 -1.36
C GLY A 73 -22.09 1.90 -2.85
N LYS A 74 -20.87 1.51 -3.20
CA LYS A 74 -20.44 1.48 -4.59
C LYS A 74 -20.40 0.05 -5.12
N PRO A 75 -20.56 -0.13 -6.44
CA PRO A 75 -20.54 -1.45 -7.07
C PRO A 75 -19.19 -2.15 -6.90
N LEU A 76 -19.19 -3.47 -7.05
CA LEU A 76 -17.98 -4.26 -6.92
C LEU A 76 -16.89 -3.78 -7.89
N LEU A 77 -17.32 -3.39 -9.09
CA LEU A 77 -16.39 -2.90 -10.10
C LEU A 77 -15.69 -1.62 -9.65
N GLN A 78 -16.42 -0.80 -8.89
CA GLN A 78 -15.88 0.45 -8.39
C GLN A 78 -14.90 0.21 -7.24
N ARG A 79 -15.13 -0.86 -6.49
CA ARG A 79 -14.28 -1.21 -5.36
C ARG A 79 -12.84 -1.41 -5.81
N HIS A 80 -12.64 -2.34 -6.75
CA HIS A 80 -11.31 -2.64 -7.26
C HIS A 80 -10.72 -1.43 -7.99
N ARG A 81 -11.54 -0.78 -8.82
CA ARG A 81 -11.10 0.39 -9.56
C ARG A 81 -10.64 1.50 -8.62
N LEU A 82 -11.36 1.66 -7.51
CA LEU A 82 -11.03 2.69 -6.53
C LEU A 82 -9.62 2.47 -5.97
N VAL A 83 -9.33 1.22 -5.59
CA VAL A 83 -8.04 0.88 -5.03
C VAL A 83 -6.91 1.20 -6.01
N ASN A 84 -7.15 0.92 -7.30
CA ASN A 84 -6.16 1.16 -8.33
C ASN A 84 -5.91 2.66 -8.48
N GLU A 85 -6.94 3.47 -8.22
CA GLU A 85 -6.81 4.91 -8.33
C GLU A 85 -5.86 5.46 -7.27
N CYS A 86 -5.92 4.88 -6.08
CA CYS A 86 -5.06 5.31 -4.98
C CYS A 86 -3.58 5.15 -5.34
N LEU A 87 -3.18 3.91 -5.61
CA LEU A 87 -1.81 3.61 -5.97
C LEU A 87 -1.66 3.40 -7.48
N ALA A 88 -2.29 4.28 -8.26
CA ALA A 88 -2.24 4.20 -9.71
C ALA A 88 -0.81 4.39 -10.22
N GLU A 89 -0.15 5.43 -9.73
CA GLU A 89 1.21 5.73 -10.14
C GLU A 89 2.21 4.77 -9.49
N GLU A 90 1.91 4.37 -8.26
CA GLU A 90 2.78 3.45 -7.52
C GLU A 90 2.64 2.02 -8.03
N LEU A 91 1.46 1.68 -8.55
CA LEU A 91 1.21 0.34 -9.07
C LEU A 91 2.30 -0.10 -10.04
N PRO A 92 2.51 0.67 -11.13
CA PRO A 92 3.52 0.34 -12.13
C PRO A 92 4.86 -0.07 -11.51
N HIS A 93 5.17 0.50 -10.36
CA HIS A 93 6.41 0.20 -9.66
C HIS A 93 6.33 -1.18 -8.98
N ILE A 94 5.14 -1.54 -8.55
CA ILE A 94 4.91 -2.83 -7.89
C ILE A 94 4.94 -3.98 -8.89
N HIS A 95 5.92 -4.87 -8.75
CA HIS A 95 6.04 -6.01 -9.64
C HIS A 95 4.80 -6.88 -9.58
N ALA A 96 4.19 -6.96 -8.40
CA ALA A 96 2.98 -7.75 -8.20
C ALA A 96 2.11 -7.15 -7.10
N PHE A 97 0.92 -6.71 -7.47
CA PHE A 97 -0.01 -6.11 -6.52
C PHE A 97 -1.33 -6.87 -6.47
N GLU A 98 -1.91 -7.00 -5.28
CA GLU A 98 -3.17 -7.70 -5.11
C GLU A 98 -4.02 -7.02 -4.05
N GLN A 99 -5.21 -6.57 -4.44
CA GLN A 99 -6.12 -5.90 -3.53
C GLN A 99 -7.47 -6.60 -3.49
N LYS A 100 -8.13 -6.52 -2.34
CA LYS A 100 -9.44 -7.15 -2.16
C LYS A 100 -10.35 -6.29 -1.30
N THR A 101 -11.64 -6.30 -1.60
CA THR A 101 -12.61 -5.51 -0.86
C THR A 101 -13.72 -6.39 -0.31
N LEU A 102 -14.06 -6.22 0.96
CA LEU A 102 -15.11 -6.99 1.60
C LEU A 102 -15.79 -6.18 2.70
N THR A 103 -17.00 -6.59 3.07
CA THR A 103 -17.76 -5.91 4.11
C THR A 103 -17.29 -6.34 5.49
N PRO A 104 -17.60 -5.53 6.53
CA PRO A 104 -17.21 -5.83 7.91
C PRO A 104 -17.95 -7.03 8.47
N GLU A 105 -19.23 -7.12 8.18
CA GLU A 105 -20.06 -8.22 8.66
C GLU A 105 -19.53 -9.56 8.16
N GLN A 106 -19.00 -9.55 6.93
CA GLN A 106 -18.46 -10.77 6.34
C GLN A 106 -17.10 -11.13 6.96
N TRP A 107 -16.20 -10.15 7.01
CA TRP A 107 -14.88 -10.36 7.58
C TRP A 107 -14.98 -10.77 9.05
N THR A 108 -15.73 -10.00 9.82
CA THR A 108 -15.91 -10.28 11.25
C THR A 108 -16.50 -11.67 11.46
N ARG A 109 -17.31 -12.12 10.50
CA ARG A 109 -17.93 -13.43 10.58
C ARG A 109 -16.98 -14.53 10.12
N GLN A 110 -16.10 -14.18 9.19
CA GLN A 110 -15.13 -15.13 8.66
C GLN A 110 -13.71 -14.77 9.11
N ARG A 111 -13.58 -14.38 10.36
CA ARG A 111 -12.28 -14.01 10.92
C ARG A 111 -11.62 -15.20 11.61
N ARG A 112 -11.31 -16.24 10.83
CA ARG A 112 -10.68 -17.43 11.38
C ARG A 112 -11.55 -18.07 12.45
N GLU A 113 -12.86 -17.94 12.30
CA GLU A 113 -13.81 -18.50 13.25
C GLU A 113 -13.60 -17.91 14.64
N MET A 1 27.58 5.80 57.31
CA MET A 1 28.72 5.33 58.14
C MET A 1 29.99 6.12 57.84
N LYS A 2 30.49 5.98 56.61
CA LYS A 2 31.70 6.67 56.21
C LYS A 2 31.89 6.58 54.69
N GLY A 3 31.95 5.36 54.18
CA GLY A 3 32.12 5.16 52.75
C GLY A 3 30.84 4.74 52.06
N SER A 4 29.86 5.63 52.05
CA SER A 4 28.58 5.34 51.42
C SER A 4 28.34 6.26 50.22
N SER A 5 28.20 7.55 50.49
CA SER A 5 27.96 8.53 49.44
C SER A 5 29.21 8.70 48.57
N HIS A 6 28.99 8.91 47.28
CA HIS A 6 30.10 9.10 46.34
C HIS A 6 30.99 7.86 46.32
N HIS A 7 30.76 7.00 45.33
CA HIS A 7 31.54 5.78 45.19
C HIS A 7 31.69 5.38 43.72
N HIS A 8 31.82 6.39 42.86
CA HIS A 8 31.95 6.15 41.42
C HIS A 8 33.15 6.93 40.86
N HIS A 9 34.22 7.03 41.64
CA HIS A 9 35.41 7.73 41.23
C HIS A 9 36.10 7.01 40.07
N HIS A 10 36.27 5.70 40.21
CA HIS A 10 36.91 4.90 39.19
C HIS A 10 35.89 4.33 38.22
N HIS A 11 36.14 4.51 36.92
CA HIS A 11 35.24 4.01 35.88
C HIS A 11 35.86 2.84 35.14
N SER A 12 37.19 2.84 35.04
CA SER A 12 37.89 1.76 34.35
C SER A 12 37.49 1.71 32.88
N SER A 13 38.46 2.00 32.00
CA SER A 13 38.20 1.98 30.57
C SER A 13 37.14 2.99 30.19
N GLY A 14 37.18 3.45 28.94
CA GLY A 14 36.20 4.42 28.47
C GLY A 14 35.66 4.09 27.10
N ALA A 15 35.66 2.80 26.76
CA ALA A 15 35.15 2.35 25.46
C ALA A 15 33.92 1.47 25.63
N SER A 16 33.41 0.97 24.51
CA SER A 16 32.22 0.13 24.53
C SER A 16 31.92 -0.43 23.13
N LEU A 17 31.26 -1.58 23.09
CA LEU A 17 30.92 -2.22 21.82
C LEU A 17 29.41 -2.35 21.68
N VAL A 18 28.79 -1.38 21.02
CA VAL A 18 27.35 -1.39 20.81
C VAL A 18 27.00 -1.15 19.34
N PRO A 19 26.88 -2.24 18.55
CA PRO A 19 26.54 -2.14 17.13
C PRO A 19 25.12 -1.64 16.90
N ARG A 20 24.83 -1.25 15.66
CA ARG A 20 23.51 -0.75 15.30
C ARG A 20 22.79 -1.73 14.37
N GLY A 21 21.52 -1.44 14.09
CA GLY A 21 20.75 -2.30 13.21
C GLY A 21 19.95 -1.52 12.19
N SER A 22 19.31 -0.44 12.64
CA SER A 22 18.50 0.38 11.76
C SER A 22 19.37 1.41 11.03
N GLU A 23 20.03 0.98 9.98
CA GLU A 23 20.90 1.87 9.19
C GLU A 23 20.17 2.38 7.96
N GLY A 24 18.88 2.66 8.10
CA GLY A 24 18.09 3.15 6.99
C GLY A 24 16.60 3.14 7.28
N ALA A 25 15.85 3.96 6.57
CA ALA A 25 14.40 4.04 6.74
C ALA A 25 13.68 3.93 5.40
N ALA A 26 12.36 4.00 5.45
CA ALA A 26 11.55 3.92 4.23
C ALA A 26 10.51 5.02 4.18
N THR A 27 10.82 6.15 4.82
CA THR A 27 9.91 7.29 4.85
C THR A 27 9.59 7.76 3.43
N MET A 28 10.55 7.58 2.54
CA MET A 28 10.39 7.97 1.14
C MET A 28 10.29 6.76 0.23
N GLU A 29 10.89 5.65 0.66
CA GLU A 29 10.87 4.42 -0.12
C GLU A 29 9.58 3.65 0.12
N LEU A 30 9.22 2.79 -0.84
CA LEU A 30 8.00 2.00 -0.75
C LEU A 30 7.83 1.40 0.64
N SER A 31 6.60 1.07 0.99
CA SER A 31 6.30 0.48 2.29
C SER A 31 4.89 -0.12 2.32
N ALA A 32 4.73 -1.20 3.07
CA ALA A 32 3.45 -1.86 3.18
C ALA A 32 2.42 -0.98 3.89
N ASP A 33 2.86 -0.33 4.96
CA ASP A 33 1.99 0.55 5.73
C ASP A 33 1.58 1.78 4.90
N TYR A 34 2.48 2.20 4.01
CA TYR A 34 2.21 3.35 3.16
C TYR A 34 0.96 3.13 2.31
N LEU A 35 0.94 2.05 1.56
CA LEU A 35 -0.19 1.73 0.70
C LEU A 35 -1.44 1.44 1.54
N ARG A 36 -1.23 0.90 2.73
CA ARG A 36 -2.33 0.57 3.63
C ARG A 36 -3.03 1.84 4.12
N GLU A 37 -2.26 2.70 4.78
CA GLU A 37 -2.80 3.96 5.30
C GLU A 37 -3.40 4.80 4.19
N LYS A 38 -2.83 4.68 2.98
CA LYS A 38 -3.31 5.45 1.84
C LYS A 38 -4.76 5.10 1.53
N LEU A 39 -5.02 3.83 1.25
CA LEU A 39 -6.37 3.39 0.94
C LEU A 39 -7.28 3.49 2.16
N ARG A 40 -6.69 3.31 3.34
CA ARG A 40 -7.46 3.40 4.58
C ARG A 40 -8.10 4.76 4.75
N GLN A 41 -7.27 5.80 4.70
CA GLN A 41 -7.77 7.15 4.84
C GLN A 41 -8.49 7.61 3.58
N ASP A 42 -8.02 7.14 2.43
CA ASP A 42 -8.62 7.51 1.15
C ASP A 42 -10.06 7.03 1.07
N LEU A 43 -10.26 5.73 1.30
CA LEU A 43 -11.60 5.14 1.26
C LEU A 43 -12.28 5.22 2.62
N GLU A 44 -11.50 5.45 3.67
CA GLU A 44 -12.04 5.54 5.02
C GLU A 44 -12.65 4.22 5.45
N ALA A 45 -11.80 3.27 5.82
CA ALA A 45 -12.26 1.96 6.26
C ALA A 45 -12.10 1.79 7.77
N GLU A 46 -12.61 0.67 8.29
CA GLU A 46 -12.53 0.39 9.71
C GLU A 46 -11.21 -0.30 10.06
N HIS A 47 -10.96 -1.44 9.44
CA HIS A 47 -9.75 -2.20 9.67
C HIS A 47 -9.10 -2.62 8.36
N VAL A 48 -7.82 -2.29 8.20
CA VAL A 48 -7.08 -2.64 6.99
C VAL A 48 -5.77 -3.36 7.31
N GLU A 49 -5.42 -4.33 6.48
CA GLU A 49 -4.19 -5.09 6.68
C GLU A 49 -3.39 -5.17 5.39
N VAL A 50 -2.06 -5.14 5.52
CA VAL A 50 -1.18 -5.20 4.36
C VAL A 50 -0.16 -6.33 4.51
N GLU A 51 0.35 -6.81 3.38
CA GLU A 51 1.33 -7.89 3.38
C GLU A 51 2.51 -7.55 2.47
N ASP A 52 3.54 -8.38 2.51
CA ASP A 52 4.73 -8.17 1.69
C ASP A 52 5.38 -9.51 1.33
N THR A 53 5.65 -9.70 0.04
CA THR A 53 6.28 -10.93 -0.44
C THR A 53 7.22 -10.64 -1.59
N THR A 54 8.52 -10.63 -1.30
CA THR A 54 9.54 -10.37 -2.32
C THR A 54 10.79 -11.20 -2.05
N LEU A 55 11.69 -11.24 -3.04
CA LEU A 55 12.93 -12.00 -2.91
C LEU A 55 14.14 -11.14 -3.27
N ASN A 56 13.95 -9.82 -3.30
CA ASN A 56 15.03 -8.89 -3.65
C ASN A 56 15.64 -9.25 -5.01
N ARG A 57 15.25 -8.49 -6.02
CA ARG A 57 15.77 -8.72 -7.37
C ARG A 57 15.48 -7.52 -8.28
N CYS A 58 14.23 -7.38 -8.71
CA CYS A 58 13.84 -6.28 -9.57
C CYS A 58 12.95 -5.29 -8.82
N ALA A 59 11.75 -5.74 -8.45
CA ALA A 59 10.81 -4.90 -7.73
C ALA A 59 10.28 -5.61 -6.48
N THR A 60 9.35 -4.97 -5.79
CA THR A 60 8.77 -5.53 -4.58
C THR A 60 7.25 -5.67 -4.72
N SER A 61 6.70 -6.74 -4.16
CA SER A 61 5.27 -6.98 -4.22
C SER A 61 4.63 -6.77 -2.85
N PHE A 62 3.36 -6.37 -2.84
CA PHE A 62 2.64 -6.14 -1.61
C PHE A 62 1.14 -6.41 -1.78
N ARG A 63 0.49 -6.79 -0.69
CA ARG A 63 -0.94 -7.09 -0.72
C ARG A 63 -1.70 -6.14 0.20
N VAL A 64 -2.72 -5.49 -0.34
CA VAL A 64 -3.53 -4.55 0.44
C VAL A 64 -4.88 -5.16 0.82
N LEU A 65 -5.29 -4.95 2.06
CA LEU A 65 -6.57 -5.47 2.54
C LEU A 65 -7.36 -4.39 3.27
N VAL A 66 -8.64 -4.27 2.94
CA VAL A 66 -9.51 -3.28 3.56
C VAL A 66 -10.88 -3.86 3.88
N VAL A 67 -11.45 -3.42 5.00
CA VAL A 67 -12.76 -3.90 5.42
C VAL A 67 -13.64 -2.74 5.88
N SER A 68 -14.77 -2.55 5.21
CA SER A 68 -15.69 -1.48 5.55
C SER A 68 -16.89 -1.48 4.61
N ALA A 69 -17.76 -0.49 4.77
CA ALA A 69 -18.95 -0.36 3.93
C ALA A 69 -18.73 0.61 2.77
N LYS A 70 -17.52 1.17 2.69
CA LYS A 70 -17.19 2.11 1.63
C LYS A 70 -17.35 1.46 0.25
N PHE A 71 -16.89 0.22 0.15
CA PHE A 71 -16.97 -0.52 -1.11
C PHE A 71 -18.41 -0.98 -1.37
N GLU A 72 -19.14 -1.25 -0.30
CA GLU A 72 -20.52 -1.71 -0.40
C GLU A 72 -21.38 -0.68 -1.14
N GLY A 73 -21.22 0.59 -0.76
CA GLY A 73 -21.98 1.65 -1.41
C GLY A 73 -21.64 1.80 -2.87
N LYS A 74 -20.38 1.61 -3.22
CA LYS A 74 -19.92 1.74 -4.59
C LYS A 74 -20.00 0.40 -5.31
N PRO A 75 -20.09 0.42 -6.66
CA PRO A 75 -20.18 -0.80 -7.47
C PRO A 75 -19.06 -1.79 -7.13
N LEU A 76 -19.08 -2.93 -7.82
CA LEU A 76 -18.07 -3.96 -7.60
C LEU A 76 -16.76 -3.60 -8.29
N LEU A 77 -16.85 -3.12 -9.53
CA LEU A 77 -15.69 -2.74 -10.30
C LEU A 77 -15.13 -1.40 -9.81
N GLN A 78 -16.01 -0.55 -9.31
CA GLN A 78 -15.61 0.77 -8.81
C GLN A 78 -14.66 0.63 -7.62
N ARG A 79 -15.05 -0.21 -6.66
CA ARG A 79 -14.24 -0.43 -5.46
C ARG A 79 -12.86 -0.97 -5.84
N HIS A 80 -12.83 -1.86 -6.83
CA HIS A 80 -11.57 -2.44 -7.28
C HIS A 80 -10.71 -1.41 -8.00
N ARG A 81 -11.36 -0.57 -8.81
CA ARG A 81 -10.66 0.47 -9.55
C ARG A 81 -10.20 1.60 -8.63
N LEU A 82 -10.99 1.85 -7.59
CA LEU A 82 -10.67 2.90 -6.63
C LEU A 82 -9.32 2.65 -5.96
N VAL A 83 -9.09 1.40 -5.56
CA VAL A 83 -7.84 1.03 -4.92
C VAL A 83 -6.66 1.18 -5.87
N ASN A 84 -6.84 0.70 -7.10
CA ASN A 84 -5.78 0.78 -8.11
C ASN A 84 -5.52 2.24 -8.49
N GLU A 85 -6.57 3.03 -8.57
CA GLU A 85 -6.44 4.43 -8.93
C GLU A 85 -5.57 5.18 -7.91
N CYS A 86 -5.69 4.80 -6.64
CA CYS A 86 -4.91 5.42 -5.58
C CYS A 86 -3.42 5.21 -5.81
N LEU A 87 -3.00 3.96 -5.93
CA LEU A 87 -1.60 3.64 -6.15
C LEU A 87 -1.33 3.39 -7.63
N ALA A 88 -1.96 4.21 -8.48
CA ALA A 88 -1.79 4.08 -9.93
C ALA A 88 -0.34 4.33 -10.34
N GLU A 89 0.26 5.37 -9.77
CA GLU A 89 1.65 5.71 -10.08
C GLU A 89 2.62 4.76 -9.39
N GLU A 90 2.28 4.36 -8.17
CA GLU A 90 3.12 3.45 -7.40
C GLU A 90 3.01 2.02 -7.91
N LEU A 91 1.84 1.67 -8.45
CA LEU A 91 1.60 0.33 -8.96
C LEU A 91 2.74 -0.14 -9.88
N PRO A 92 3.02 0.61 -10.96
CA PRO A 92 4.08 0.25 -11.89
C PRO A 92 5.37 -0.17 -11.20
N HIS A 93 5.64 0.43 -10.04
CA HIS A 93 6.84 0.12 -9.27
C HIS A 93 6.70 -1.23 -8.58
N ILE A 94 5.47 -1.58 -8.21
CA ILE A 94 5.20 -2.84 -7.53
C ILE A 94 5.26 -4.01 -8.51
N HIS A 95 6.05 -5.02 -8.16
CA HIS A 95 6.19 -6.20 -9.00
C HIS A 95 4.89 -7.00 -9.04
N ALA A 96 4.22 -7.04 -7.90
CA ALA A 96 2.95 -7.76 -7.80
C ALA A 96 2.07 -7.15 -6.71
N PHE A 97 0.91 -6.65 -7.12
CA PHE A 97 -0.02 -6.03 -6.19
C PHE A 97 -1.38 -6.74 -6.21
N GLU A 98 -1.92 -6.99 -5.03
CA GLU A 98 -3.22 -7.66 -4.92
C GLU A 98 -4.19 -6.83 -4.11
N GLN A 99 -5.43 -6.73 -4.59
CA GLN A 99 -6.46 -5.96 -3.92
C GLN A 99 -7.64 -6.85 -3.51
N LYS A 100 -7.92 -6.88 -2.21
CA LYS A 100 -9.02 -7.68 -1.70
C LYS A 100 -9.86 -6.89 -0.71
N THR A 101 -11.15 -6.74 -1.02
CA THR A 101 -12.06 -6.00 -0.15
C THR A 101 -13.18 -6.89 0.36
N LEU A 102 -13.67 -6.59 1.56
CA LEU A 102 -14.75 -7.37 2.16
C LEU A 102 -15.60 -6.50 3.09
N THR A 103 -16.86 -6.87 3.24
CA THR A 103 -17.77 -6.13 4.09
C THR A 103 -17.53 -6.44 5.57
N PRO A 104 -17.85 -5.50 6.47
CA PRO A 104 -17.65 -5.67 7.91
C PRO A 104 -18.29 -6.97 8.42
N GLU A 105 -19.52 -7.21 7.99
CA GLU A 105 -20.24 -8.41 8.41
C GLU A 105 -19.49 -9.67 7.99
N GLN A 106 -18.93 -9.66 6.79
CA GLN A 106 -18.18 -10.80 6.28
C GLN A 106 -16.97 -11.09 7.15
N TRP A 107 -16.16 -10.07 7.40
CA TRP A 107 -14.96 -10.21 8.23
C TRP A 107 -15.33 -10.61 9.65
N THR A 108 -16.28 -9.87 10.24
CA THR A 108 -16.72 -10.14 11.61
C THR A 108 -17.27 -11.56 11.72
N ARG A 109 -17.87 -12.05 10.64
CA ARG A 109 -18.44 -13.40 10.63
C ARG A 109 -17.33 -14.45 10.63
N GLN A 110 -16.20 -14.12 10.00
CA GLN A 110 -15.08 -15.03 9.92
C GLN A 110 -13.94 -14.58 10.84
N ARG A 111 -14.27 -14.36 12.11
CA ARG A 111 -13.28 -13.93 13.09
C ARG A 111 -12.77 -15.12 13.90
N ARG A 112 -12.51 -16.23 13.22
CA ARG A 112 -12.01 -17.43 13.87
C ARG A 112 -13.01 -17.96 14.88
N GLU A 113 -14.02 -18.68 14.39
CA GLU A 113 -15.06 -19.24 15.26
C GLU A 113 -14.49 -20.39 16.09
N MET A 1 17.95 29.31 11.92
CA MET A 1 18.01 30.79 11.83
C MET A 1 19.36 31.32 12.29
N LYS A 2 20.16 31.77 11.34
CA LYS A 2 21.49 32.31 11.65
C LYS A 2 22.36 31.25 12.30
N GLY A 3 22.21 30.00 11.86
CA GLY A 3 22.99 28.91 12.42
C GLY A 3 22.70 27.59 11.74
N SER A 4 21.42 27.28 11.57
CA SER A 4 21.02 26.03 10.93
C SER A 4 19.88 26.27 9.95
N SER A 5 19.92 25.56 8.83
CA SER A 5 18.88 25.70 7.80
C SER A 5 18.74 24.41 7.01
N HIS A 6 17.50 23.90 6.92
CA HIS A 6 17.22 22.67 6.20
C HIS A 6 16.10 22.88 5.19
N HIS A 7 16.01 24.08 4.65
CA HIS A 7 14.97 24.41 3.68
C HIS A 7 15.43 25.56 2.76
N HIS A 8 15.19 25.39 1.47
CA HIS A 8 15.57 26.40 0.49
C HIS A 8 14.38 27.30 0.14
N HIS A 9 14.44 28.56 0.57
CA HIS A 9 13.38 29.52 0.31
C HIS A 9 13.96 30.90 0.00
N HIS A 10 13.23 31.68 -0.78
CA HIS A 10 13.66 33.01 -1.14
C HIS A 10 12.51 33.83 -1.72
N HIS A 11 12.61 35.15 -1.64
CA HIS A 11 11.57 36.03 -2.16
C HIS A 11 12.03 36.70 -3.45
N SER A 12 13.27 37.20 -3.46
CA SER A 12 13.82 37.87 -4.63
C SER A 12 14.75 36.93 -5.39
N SER A 13 14.16 36.04 -6.19
CA SER A 13 14.93 35.09 -6.97
C SER A 13 14.51 35.11 -8.44
N GLY A 14 13.20 35.12 -8.67
CA GLY A 14 12.69 35.14 -10.03
C GLY A 14 11.18 35.05 -10.08
N ALA A 15 10.64 34.81 -11.27
CA ALA A 15 9.20 34.71 -11.46
C ALA A 15 8.80 33.27 -11.76
N SER A 16 9.69 32.54 -12.42
CA SER A 16 9.42 31.15 -12.78
C SER A 16 10.14 30.20 -11.83
N LEU A 17 10.15 28.91 -12.18
CA LEU A 17 10.81 27.90 -11.36
C LEU A 17 10.19 27.84 -9.97
N VAL A 18 8.91 28.19 -9.88
CA VAL A 18 8.21 28.16 -8.60
C VAL A 18 7.65 26.77 -8.28
N PRO A 19 7.01 26.11 -9.27
CA PRO A 19 6.45 24.77 -9.07
C PRO A 19 7.48 23.78 -8.55
N ARG A 20 7.37 23.45 -7.27
CA ARG A 20 8.30 22.50 -6.65
C ARG A 20 7.55 21.31 -6.05
N GLY A 21 7.80 20.13 -6.60
CA GLY A 21 7.14 18.93 -6.11
C GLY A 21 7.51 18.62 -4.67
N SER A 22 6.69 19.11 -3.73
CA SER A 22 6.93 18.88 -2.31
C SER A 22 5.93 17.87 -1.76
N GLU A 23 6.10 17.52 -0.48
CA GLU A 23 5.21 16.56 0.17
C GLU A 23 5.27 15.22 -0.52
N GLY A 24 6.30 14.44 -0.23
CA GLY A 24 6.44 13.12 -0.83
C GLY A 24 7.85 12.57 -0.70
N ALA A 25 8.24 12.26 0.53
CA ALA A 25 9.56 11.72 0.80
C ALA A 25 9.74 10.35 0.15
N ALA A 26 10.80 10.19 -0.62
CA ALA A 26 11.08 8.92 -1.30
C ALA A 26 12.28 8.22 -0.66
N THR A 27 12.48 8.46 0.63
CA THR A 27 13.59 7.85 1.34
C THR A 27 13.44 6.33 1.38
N MET A 28 12.19 5.87 1.37
CA MET A 28 11.90 4.44 1.40
C MET A 28 11.26 3.98 0.09
N GLU A 29 10.72 4.93 -0.67
CA GLU A 29 10.09 4.62 -1.95
C GLU A 29 9.10 3.47 -1.80
N LEU A 30 7.83 3.81 -1.61
CA LEU A 30 6.78 2.81 -1.46
C LEU A 30 7.04 1.92 -0.25
N SER A 31 5.97 1.39 0.33
CA SER A 31 6.07 0.52 1.50
C SER A 31 4.71 -0.02 1.90
N ALA A 32 4.71 -1.13 2.64
CA ALA A 32 3.47 -1.75 3.09
C ALA A 32 2.65 -0.78 3.95
N ASP A 33 3.31 -0.12 4.90
CA ASP A 33 2.65 0.83 5.78
C ASP A 33 2.12 2.02 5.00
N TYR A 34 2.83 2.38 3.92
CA TYR A 34 2.44 3.51 3.09
C TYR A 34 1.13 3.21 2.35
N LEU A 35 1.12 2.11 1.61
CA LEU A 35 -0.06 1.71 0.86
C LEU A 35 -1.22 1.37 1.79
N ARG A 36 -0.89 0.87 2.97
CA ARG A 36 -1.91 0.51 3.97
C ARG A 36 -2.60 1.75 4.52
N GLU A 37 -1.80 2.63 5.14
CA GLU A 37 -2.34 3.86 5.72
C GLU A 37 -3.01 4.72 4.64
N LYS A 38 -2.51 4.63 3.42
CA LYS A 38 -3.06 5.40 2.31
C LYS A 38 -4.49 4.97 2.00
N LEU A 39 -4.65 3.70 1.65
CA LEU A 39 -5.96 3.15 1.32
C LEU A 39 -6.93 3.31 2.50
N ARG A 40 -6.38 3.25 3.71
CA ARG A 40 -7.18 3.38 4.92
C ARG A 40 -7.88 4.73 4.97
N GLN A 41 -7.10 5.79 4.96
CA GLN A 41 -7.65 7.14 5.00
C GLN A 41 -8.24 7.53 3.65
N ASP A 42 -7.57 7.15 2.57
CA ASP A 42 -8.03 7.46 1.23
C ASP A 42 -9.41 6.88 0.98
N LEU A 43 -9.56 5.58 1.22
CA LEU A 43 -10.84 4.91 1.02
C LEU A 43 -11.71 4.99 2.27
N GLU A 44 -11.09 5.30 3.41
CA GLU A 44 -11.82 5.41 4.67
C GLU A 44 -12.44 4.08 5.07
N ALA A 45 -11.61 3.20 5.64
CA ALA A 45 -12.07 1.89 6.06
C ALA A 45 -11.95 1.73 7.57
N GLU A 46 -12.67 0.75 8.13
CA GLU A 46 -12.64 0.49 9.56
C GLU A 46 -11.35 -0.21 9.96
N HIS A 47 -10.96 -1.21 9.18
CA HIS A 47 -9.74 -1.97 9.45
C HIS A 47 -9.11 -2.46 8.16
N VAL A 48 -7.79 -2.37 8.09
CA VAL A 48 -7.06 -2.81 6.90
C VAL A 48 -5.81 -3.61 7.28
N GLU A 49 -5.36 -4.45 6.36
CA GLU A 49 -4.18 -5.28 6.59
C GLU A 49 -3.30 -5.35 5.35
N VAL A 50 -2.05 -4.89 5.48
CA VAL A 50 -1.13 -4.90 4.36
C VAL A 50 -0.06 -5.98 4.55
N GLU A 51 0.41 -6.54 3.43
CA GLU A 51 1.42 -7.58 3.47
C GLU A 51 2.50 -7.34 2.41
N ASP A 52 3.66 -7.94 2.61
CA ASP A 52 4.77 -7.78 1.67
C ASP A 52 5.66 -9.03 1.68
N THR A 53 5.77 -9.66 0.51
CA THR A 53 6.58 -10.87 0.38
C THR A 53 8.06 -10.52 0.42
N THR A 54 8.41 -9.32 -0.06
CA THR A 54 9.80 -8.87 -0.07
C THR A 54 10.63 -9.67 -1.07
N LEU A 55 10.86 -10.94 -0.75
CA LEU A 55 11.63 -11.83 -1.61
C LEU A 55 13.10 -11.41 -1.65
N ASN A 56 13.37 -10.23 -2.21
CA ASN A 56 14.73 -9.72 -2.30
C ASN A 56 15.58 -10.62 -3.18
N ARG A 57 14.99 -11.17 -4.23
CA ARG A 57 15.70 -12.05 -5.15
C ARG A 57 15.68 -11.49 -6.56
N CYS A 58 14.49 -11.14 -7.05
CA CYS A 58 14.34 -10.59 -8.38
C CYS A 58 12.89 -10.21 -8.65
N ALA A 59 12.22 -9.69 -7.64
CA ALA A 59 10.82 -9.29 -7.77
C ALA A 59 10.32 -8.62 -6.49
N THR A 60 9.16 -7.98 -6.57
CA THR A 60 8.58 -7.29 -5.43
C THR A 60 7.06 -7.37 -5.48
N SER A 61 6.49 -8.15 -4.57
CA SER A 61 5.03 -8.31 -4.50
C SER A 61 4.47 -7.60 -3.27
N PHE A 62 3.16 -7.33 -3.30
CA PHE A 62 2.49 -6.65 -2.20
C PHE A 62 1.03 -7.09 -2.10
N ARG A 63 0.41 -6.80 -0.95
CA ARG A 63 -0.98 -7.17 -0.73
C ARG A 63 -1.70 -6.09 0.07
N VAL A 64 -2.89 -5.72 -0.38
CA VAL A 64 -3.69 -4.71 0.30
C VAL A 64 -5.07 -5.23 0.66
N LEU A 65 -5.47 -5.03 1.90
CA LEU A 65 -6.77 -5.48 2.38
C LEU A 65 -7.57 -4.32 2.95
N VAL A 66 -8.86 -4.29 2.64
CA VAL A 66 -9.75 -3.24 3.12
C VAL A 66 -11.10 -3.79 3.52
N VAL A 67 -11.63 -3.31 4.64
CA VAL A 67 -12.93 -3.76 5.14
C VAL A 67 -13.76 -2.58 5.63
N SER A 68 -14.93 -2.38 5.03
CA SER A 68 -15.81 -1.29 5.41
C SER A 68 -17.10 -1.32 4.61
N ALA A 69 -18.03 -0.43 4.94
CA ALA A 69 -19.31 -0.36 4.25
C ALA A 69 -19.24 0.62 3.07
N LYS A 70 -18.28 1.53 3.12
CA LYS A 70 -18.12 2.52 2.05
C LYS A 70 -17.99 1.84 0.69
N PHE A 71 -17.44 0.63 0.68
CA PHE A 71 -17.26 -0.13 -0.54
C PHE A 71 -18.59 -0.70 -1.03
N GLU A 72 -19.48 -1.01 -0.08
CA GLU A 72 -20.78 -1.58 -0.41
C GLU A 72 -21.59 -0.61 -1.26
N GLY A 73 -21.49 0.69 -0.94
CA GLY A 73 -22.22 1.69 -1.69
C GLY A 73 -21.84 1.71 -3.15
N LYS A 74 -20.55 1.81 -3.42
CA LYS A 74 -20.05 1.84 -4.80
C LYS A 74 -20.12 0.46 -5.43
N PRO A 75 -20.19 0.41 -6.77
CA PRO A 75 -20.26 -0.86 -7.51
C PRO A 75 -18.98 -1.67 -7.40
N LEU A 76 -19.04 -2.94 -7.81
CA LEU A 76 -17.88 -3.82 -7.76
C LEU A 76 -16.73 -3.25 -8.59
N LEU A 77 -17.06 -2.75 -9.77
CA LEU A 77 -16.06 -2.18 -10.67
C LEU A 77 -15.37 -0.98 -10.02
N GLN A 78 -16.10 -0.25 -9.18
CA GLN A 78 -15.57 0.91 -8.51
C GLN A 78 -14.63 0.51 -7.37
N ARG A 79 -14.95 -0.59 -6.71
CA ARG A 79 -14.13 -1.09 -5.60
C ARG A 79 -12.71 -1.42 -6.09
N HIS A 80 -12.63 -2.24 -7.13
CA HIS A 80 -11.34 -2.63 -7.68
C HIS A 80 -10.61 -1.43 -8.28
N ARG A 81 -11.38 -0.52 -8.88
CA ARG A 81 -10.81 0.68 -9.49
C ARG A 81 -10.36 1.68 -8.42
N LEU A 82 -11.08 1.69 -7.31
CA LEU A 82 -10.77 2.59 -6.20
C LEU A 82 -9.37 2.34 -5.68
N VAL A 83 -8.99 1.07 -5.58
CA VAL A 83 -7.68 0.69 -5.09
C VAL A 83 -6.60 0.95 -6.14
N ASN A 84 -6.95 0.74 -7.41
CA ASN A 84 -6.02 0.96 -8.51
C ASN A 84 -5.78 2.45 -8.73
N GLU A 85 -6.86 3.23 -8.75
CA GLU A 85 -6.76 4.66 -8.95
C GLU A 85 -5.93 5.32 -7.85
N CYS A 86 -6.03 4.78 -6.64
CA CYS A 86 -5.28 5.31 -5.51
C CYS A 86 -3.79 5.24 -5.76
N LEU A 87 -3.29 4.03 -6.01
CA LEU A 87 -1.87 3.83 -6.26
C LEU A 87 -1.61 3.62 -7.75
N ALA A 88 -2.20 4.48 -8.57
CA ALA A 88 -2.03 4.40 -10.01
C ALA A 88 -0.57 4.60 -10.42
N GLU A 89 0.07 5.61 -9.83
CA GLU A 89 1.47 5.91 -10.13
C GLU A 89 2.40 4.90 -9.47
N GLU A 90 2.06 4.48 -8.26
CA GLU A 90 2.87 3.53 -7.52
C GLU A 90 2.68 2.11 -8.06
N LEU A 91 1.50 1.83 -8.60
CA LEU A 91 1.20 0.51 -9.15
C LEU A 91 2.31 0.00 -10.06
N PRO A 92 2.62 0.76 -11.13
CA PRO A 92 3.67 0.38 -12.08
C PRO A 92 4.94 -0.10 -11.40
N HIS A 93 5.23 0.47 -10.23
CA HIS A 93 6.41 0.09 -9.47
C HIS A 93 6.22 -1.26 -8.79
N ILE A 94 4.98 -1.56 -8.42
CA ILE A 94 4.65 -2.82 -7.77
C ILE A 94 4.69 -3.98 -8.76
N HIS A 95 5.69 -4.85 -8.60
CA HIS A 95 5.83 -6.00 -9.47
C HIS A 95 4.60 -6.91 -9.39
N ALA A 96 4.00 -6.96 -8.20
CA ALA A 96 2.81 -7.78 -7.98
C ALA A 96 1.92 -7.15 -6.91
N PHE A 97 0.71 -6.77 -7.31
CA PHE A 97 -0.24 -6.15 -6.39
C PHE A 97 -1.48 -7.03 -6.22
N GLU A 98 -1.93 -7.16 -4.97
CA GLU A 98 -3.11 -7.96 -4.68
C GLU A 98 -4.08 -7.19 -3.78
N GLN A 99 -5.29 -6.99 -4.27
CA GLN A 99 -6.30 -6.27 -3.50
C GLN A 99 -7.52 -7.14 -3.23
N LYS A 100 -8.17 -6.91 -2.09
CA LYS A 100 -9.34 -7.69 -1.72
C LYS A 100 -10.30 -6.86 -0.87
N THR A 101 -11.53 -6.68 -1.36
CA THR A 101 -12.52 -5.89 -0.65
C THR A 101 -13.57 -6.79 -0.01
N LEU A 102 -14.00 -6.44 1.21
CA LEU A 102 -15.00 -7.21 1.93
C LEU A 102 -15.83 -6.31 2.83
N THR A 103 -17.03 -6.77 3.17
CA THR A 103 -17.92 -6.01 4.04
C THR A 103 -17.64 -6.31 5.51
N PRO A 104 -17.95 -5.37 6.41
CA PRO A 104 -17.74 -5.55 7.85
C PRO A 104 -18.37 -6.82 8.37
N GLU A 105 -19.62 -7.08 7.97
CA GLU A 105 -20.33 -8.27 8.40
C GLU A 105 -19.59 -9.54 7.97
N GLN A 106 -18.90 -9.46 6.84
CA GLN A 106 -18.15 -10.60 6.31
C GLN A 106 -16.89 -10.85 7.15
N TRP A 107 -16.20 -9.78 7.50
CA TRP A 107 -14.99 -9.88 8.30
C TRP A 107 -15.32 -10.18 9.77
N THR A 108 -16.32 -9.49 10.29
CA THR A 108 -16.74 -9.68 11.67
C THR A 108 -17.12 -11.14 11.94
N ARG A 109 -18.03 -11.66 11.13
CA ARG A 109 -18.48 -13.04 11.27
C ARG A 109 -17.33 -14.01 11.05
N GLN A 110 -16.39 -13.63 10.20
CA GLN A 110 -15.22 -14.46 9.91
C GLN A 110 -14.01 -14.02 10.72
N ARG A 111 -14.26 -13.51 11.92
CA ARG A 111 -13.19 -13.04 12.79
C ARG A 111 -13.18 -13.83 14.10
N ARG A 112 -13.56 -15.11 14.03
CA ARG A 112 -13.59 -15.96 15.20
C ARG A 112 -14.55 -15.41 16.25
N GLU A 113 -15.74 -16.00 16.35
CA GLU A 113 -16.74 -15.57 17.30
C GLU A 113 -16.22 -15.68 18.74
N MET A 1 26.41 30.00 -13.20
CA MET A 1 27.87 29.75 -13.34
C MET A 1 28.58 29.82 -11.99
N LYS A 2 29.13 28.69 -11.56
CA LYS A 2 29.84 28.63 -10.28
C LYS A 2 28.91 29.00 -9.13
N GLY A 3 27.63 28.70 -9.29
CA GLY A 3 26.65 29.00 -8.26
C GLY A 3 25.89 27.78 -7.80
N SER A 4 25.52 26.93 -8.75
CA SER A 4 24.77 25.71 -8.43
C SER A 4 25.60 24.77 -7.57
N SER A 5 24.95 23.73 -7.03
CA SER A 5 25.63 22.77 -6.19
C SER A 5 26.14 21.59 -7.01
N HIS A 6 27.02 20.79 -6.41
CA HIS A 6 27.58 19.62 -7.08
C HIS A 6 28.46 18.82 -6.14
N HIS A 7 29.48 19.48 -5.58
CA HIS A 7 30.40 18.82 -4.66
C HIS A 7 29.87 18.88 -3.23
N HIS A 8 30.04 17.79 -2.50
CA HIS A 8 29.57 17.71 -1.13
C HIS A 8 30.71 17.32 -0.18
N HIS A 9 31.45 18.32 0.30
CA HIS A 9 32.56 18.08 1.20
C HIS A 9 32.28 18.68 2.57
N HIS A 10 31.54 17.94 3.40
CA HIS A 10 31.21 18.40 4.74
C HIS A 10 32.14 17.78 5.78
N HIS A 11 33.39 17.59 5.41
CA HIS A 11 34.38 17.00 6.31
C HIS A 11 34.54 17.85 7.56
N SER A 12 34.90 19.11 7.37
CA SER A 12 35.09 20.04 8.49
C SER A 12 34.03 21.13 8.46
N SER A 13 32.84 20.79 8.00
CA SER A 13 31.74 21.75 7.93
C SER A 13 30.40 21.06 8.17
N GLY A 14 30.42 20.00 8.97
CA GLY A 14 29.19 19.28 9.27
C GLY A 14 29.42 18.13 10.23
N ALA A 15 29.27 18.40 11.52
CA ALA A 15 29.46 17.37 12.54
C ALA A 15 28.13 16.77 12.97
N SER A 16 27.16 17.63 13.27
CA SER A 16 25.84 17.18 13.70
C SER A 16 25.02 16.69 12.51
N LEU A 17 25.30 15.46 12.09
CA LEU A 17 24.60 14.86 10.95
C LEU A 17 24.51 13.34 11.11
N VAL A 18 24.47 12.88 12.35
CA VAL A 18 24.38 11.45 12.63
C VAL A 18 22.92 10.96 12.61
N PRO A 19 22.00 11.70 13.25
CA PRO A 19 20.59 11.33 13.29
C PRO A 19 20.03 11.06 11.90
N ARG A 20 20.05 12.07 11.05
CA ARG A 20 19.54 11.94 9.69
C ARG A 20 20.51 11.15 8.82
N GLY A 21 20.03 10.05 8.25
CA GLY A 21 20.87 9.23 7.40
C GLY A 21 20.49 7.75 7.48
N SER A 22 19.56 7.33 6.64
CA SER A 22 19.12 5.95 6.62
C SER A 22 19.85 5.15 5.54
N GLU A 23 20.20 3.91 5.86
CA GLU A 23 20.90 3.05 4.92
C GLU A 23 19.92 2.31 4.01
N GLY A 24 20.44 1.77 2.91
CA GLY A 24 19.59 1.05 1.97
C GLY A 24 19.36 1.82 0.69
N ALA A 25 18.50 1.27 -0.17
CA ALA A 25 18.19 1.92 -1.44
C ALA A 25 16.70 2.19 -1.56
N ALA A 26 15.88 1.20 -1.21
CA ALA A 26 14.43 1.34 -1.28
C ALA A 26 13.78 0.99 0.05
N THR A 27 14.51 1.21 1.13
CA THR A 27 14.00 0.93 2.47
C THR A 27 12.73 1.74 2.74
N MET A 28 12.64 2.91 2.14
CA MET A 28 11.49 3.78 2.31
C MET A 28 10.68 3.86 1.02
N GLU A 29 11.34 3.65 -0.12
CA GLU A 29 10.68 3.69 -1.41
C GLU A 29 9.58 2.64 -1.49
N LEU A 30 8.33 3.08 -1.36
CA LEU A 30 7.19 2.17 -1.42
C LEU A 30 7.28 1.10 -0.33
N SER A 31 6.41 1.20 0.67
CA SER A 31 6.39 0.25 1.77
C SER A 31 4.97 -0.24 2.03
N ALA A 32 4.86 -1.33 2.81
CA ALA A 32 3.57 -1.90 3.14
C ALA A 32 2.69 -0.88 3.88
N ASP A 33 3.29 -0.20 4.84
CA ASP A 33 2.57 0.81 5.63
C ASP A 33 2.15 1.98 4.76
N TYR A 34 2.97 2.29 3.75
CA TYR A 34 2.70 3.40 2.84
C TYR A 34 1.37 3.18 2.11
N LEU A 35 1.24 2.02 1.47
CA LEU A 35 0.02 1.69 0.73
C LEU A 35 -1.13 1.42 1.68
N ARG A 36 -0.81 0.91 2.87
CA ARG A 36 -1.83 0.60 3.87
C ARG A 36 -2.48 1.88 4.39
N GLU A 37 -1.67 2.76 4.98
CA GLU A 37 -2.16 4.01 5.53
C GLU A 37 -2.79 4.87 4.44
N LYS A 38 -2.26 4.75 3.22
CA LYS A 38 -2.78 5.51 2.09
C LYS A 38 -4.19 5.06 1.72
N LEU A 39 -4.34 3.78 1.45
CA LEU A 39 -5.63 3.22 1.09
C LEU A 39 -6.64 3.35 2.23
N ARG A 40 -6.17 3.04 3.44
CA ARG A 40 -7.02 3.12 4.63
C ARG A 40 -7.55 4.52 4.82
N GLN A 41 -6.67 5.50 4.74
CA GLN A 41 -7.07 6.89 4.92
C GLN A 41 -7.80 7.41 3.68
N ASP A 42 -7.24 7.12 2.51
CA ASP A 42 -7.82 7.56 1.25
C ASP A 42 -9.24 7.00 1.09
N LEU A 43 -9.34 5.68 1.08
CA LEU A 43 -10.63 5.02 0.92
C LEU A 43 -11.47 5.16 2.20
N GLU A 44 -10.79 5.35 3.33
CA GLU A 44 -11.48 5.49 4.60
C GLU A 44 -12.20 4.21 4.98
N ALA A 45 -11.44 3.22 5.45
CA ALA A 45 -12.00 1.94 5.84
C ALA A 45 -11.96 1.76 7.36
N GLU A 46 -12.54 0.67 7.84
CA GLU A 46 -12.57 0.39 9.26
C GLU A 46 -11.34 -0.41 9.69
N HIS A 47 -11.14 -1.57 9.07
CA HIS A 47 -9.99 -2.42 9.37
C HIS A 47 -9.29 -2.86 8.10
N VAL A 48 -7.96 -2.70 8.07
CA VAL A 48 -7.17 -3.09 6.92
C VAL A 48 -5.94 -3.89 7.33
N GLU A 49 -5.35 -4.59 6.37
CA GLU A 49 -4.16 -5.39 6.63
C GLU A 49 -3.26 -5.46 5.40
N VAL A 50 -2.03 -4.98 5.54
CA VAL A 50 -1.08 -4.98 4.44
C VAL A 50 0.00 -6.04 4.65
N GLU A 51 0.62 -6.49 3.56
CA GLU A 51 1.67 -7.49 3.63
C GLU A 51 2.75 -7.22 2.59
N ASP A 52 3.93 -7.79 2.81
CA ASP A 52 5.05 -7.60 1.90
C ASP A 52 5.96 -8.82 1.91
N THR A 53 6.42 -9.22 0.72
CA THR A 53 7.30 -10.37 0.60
C THR A 53 8.74 -9.93 0.31
N THR A 54 9.41 -9.44 1.34
CA THR A 54 10.79 -8.98 1.21
C THR A 54 10.89 -7.86 0.19
N LEU A 55 11.96 -7.08 0.27
CA LEU A 55 12.18 -5.96 -0.64
C LEU A 55 13.53 -6.07 -1.32
N ASN A 56 13.69 -7.10 -2.14
CA ASN A 56 14.95 -7.31 -2.85
C ASN A 56 14.79 -7.02 -4.34
N ARG A 57 15.84 -7.32 -5.12
CA ARG A 57 15.80 -7.08 -6.55
C ARG A 57 15.52 -8.36 -7.31
N CYS A 58 14.66 -9.21 -6.74
CA CYS A 58 14.30 -10.48 -7.36
C CYS A 58 12.78 -10.62 -7.46
N ALA A 59 12.09 -10.36 -6.36
CA ALA A 59 10.63 -10.46 -6.34
C ALA A 59 10.04 -9.42 -5.40
N THR A 60 8.87 -8.89 -5.78
CA THR A 60 8.19 -7.88 -4.98
C THR A 60 6.68 -8.00 -5.12
N SER A 61 6.03 -8.54 -4.09
CA SER A 61 4.59 -8.71 -4.10
C SER A 61 3.95 -8.09 -2.86
N PHE A 62 2.98 -7.22 -3.07
CA PHE A 62 2.29 -6.55 -1.97
C PHE A 62 0.82 -6.98 -1.89
N ARG A 63 0.31 -7.09 -0.68
CA ARG A 63 -1.08 -7.49 -0.47
C ARG A 63 -1.76 -6.58 0.54
N VAL A 64 -2.84 -5.93 0.12
CA VAL A 64 -3.59 -5.02 0.98
C VAL A 64 -5.03 -5.49 1.17
N LEU A 65 -5.52 -5.36 2.39
CA LEU A 65 -6.89 -5.77 2.71
C LEU A 65 -7.70 -4.60 3.24
N VAL A 66 -8.92 -4.46 2.76
CA VAL A 66 -9.80 -3.38 3.19
C VAL A 66 -11.20 -3.89 3.51
N VAL A 67 -11.77 -3.39 4.61
CA VAL A 67 -13.10 -3.80 5.02
C VAL A 67 -13.88 -2.61 5.59
N SER A 68 -15.00 -2.29 4.97
CA SER A 68 -15.84 -1.19 5.41
C SER A 68 -17.11 -1.08 4.57
N ALA A 69 -17.96 -0.13 4.92
CA ALA A 69 -19.22 0.08 4.20
C ALA A 69 -19.04 1.10 3.08
N LYS A 70 -17.98 1.90 3.15
CA LYS A 70 -17.71 2.91 2.14
C LYS A 70 -17.68 2.31 0.75
N PHE A 71 -17.23 1.06 0.66
CA PHE A 71 -17.15 0.36 -0.61
C PHE A 71 -18.52 -0.08 -1.08
N GLU A 72 -19.40 -0.37 -0.13
CA GLU A 72 -20.76 -0.80 -0.46
C GLU A 72 -21.50 0.26 -1.26
N GLY A 73 -21.17 1.52 -1.00
CA GLY A 73 -21.81 2.61 -1.71
C GLY A 73 -21.59 2.53 -3.21
N LYS A 74 -20.35 2.26 -3.61
CA LYS A 74 -20.02 2.15 -5.02
C LYS A 74 -20.16 0.71 -5.51
N PRO A 75 -20.28 0.52 -6.84
CA PRO A 75 -20.43 -0.81 -7.43
C PRO A 75 -19.18 -1.66 -7.26
N LEU A 76 -19.29 -2.95 -7.54
CA LEU A 76 -18.17 -3.87 -7.41
C LEU A 76 -17.02 -3.44 -8.32
N LEU A 77 -17.34 -3.10 -9.57
CA LEU A 77 -16.33 -2.68 -10.52
C LEU A 77 -15.60 -1.43 -10.03
N GLN A 78 -16.31 -0.60 -9.27
CA GLN A 78 -15.72 0.63 -8.74
C GLN A 78 -14.78 0.33 -7.58
N ARG A 79 -15.07 -0.75 -6.85
CA ARG A 79 -14.26 -1.14 -5.71
C ARG A 79 -12.81 -1.41 -6.14
N HIS A 80 -12.65 -2.33 -7.08
CA HIS A 80 -11.33 -2.69 -7.57
C HIS A 80 -10.67 -1.49 -8.25
N ARG A 81 -11.47 -0.70 -8.96
CA ARG A 81 -10.97 0.48 -9.66
C ARG A 81 -10.52 1.55 -8.68
N LEU A 82 -11.19 1.59 -7.52
CA LEU A 82 -10.86 2.57 -6.49
C LEU A 82 -9.44 2.38 -5.98
N VAL A 83 -9.10 1.13 -5.65
CA VAL A 83 -7.77 0.82 -5.15
C VAL A 83 -6.71 1.12 -6.19
N ASN A 84 -7.07 0.97 -7.46
CA ASN A 84 -6.14 1.23 -8.55
C ASN A 84 -5.89 2.73 -8.72
N GLU A 85 -6.96 3.51 -8.59
CA GLU A 85 -6.86 4.96 -8.71
C GLU A 85 -6.04 5.56 -7.57
N CYS A 86 -6.14 4.94 -6.40
CA CYS A 86 -5.40 5.41 -5.23
C CYS A 86 -3.90 5.37 -5.48
N LEU A 87 -3.38 4.18 -5.77
CA LEU A 87 -1.95 4.02 -6.03
C LEU A 87 -1.70 3.74 -7.51
N ALA A 88 -2.35 4.52 -8.37
CA ALA A 88 -2.19 4.36 -9.81
C ALA A 88 -0.77 4.65 -10.24
N GLU A 89 -0.11 5.56 -9.53
CA GLU A 89 1.27 5.93 -9.85
C GLU A 89 2.24 4.84 -9.41
N GLU A 90 2.10 4.39 -8.17
CA GLU A 90 2.98 3.35 -7.62
C GLU A 90 2.62 1.97 -8.17
N LEU A 91 1.34 1.78 -8.51
CA LEU A 91 0.86 0.52 -9.03
C LEU A 91 1.80 -0.06 -10.10
N PRO A 92 2.01 0.66 -11.21
CA PRO A 92 2.89 0.20 -12.29
C PRO A 92 4.25 -0.25 -11.78
N HIS A 93 4.70 0.35 -10.69
CA HIS A 93 5.99 0.00 -10.11
C HIS A 93 5.91 -1.35 -9.39
N ILE A 94 4.73 -1.68 -8.88
CA ILE A 94 4.52 -2.94 -8.17
C ILE A 94 4.54 -4.12 -9.14
N HIS A 95 5.50 -5.02 -8.96
CA HIS A 95 5.61 -6.19 -9.81
C HIS A 95 4.40 -7.10 -9.64
N ALA A 96 3.84 -7.11 -8.45
CA ALA A 96 2.67 -7.93 -8.15
C ALA A 96 1.86 -7.34 -7.00
N PHE A 97 0.63 -6.95 -7.29
CA PHE A 97 -0.24 -6.36 -6.26
C PHE A 97 -1.58 -7.11 -6.20
N GLU A 98 -2.13 -7.19 -4.99
CA GLU A 98 -3.41 -7.88 -4.78
C GLU A 98 -4.28 -7.11 -3.80
N GLN A 99 -5.45 -6.69 -4.26
CA GLN A 99 -6.38 -5.94 -3.41
C GLN A 99 -7.67 -6.72 -3.20
N LYS A 100 -8.15 -6.74 -1.95
CA LYS A 100 -9.37 -7.44 -1.61
C LYS A 100 -10.32 -6.54 -0.82
N THR A 101 -11.51 -6.32 -1.37
CA THR A 101 -12.52 -5.48 -0.73
C THR A 101 -13.74 -6.29 -0.34
N LEU A 102 -14.21 -6.08 0.89
CA LEU A 102 -15.38 -6.79 1.39
C LEU A 102 -16.15 -5.94 2.40
N THR A 103 -17.36 -6.37 2.73
CA THR A 103 -18.20 -5.65 3.69
C THR A 103 -17.89 -6.10 5.12
N PRO A 104 -18.16 -5.23 6.11
CA PRO A 104 -17.92 -5.54 7.52
C PRO A 104 -18.80 -6.68 8.02
N GLU A 105 -20.00 -6.78 7.45
CA GLU A 105 -20.94 -7.83 7.84
C GLU A 105 -20.45 -9.20 7.39
N GLN A 106 -19.79 -9.24 6.24
CA GLN A 106 -19.26 -10.49 5.69
C GLN A 106 -18.02 -10.93 6.46
N TRP A 107 -17.08 -10.01 6.64
CA TRP A 107 -15.84 -10.30 7.34
C TRP A 107 -16.12 -10.76 8.77
N THR A 108 -17.05 -10.06 9.44
CA THR A 108 -17.41 -10.40 10.81
C THR A 108 -17.94 -11.84 10.90
N ARG A 109 -18.57 -12.29 9.82
CA ARG A 109 -19.13 -13.63 9.78
C ARG A 109 -18.02 -14.68 9.68
N GLN A 110 -16.91 -14.31 9.04
CA GLN A 110 -15.79 -15.21 8.87
C GLN A 110 -14.57 -14.69 9.63
N ARG A 111 -14.79 -14.13 10.80
CA ARG A 111 -13.72 -13.59 11.62
C ARG A 111 -13.31 -14.58 12.70
N ARG A 112 -13.40 -15.87 12.38
CA ARG A 112 -13.04 -16.92 13.33
C ARG A 112 -11.76 -17.63 12.91
N GLU A 113 -10.81 -17.74 13.84
CA GLU A 113 -9.54 -18.38 13.56
C GLU A 113 -9.74 -19.86 13.22
N MET A 1 24.66 36.58 -26.44
CA MET A 1 24.14 35.25 -26.04
C MET A 1 24.74 34.13 -26.90
N LYS A 2 24.55 32.89 -26.45
CA LYS A 2 25.06 31.74 -27.19
C LYS A 2 24.35 30.46 -26.76
N GLY A 3 23.07 30.60 -26.41
CA GLY A 3 22.29 29.44 -25.99
C GLY A 3 22.77 28.87 -24.67
N SER A 4 21.86 28.74 -23.72
CA SER A 4 22.20 28.20 -22.40
C SER A 4 21.77 26.74 -22.28
N SER A 5 22.08 26.13 -21.15
CA SER A 5 21.72 24.74 -20.91
C SER A 5 20.50 24.64 -19.98
N HIS A 6 19.32 24.83 -20.55
CA HIS A 6 18.08 24.76 -19.77
C HIS A 6 17.40 23.42 -19.95
N HIS A 7 18.21 22.38 -20.16
CA HIS A 7 17.69 21.03 -20.33
C HIS A 7 18.53 20.01 -19.57
N HIS A 8 17.88 18.94 -19.13
CA HIS A 8 18.57 17.89 -18.38
C HIS A 8 18.29 16.52 -18.97
N HIS A 9 19.22 15.58 -18.78
CA HIS A 9 19.07 14.23 -19.30
C HIS A 9 18.94 14.25 -20.82
N HIS A 10 20.07 14.11 -21.50
CA HIS A 10 20.09 14.10 -22.97
C HIS A 10 20.19 12.68 -23.50
N HIS A 11 21.33 12.05 -23.27
CA HIS A 11 21.56 10.68 -23.74
C HIS A 11 22.57 9.96 -22.85
N SER A 12 22.10 9.49 -21.70
CA SER A 12 22.96 8.78 -20.75
C SER A 12 22.68 7.28 -20.78
N SER A 13 21.42 6.93 -21.03
CA SER A 13 21.01 5.53 -21.07
C SER A 13 20.72 5.09 -22.50
N GLY A 14 21.21 3.91 -22.86
CA GLY A 14 21.00 3.40 -24.21
C GLY A 14 19.54 3.08 -24.48
N ALA A 15 19.29 1.89 -25.03
CA ALA A 15 17.93 1.47 -25.35
C ALA A 15 17.38 0.56 -24.25
N SER A 16 17.73 0.86 -23.01
CA SER A 16 17.26 0.08 -21.86
C SER A 16 15.74 0.10 -21.77
N LEU A 17 15.17 1.31 -21.74
CA LEU A 17 13.73 1.47 -21.65
C LEU A 17 13.19 0.83 -20.37
N VAL A 18 13.97 0.92 -19.29
CA VAL A 18 13.57 0.36 -18.01
C VAL A 18 13.72 1.37 -16.89
N PRO A 19 12.67 2.18 -16.65
CA PRO A 19 12.68 3.20 -15.59
C PRO A 19 13.11 2.64 -14.24
N ARG A 20 13.82 3.45 -13.46
CA ARG A 20 14.28 3.03 -12.15
C ARG A 20 14.07 4.13 -11.11
N GLY A 21 14.67 5.29 -11.36
CA GLY A 21 14.54 6.41 -10.45
C GLY A 21 15.75 7.33 -10.48
N SER A 22 15.87 8.16 -9.45
CA SER A 22 16.99 9.09 -9.37
C SER A 22 17.34 9.38 -7.90
N GLU A 23 16.35 9.80 -7.13
CA GLU A 23 16.56 10.10 -5.72
C GLU A 23 15.98 9.01 -4.83
N GLY A 24 16.85 8.15 -4.32
CA GLY A 24 16.42 7.06 -3.45
C GLY A 24 16.02 7.55 -2.08
N ALA A 25 14.73 7.85 -1.91
CA ALA A 25 14.21 8.31 -0.64
C ALA A 25 12.69 8.14 -0.56
N ALA A 26 12.13 8.43 0.61
CA ALA A 26 10.70 8.31 0.82
C ALA A 26 9.93 9.22 -0.14
N THR A 27 8.66 9.47 0.18
CA THR A 27 7.82 10.31 -0.66
C THR A 27 7.68 9.71 -2.05
N MET A 28 7.96 8.41 -2.15
CA MET A 28 7.87 7.70 -3.43
C MET A 28 8.27 6.24 -3.26
N GLU A 29 9.21 5.99 -2.35
CA GLU A 29 9.69 4.63 -2.10
C GLU A 29 8.54 3.74 -1.63
N LEU A 30 8.06 2.87 -2.53
CA LEU A 30 6.97 1.96 -2.23
C LEU A 30 7.14 1.31 -0.86
N SER A 31 6.02 1.15 -0.14
CA SER A 31 6.06 0.54 1.18
C SER A 31 4.72 -0.10 1.50
N ALA A 32 4.74 -1.09 2.40
CA ALA A 32 3.53 -1.79 2.80
C ALA A 32 2.60 -0.88 3.60
N ASP A 33 3.13 -0.33 4.70
CA ASP A 33 2.35 0.56 5.55
C ASP A 33 1.87 1.78 4.77
N TYR A 34 2.66 2.20 3.79
CA TYR A 34 2.33 3.36 2.97
C TYR A 34 1.00 3.14 2.24
N LEU A 35 0.95 2.08 1.44
CA LEU A 35 -0.24 1.75 0.67
C LEU A 35 -1.43 1.47 1.61
N ARG A 36 -1.12 0.94 2.79
CA ARG A 36 -2.15 0.62 3.77
C ARG A 36 -2.74 1.89 4.37
N GLU A 37 -1.89 2.69 5.00
CA GLU A 37 -2.31 3.94 5.62
C GLU A 37 -2.94 4.87 4.60
N LYS A 38 -2.47 4.78 3.36
CA LYS A 38 -2.99 5.62 2.28
C LYS A 38 -4.41 5.22 1.90
N LEU A 39 -4.58 3.97 1.48
CA LEU A 39 -5.88 3.46 1.10
C LEU A 39 -6.86 3.51 2.27
N ARG A 40 -6.36 3.21 3.46
CA ARG A 40 -7.18 3.22 4.67
C ARG A 40 -7.82 4.57 4.89
N GLN A 41 -6.99 5.60 4.87
CA GLN A 41 -7.48 6.96 5.07
C GLN A 41 -8.20 7.48 3.83
N ASP A 42 -7.66 7.17 2.66
CA ASP A 42 -8.26 7.60 1.40
C ASP A 42 -9.67 7.04 1.25
N LEU A 43 -9.77 5.72 1.24
CA LEU A 43 -11.06 5.05 1.11
C LEU A 43 -11.86 5.10 2.41
N GLU A 44 -11.15 5.31 3.52
CA GLU A 44 -11.78 5.37 4.83
C GLU A 44 -12.42 4.03 5.19
N ALA A 45 -11.59 3.09 5.66
CA ALA A 45 -12.08 1.77 6.04
C ALA A 45 -12.00 1.58 7.54
N GLU A 46 -12.62 0.51 8.03
CA GLU A 46 -12.62 0.20 9.45
C GLU A 46 -11.31 -0.46 9.87
N HIS A 47 -10.98 -1.56 9.22
CA HIS A 47 -9.75 -2.30 9.52
C HIS A 47 -9.00 -2.63 8.24
N VAL A 48 -7.69 -2.35 8.24
CA VAL A 48 -6.86 -2.63 7.08
C VAL A 48 -5.65 -3.48 7.47
N GLU A 49 -5.23 -4.35 6.55
CA GLU A 49 -4.08 -5.22 6.80
C GLU A 49 -3.21 -5.33 5.54
N VAL A 50 -1.95 -4.92 5.66
CA VAL A 50 -1.02 -4.97 4.54
C VAL A 50 0.02 -6.08 4.74
N GLU A 51 0.50 -6.63 3.63
CA GLU A 51 1.49 -7.70 3.70
C GLU A 51 2.64 -7.42 2.73
N ASP A 52 3.76 -8.11 2.93
CA ASP A 52 4.93 -7.94 2.08
C ASP A 52 5.73 -9.24 1.99
N THR A 53 6.24 -9.54 0.81
CA THR A 53 7.03 -10.75 0.59
C THR A 53 8.42 -10.41 0.07
N THR A 54 9.32 -10.08 0.98
CA THR A 54 10.70 -9.74 0.62
C THR A 54 11.55 -9.49 1.86
N LEU A 55 12.80 -9.90 1.80
CA LEU A 55 13.72 -9.73 2.92
C LEU A 55 14.38 -8.35 2.88
N ASN A 56 14.60 -7.85 1.67
CA ASN A 56 15.22 -6.55 1.49
C ASN A 56 14.21 -5.52 1.01
N ARG A 57 14.68 -4.30 0.76
CA ARG A 57 13.81 -3.23 0.30
C ARG A 57 13.90 -3.06 -1.22
N CYS A 58 13.24 -3.94 -1.96
CA CYS A 58 13.25 -3.89 -3.41
C CYS A 58 11.83 -3.95 -3.97
N ALA A 59 10.93 -3.20 -3.34
CA ALA A 59 9.53 -3.16 -3.77
C ALA A 59 8.87 -4.53 -3.62
N THR A 60 9.12 -5.41 -4.58
CA THR A 60 8.56 -6.75 -4.56
C THR A 60 7.03 -6.69 -4.56
N SER A 61 6.40 -7.85 -4.35
CA SER A 61 4.95 -7.93 -4.32
C SER A 61 4.39 -7.34 -3.02
N PHE A 62 3.09 -7.05 -3.02
CA PHE A 62 2.45 -6.48 -1.84
C PHE A 62 0.98 -6.90 -1.78
N ARG A 63 0.46 -6.99 -0.56
CA ARG A 63 -0.94 -7.37 -0.35
C ARG A 63 -1.69 -6.31 0.44
N VAL A 64 -2.83 -5.90 -0.08
CA VAL A 64 -3.65 -4.89 0.58
C VAL A 64 -5.04 -5.42 0.91
N LEU A 65 -5.46 -5.24 2.15
CA LEU A 65 -6.77 -5.70 2.60
C LEU A 65 -7.60 -4.55 3.16
N VAL A 66 -8.89 -4.54 2.83
CA VAL A 66 -9.79 -3.49 3.30
C VAL A 66 -11.16 -4.05 3.62
N VAL A 67 -11.69 -3.67 4.78
CA VAL A 67 -13.01 -4.13 5.22
C VAL A 67 -13.85 -2.96 5.71
N SER A 68 -14.99 -2.75 5.07
CA SER A 68 -15.89 -1.66 5.44
C SER A 68 -17.16 -1.69 4.61
N ALA A 69 -18.12 -0.85 4.96
CA ALA A 69 -19.39 -0.77 4.26
C ALA A 69 -19.32 0.22 3.10
N LYS A 70 -18.35 1.12 3.15
CA LYS A 70 -18.18 2.12 2.09
C LYS A 70 -18.06 1.47 0.72
N PHE A 71 -17.51 0.25 0.70
CA PHE A 71 -17.34 -0.49 -0.55
C PHE A 71 -18.67 -1.05 -1.02
N GLU A 72 -19.54 -1.39 -0.08
CA GLU A 72 -20.85 -1.94 -0.40
C GLU A 72 -21.66 -0.97 -1.25
N GLY A 73 -21.59 0.31 -0.90
CA GLY A 73 -22.33 1.32 -1.64
C GLY A 73 -21.94 1.37 -3.10
N LYS A 74 -20.69 1.02 -3.39
CA LYS A 74 -20.18 1.03 -4.76
C LYS A 74 -20.09 -0.40 -5.30
N PRO A 75 -20.15 -0.56 -6.65
CA PRO A 75 -20.07 -1.88 -7.29
C PRO A 75 -18.70 -2.53 -7.10
N LEU A 76 -18.50 -3.65 -7.77
CA LEU A 76 -17.22 -4.38 -7.69
C LEU A 76 -16.16 -3.72 -8.57
N LEU A 77 -16.60 -3.14 -9.68
CA LEU A 77 -15.69 -2.48 -10.61
C LEU A 77 -15.22 -1.14 -10.05
N GLN A 78 -16.08 -0.49 -9.28
CA GLN A 78 -15.74 0.81 -8.69
C GLN A 78 -14.73 0.64 -7.55
N ARG A 79 -15.01 -0.29 -6.65
CA ARG A 79 -14.13 -0.55 -5.52
C ARG A 79 -12.74 -0.95 -5.99
N HIS A 80 -12.69 -1.75 -7.06
CA HIS A 80 -11.42 -2.21 -7.62
C HIS A 80 -10.67 -1.06 -8.27
N ARG A 81 -11.36 -0.32 -9.14
CA ARG A 81 -10.76 0.81 -9.84
C ARG A 81 -10.36 1.91 -8.85
N LEU A 82 -11.12 2.02 -7.77
CA LEU A 82 -10.84 3.03 -6.75
C LEU A 82 -9.45 2.84 -6.16
N VAL A 83 -9.15 1.62 -5.73
CA VAL A 83 -7.85 1.31 -5.13
C VAL A 83 -6.73 1.52 -6.14
N ASN A 84 -7.01 1.20 -7.40
CA ASN A 84 -6.03 1.35 -8.47
C ASN A 84 -5.76 2.83 -8.76
N GLU A 85 -6.83 3.62 -8.76
CA GLU A 85 -6.72 5.05 -9.02
C GLU A 85 -5.82 5.73 -8.00
N CYS A 86 -5.92 5.29 -6.75
CA CYS A 86 -5.09 5.84 -5.67
C CYS A 86 -3.62 5.66 -5.96
N LEU A 87 -3.20 4.40 -6.12
CA LEU A 87 -1.80 4.08 -6.40
C LEU A 87 -1.61 3.74 -7.87
N ALA A 88 -2.05 4.64 -8.76
CA ALA A 88 -1.92 4.43 -10.19
C ALA A 88 -0.47 4.49 -10.64
N GLU A 89 0.25 5.51 -10.15
CA GLU A 89 1.65 5.69 -10.50
C GLU A 89 2.53 4.69 -9.76
N GLU A 90 2.14 4.33 -8.55
CA GLU A 90 2.89 3.39 -7.73
C GLU A 90 2.69 1.96 -8.23
N LEU A 91 1.52 1.69 -8.81
CA LEU A 91 1.19 0.36 -9.31
C LEU A 91 2.31 -0.18 -10.22
N PRO A 92 2.63 0.54 -11.31
CA PRO A 92 3.68 0.12 -12.24
C PRO A 92 4.94 -0.36 -11.54
N HIS A 93 5.23 0.23 -10.38
CA HIS A 93 6.41 -0.14 -9.61
C HIS A 93 6.21 -1.48 -8.91
N ILE A 94 4.96 -1.77 -8.55
CA ILE A 94 4.64 -3.03 -7.87
C ILE A 94 4.68 -4.20 -8.84
N HIS A 95 5.64 -5.08 -8.65
CA HIS A 95 5.79 -6.26 -9.52
C HIS A 95 4.54 -7.13 -9.46
N ALA A 96 3.94 -7.20 -8.28
CA ALA A 96 2.74 -8.01 -8.08
C ALA A 96 1.86 -7.42 -6.97
N PHE A 97 0.67 -6.98 -7.34
CA PHE A 97 -0.27 -6.40 -6.38
C PHE A 97 -1.52 -7.26 -6.24
N GLU A 98 -2.06 -7.32 -5.02
CA GLU A 98 -3.25 -8.10 -4.75
C GLU A 98 -4.12 -7.42 -3.70
N GLN A 99 -5.35 -7.10 -4.08
CA GLN A 99 -6.28 -6.44 -3.16
C GLN A 99 -7.53 -7.28 -2.95
N LYS A 100 -8.19 -7.08 -1.82
CA LYS A 100 -9.40 -7.83 -1.50
C LYS A 100 -10.35 -6.99 -0.65
N THR A 101 -11.58 -6.84 -1.11
CA THR A 101 -12.57 -6.05 -0.40
C THR A 101 -13.71 -6.94 0.09
N LEU A 102 -14.13 -6.73 1.34
CA LEU A 102 -15.21 -7.51 1.93
C LEU A 102 -16.03 -6.66 2.89
N THR A 103 -17.25 -7.11 3.18
CA THR A 103 -18.14 -6.38 4.08
C THR A 103 -17.81 -6.71 5.54
N PRO A 104 -18.02 -5.75 6.45
CA PRO A 104 -17.75 -5.94 7.88
C PRO A 104 -18.43 -7.19 8.44
N GLU A 105 -19.67 -7.40 8.05
CA GLU A 105 -20.43 -8.56 8.51
C GLU A 105 -19.75 -9.86 8.09
N GLN A 106 -19.30 -9.92 6.84
CA GLN A 106 -18.64 -11.10 6.32
C GLN A 106 -17.36 -11.40 7.12
N TRP A 107 -16.53 -10.37 7.30
CA TRP A 107 -15.28 -10.52 8.04
C TRP A 107 -15.55 -10.91 9.49
N THR A 108 -16.70 -10.47 10.02
CA THR A 108 -17.07 -10.76 11.39
C THR A 108 -17.13 -12.27 11.63
N ARG A 109 -17.48 -13.01 10.59
CA ARG A 109 -17.58 -14.47 10.68
C ARG A 109 -16.22 -15.08 10.97
N GLN A 110 -15.17 -14.44 10.47
CA GLN A 110 -13.81 -14.93 10.68
C GLN A 110 -12.88 -13.78 11.12
N ARG A 111 -12.94 -13.45 12.40
CA ARG A 111 -12.12 -12.38 12.95
C ARG A 111 -10.86 -12.94 13.60
N ARG A 112 -10.26 -13.94 12.96
CA ARG A 112 -9.05 -14.56 13.47
C ARG A 112 -7.90 -13.56 13.55
N GLU A 113 -7.55 -13.17 14.77
CA GLU A 113 -6.47 -12.21 14.99
C GLU A 113 -5.12 -12.90 14.95
N MET A 1 12.56 -2.99 -29.29
CA MET A 1 11.09 -3.19 -29.36
C MET A 1 10.58 -3.92 -28.13
N LYS A 2 9.57 -3.35 -27.47
CA LYS A 2 8.99 -3.95 -26.29
C LYS A 2 8.12 -5.15 -26.66
N GLY A 3 8.50 -6.33 -26.17
CA GLY A 3 7.75 -7.53 -26.46
C GLY A 3 8.62 -8.65 -26.99
N SER A 4 8.39 -9.87 -26.52
CA SER A 4 9.16 -11.03 -26.96
C SER A 4 10.64 -10.85 -26.63
N SER A 5 11.05 -11.36 -25.48
CA SER A 5 12.44 -11.26 -25.04
C SER A 5 12.80 -12.40 -24.10
N HIS A 6 14.10 -12.62 -23.91
CA HIS A 6 14.58 -13.68 -23.04
C HIS A 6 14.28 -13.35 -21.57
N HIS A 7 14.25 -14.39 -20.73
CA HIS A 7 13.97 -14.21 -19.32
C HIS A 7 14.74 -15.22 -18.48
N HIS A 8 15.93 -15.58 -18.94
CA HIS A 8 16.77 -16.55 -18.24
C HIS A 8 17.41 -15.91 -17.00
N HIS A 9 18.33 -14.98 -17.22
CA HIS A 9 19.01 -14.30 -16.13
C HIS A 9 19.79 -13.10 -16.64
N HIS A 10 20.45 -12.40 -15.72
CA HIS A 10 21.22 -11.22 -16.08
C HIS A 10 22.36 -11.00 -15.09
N HIS A 11 23.59 -11.20 -15.55
CA HIS A 11 24.76 -11.02 -14.69
C HIS A 11 24.72 -11.97 -13.50
N SER A 12 25.86 -12.13 -12.83
CA SER A 12 25.95 -13.01 -11.67
C SER A 12 25.89 -12.21 -10.37
N SER A 13 26.69 -11.15 -10.31
CA SER A 13 26.73 -10.30 -9.13
C SER A 13 27.20 -8.89 -9.49
N GLY A 14 26.38 -7.90 -9.13
CA GLY A 14 26.72 -6.52 -9.43
C GLY A 14 27.07 -5.73 -8.18
N ALA A 15 28.25 -5.12 -8.18
CA ALA A 15 28.70 -4.34 -7.04
C ALA A 15 29.55 -3.14 -7.50
N SER A 16 29.15 -1.95 -7.09
CA SER A 16 29.87 -0.73 -7.45
C SER A 16 30.18 0.11 -6.21
N LEU A 17 30.97 1.16 -6.40
CA LEU A 17 31.34 2.05 -5.31
C LEU A 17 30.64 3.40 -5.44
N VAL A 18 30.38 3.80 -6.67
CA VAL A 18 29.71 5.08 -6.93
C VAL A 18 28.25 4.87 -7.31
N PRO A 19 27.35 4.88 -6.32
CA PRO A 19 25.92 4.68 -6.56
C PRO A 19 25.29 5.86 -7.31
N ARG A 20 24.14 5.63 -7.92
CA ARG A 20 23.44 6.67 -8.66
C ARG A 20 22.44 7.40 -7.77
N GLY A 21 22.92 8.44 -7.10
CA GLY A 21 22.05 9.21 -6.22
C GLY A 21 22.44 9.08 -4.76
N SER A 22 22.58 10.21 -4.08
CA SER A 22 22.95 10.21 -2.67
C SER A 22 21.98 11.06 -1.85
N GLU A 23 20.72 11.10 -2.28
CA GLU A 23 19.70 11.87 -1.60
C GLU A 23 18.44 11.03 -1.36
N GLY A 24 17.95 10.41 -2.43
CA GLY A 24 16.76 9.58 -2.32
C GLY A 24 17.02 8.29 -1.57
N ALA A 25 15.94 7.56 -1.26
CA ALA A 25 16.06 6.29 -0.54
C ALA A 25 14.80 5.47 -0.69
N ALA A 26 14.96 4.17 -0.94
CA ALA A 26 13.83 3.27 -1.10
C ALA A 26 13.26 2.86 0.25
N THR A 27 14.08 2.95 1.29
CA THR A 27 13.65 2.59 2.64
C THR A 27 12.30 3.24 2.97
N MET A 28 12.12 4.45 2.44
CA MET A 28 10.88 5.20 2.68
C MET A 28 9.99 5.17 1.43
N GLU A 29 10.61 4.95 0.27
CA GLU A 29 9.86 4.90 -0.98
C GLU A 29 9.11 3.58 -1.12
N LEU A 30 7.80 3.66 -1.24
CA LEU A 30 6.96 2.48 -1.37
C LEU A 30 7.12 1.56 -0.17
N SER A 31 6.12 1.55 0.70
CA SER A 31 6.15 0.71 1.90
C SER A 31 4.81 -0.01 2.10
N ALA A 32 4.84 -1.10 2.85
CA ALA A 32 3.63 -1.88 3.12
C ALA A 32 2.57 -1.02 3.80
N ASP A 33 2.94 -0.42 4.94
CA ASP A 33 2.02 0.43 5.68
C ASP A 33 1.60 1.64 4.86
N TYR A 34 2.47 2.08 3.97
CA TYR A 34 2.18 3.23 3.12
C TYR A 34 0.94 2.99 2.27
N LEU A 35 0.90 1.83 1.61
CA LEU A 35 -0.23 1.48 0.76
C LEU A 35 -1.45 1.15 1.61
N ARG A 36 -1.22 0.62 2.80
CA ARG A 36 -2.31 0.26 3.70
C ARG A 36 -3.04 1.50 4.21
N GLU A 37 -2.28 2.41 4.81
CA GLU A 37 -2.85 3.64 5.34
C GLU A 37 -3.51 4.47 4.23
N LYS A 38 -2.96 4.36 3.02
CA LYS A 38 -3.48 5.10 1.88
C LYS A 38 -4.94 4.72 1.61
N LEU A 39 -5.18 3.43 1.34
CA LEU A 39 -6.53 2.95 1.07
C LEU A 39 -7.43 3.15 2.27
N ARG A 40 -6.85 3.11 3.47
CA ARG A 40 -7.60 3.28 4.70
C ARG A 40 -8.35 4.61 4.71
N GLN A 41 -7.60 5.69 4.60
CA GLN A 41 -8.19 7.03 4.60
C GLN A 41 -8.89 7.33 3.27
N ASP A 42 -8.37 6.73 2.19
CA ASP A 42 -8.95 6.94 0.86
C ASP A 42 -10.43 6.56 0.84
N LEU A 43 -10.74 5.37 1.35
CA LEU A 43 -12.11 4.90 1.38
C LEU A 43 -12.63 4.76 2.81
N GLU A 44 -11.86 5.26 3.77
CA GLU A 44 -12.25 5.20 5.18
C GLU A 44 -12.59 3.77 5.59
N ALA A 45 -11.62 3.07 6.16
CA ALA A 45 -11.82 1.69 6.59
C ALA A 45 -11.70 1.57 8.10
N GLU A 46 -12.35 0.55 8.67
CA GLU A 46 -12.32 0.33 10.11
C GLU A 46 -11.05 -0.41 10.50
N HIS A 47 -10.67 -1.41 9.71
CA HIS A 47 -9.47 -2.19 9.98
C HIS A 47 -8.80 -2.63 8.68
N VAL A 48 -7.51 -2.34 8.56
CA VAL A 48 -6.75 -2.71 7.38
C VAL A 48 -5.47 -3.45 7.74
N GLU A 49 -4.97 -4.26 6.81
CA GLU A 49 -3.76 -5.02 7.03
C GLU A 49 -3.00 -5.25 5.73
N VAL A 50 -1.69 -5.01 5.76
CA VAL A 50 -0.86 -5.18 4.58
C VAL A 50 0.09 -6.37 4.74
N GLU A 51 0.56 -6.90 3.62
CA GLU A 51 1.48 -8.04 3.64
C GLU A 51 2.62 -7.85 2.66
N ASP A 52 3.67 -8.63 2.83
CA ASP A 52 4.84 -8.55 1.96
C ASP A 52 5.51 -9.92 1.83
N THR A 53 5.60 -10.40 0.59
CA THR A 53 6.22 -11.69 0.32
C THR A 53 7.67 -11.72 0.80
N THR A 54 8.40 -10.65 0.56
CA THR A 54 9.79 -10.56 0.98
C THR A 54 10.38 -9.19 0.64
N LEU A 55 10.00 -8.66 -0.51
CA LEU A 55 10.49 -7.35 -0.96
C LEU A 55 11.96 -7.43 -1.35
N ASN A 56 12.25 -7.03 -2.58
CA ASN A 56 13.60 -7.04 -3.09
C ASN A 56 13.92 -5.76 -3.86
N ARG A 57 15.05 -5.75 -4.55
CA ARG A 57 15.45 -4.58 -5.34
C ARG A 57 15.02 -4.72 -6.79
N CYS A 58 15.04 -5.95 -7.29
CA CYS A 58 14.65 -6.22 -8.67
C CYS A 58 13.15 -6.47 -8.76
N ALA A 59 12.63 -7.29 -7.86
CA ALA A 59 11.21 -7.63 -7.84
C ALA A 59 10.53 -7.07 -6.59
N THR A 60 9.21 -7.11 -6.57
CA THR A 60 8.44 -6.61 -5.43
C THR A 60 7.06 -7.24 -5.39
N SER A 61 6.36 -7.04 -4.28
CA SER A 61 5.02 -7.59 -4.11
C SER A 61 4.41 -7.13 -2.79
N PHE A 62 3.14 -6.74 -2.83
CA PHE A 62 2.44 -6.29 -1.63
C PHE A 62 0.95 -6.59 -1.72
N ARG A 63 0.34 -6.82 -0.57
CA ARG A 63 -1.09 -7.12 -0.50
C ARG A 63 -1.82 -6.14 0.41
N VAL A 64 -2.78 -5.41 -0.16
CA VAL A 64 -3.54 -4.43 0.59
C VAL A 64 -4.91 -4.98 0.99
N LEU A 65 -5.20 -4.94 2.28
CA LEU A 65 -6.48 -5.43 2.80
C LEU A 65 -7.27 -4.29 3.44
N VAL A 66 -8.57 -4.27 3.18
CA VAL A 66 -9.44 -3.23 3.72
C VAL A 66 -10.82 -3.79 4.05
N VAL A 67 -11.35 -3.41 5.20
CA VAL A 67 -12.67 -3.86 5.63
C VAL A 67 -13.56 -2.68 6.00
N SER A 68 -14.68 -2.55 5.30
CA SER A 68 -15.62 -1.46 5.56
C SER A 68 -16.85 -1.57 4.67
N ALA A 69 -17.79 -0.65 4.85
CA ALA A 69 -19.02 -0.65 4.07
C ALA A 69 -18.88 0.22 2.82
N LYS A 70 -17.88 1.10 2.81
CA LYS A 70 -17.65 1.98 1.68
C LYS A 70 -17.60 1.20 0.37
N PHE A 71 -17.10 -0.03 0.44
CA PHE A 71 -17.00 -0.88 -0.75
C PHE A 71 -18.37 -1.43 -1.13
N GLU A 72 -19.22 -1.64 -0.13
CA GLU A 72 -20.56 -2.16 -0.37
C GLU A 72 -21.38 -1.20 -1.23
N GLY A 73 -21.09 0.10 -1.09
CA GLY A 73 -21.82 1.09 -1.86
C GLY A 73 -21.48 1.04 -3.34
N LYS A 74 -20.18 1.03 -3.65
CA LYS A 74 -19.74 0.98 -5.03
C LYS A 74 -19.69 -0.46 -5.55
N PRO A 75 -19.94 -0.67 -6.85
CA PRO A 75 -19.93 -2.00 -7.46
C PRO A 75 -18.61 -2.73 -7.21
N LEU A 76 -18.43 -3.85 -7.90
CA LEU A 76 -17.20 -4.64 -7.76
C LEU A 76 -16.09 -4.08 -8.63
N LEU A 77 -16.46 -3.62 -9.82
CA LEU A 77 -15.49 -3.05 -10.76
C LEU A 77 -15.04 -1.66 -10.32
N GLN A 78 -15.94 -0.95 -9.65
CA GLN A 78 -15.65 0.40 -9.17
C GLN A 78 -14.68 0.36 -8.01
N ARG A 79 -14.91 -0.55 -7.06
CA ARG A 79 -14.05 -0.69 -5.89
C ARG A 79 -12.61 -1.01 -6.31
N HIS A 80 -12.47 -1.86 -7.32
CA HIS A 80 -11.15 -2.23 -7.81
C HIS A 80 -10.49 -1.07 -8.56
N ARG A 81 -11.30 -0.34 -9.32
CA ARG A 81 -10.79 0.80 -10.08
C ARG A 81 -10.38 1.93 -9.16
N LEU A 82 -11.06 2.05 -8.02
CA LEU A 82 -10.76 3.09 -7.05
C LEU A 82 -9.35 2.93 -6.50
N VAL A 83 -9.02 1.72 -6.06
CA VAL A 83 -7.71 1.42 -5.51
C VAL A 83 -6.61 1.70 -6.53
N ASN A 84 -6.92 1.45 -7.80
CA ASN A 84 -5.97 1.66 -8.88
C ASN A 84 -5.73 3.15 -9.11
N GLU A 85 -6.74 3.96 -8.84
CA GLU A 85 -6.65 5.40 -9.02
C GLU A 85 -5.56 6.00 -8.12
N CYS A 86 -5.73 5.81 -6.81
CA CYS A 86 -4.77 6.33 -5.84
C CYS A 86 -3.40 5.68 -6.02
N LEU A 87 -3.41 4.38 -6.29
CA LEU A 87 -2.18 3.62 -6.49
C LEU A 87 -1.88 3.45 -7.97
N ALA A 88 -2.32 4.42 -8.78
CA ALA A 88 -2.10 4.37 -10.22
C ALA A 88 -0.63 4.61 -10.56
N GLU A 89 -0.04 5.63 -9.94
CA GLU A 89 1.36 5.97 -10.19
C GLU A 89 2.29 4.97 -9.51
N GLU A 90 1.92 4.53 -8.31
CA GLU A 90 2.73 3.58 -7.56
C GLU A 90 2.61 2.17 -8.13
N LEU A 91 1.45 1.86 -8.72
CA LEU A 91 1.21 0.54 -9.29
C LEU A 91 2.36 0.08 -10.18
N PRO A 92 2.70 0.87 -11.22
CA PRO A 92 3.79 0.54 -12.14
C PRO A 92 5.05 0.06 -11.41
N HIS A 93 5.29 0.61 -10.23
CA HIS A 93 6.46 0.23 -9.43
C HIS A 93 6.25 -1.14 -8.78
N ILE A 94 4.99 -1.46 -8.48
CA ILE A 94 4.66 -2.73 -7.85
C ILE A 94 4.70 -3.87 -8.86
N HIS A 95 5.69 -4.74 -8.72
CA HIS A 95 5.84 -5.89 -9.62
C HIS A 95 4.60 -6.79 -9.54
N ALA A 96 4.01 -6.85 -8.36
CA ALA A 96 2.83 -7.67 -8.13
C ALA A 96 1.93 -7.05 -7.07
N PHE A 97 0.72 -6.66 -7.47
CA PHE A 97 -0.22 -6.04 -6.55
C PHE A 97 -1.48 -6.90 -6.41
N GLU A 98 -1.97 -7.02 -5.18
CA GLU A 98 -3.17 -7.81 -4.91
C GLU A 98 -4.07 -7.09 -3.90
N GLN A 99 -5.29 -6.79 -4.33
CA GLN A 99 -6.25 -6.10 -3.47
C GLN A 99 -7.38 -7.05 -3.03
N LYS A 100 -7.93 -6.78 -1.85
CA LYS A 100 -9.02 -7.60 -1.32
C LYS A 100 -9.98 -6.76 -0.50
N THR A 101 -11.25 -6.73 -0.92
CA THR A 101 -12.26 -5.95 -0.22
C THR A 101 -13.31 -6.87 0.41
N LEU A 102 -13.63 -6.63 1.67
CA LEU A 102 -14.62 -7.43 2.37
C LEU A 102 -15.47 -6.56 3.29
N THR A 103 -16.74 -6.92 3.43
CA THR A 103 -17.66 -6.17 4.27
C THR A 103 -17.40 -6.45 5.75
N PRO A 104 -17.75 -5.49 6.63
CA PRO A 104 -17.55 -5.63 8.08
C PRO A 104 -18.13 -6.93 8.62
N GLU A 105 -19.38 -7.21 8.24
CA GLU A 105 -20.06 -8.42 8.69
C GLU A 105 -19.29 -9.67 8.28
N GLN A 106 -18.77 -9.65 7.05
CA GLN A 106 -18.02 -10.78 6.53
C GLN A 106 -16.78 -11.04 7.38
N TRP A 107 -16.10 -9.98 7.79
CA TRP A 107 -14.90 -10.10 8.60
C TRP A 107 -15.25 -10.47 10.04
N THR A 108 -16.36 -9.93 10.54
CA THR A 108 -16.80 -10.21 11.89
C THR A 108 -17.07 -11.70 12.08
N ARG A 109 -17.49 -12.36 11.00
CA ARG A 109 -17.78 -13.79 11.06
C ARG A 109 -16.53 -14.61 10.77
N GLN A 110 -15.63 -14.05 9.95
CA GLN A 110 -14.40 -14.74 9.59
C GLN A 110 -13.24 -14.26 10.47
N ARG A 111 -13.53 -14.05 11.76
CA ARG A 111 -12.50 -13.61 12.69
C ARG A 111 -11.89 -14.79 13.44
N ARG A 112 -11.24 -15.67 12.69
CA ARG A 112 -10.60 -16.85 13.28
C ARG A 112 -11.62 -17.71 14.02
N GLU A 113 -12.15 -18.71 13.34
CA GLU A 113 -13.14 -19.60 13.93
C GLU A 113 -13.07 -20.99 13.31
N MET A 1 39.24 -17.70 -21.88
CA MET A 1 40.69 -17.86 -21.62
C MET A 1 40.94 -18.70 -20.37
N LYS A 2 40.50 -18.19 -19.22
CA LYS A 2 40.67 -18.89 -17.96
C LYS A 2 39.58 -18.49 -16.96
N GLY A 3 38.81 -19.47 -16.51
CA GLY A 3 37.75 -19.20 -15.55
C GLY A 3 36.64 -18.35 -16.15
N SER A 4 35.87 -18.92 -17.06
CA SER A 4 34.78 -18.21 -17.70
C SER A 4 33.74 -17.76 -16.67
N SER A 5 33.48 -16.46 -16.63
CA SER A 5 32.51 -15.91 -15.70
C SER A 5 31.22 -15.53 -16.42
N HIS A 6 31.34 -15.14 -17.68
CA HIS A 6 30.18 -14.75 -18.48
C HIS A 6 29.47 -13.55 -17.87
N HIS A 7 29.97 -12.36 -18.19
CA HIS A 7 29.39 -11.12 -17.67
C HIS A 7 29.61 -9.97 -18.64
N HIS A 8 28.80 -9.92 -19.69
CA HIS A 8 28.91 -8.86 -20.69
C HIS A 8 27.64 -8.77 -21.53
N HIS A 9 27.00 -7.60 -21.50
CA HIS A 9 25.78 -7.38 -22.26
C HIS A 9 25.75 -6.00 -22.89
N HIS A 10 25.32 -5.92 -24.13
CA HIS A 10 25.25 -4.65 -24.85
C HIS A 10 23.88 -4.01 -24.67
N HIS A 11 23.67 -3.36 -23.52
CA HIS A 11 22.41 -2.69 -23.24
C HIS A 11 22.24 -1.44 -24.09
N SER A 12 21.03 -0.89 -24.09
CA SER A 12 20.75 0.32 -24.86
C SER A 12 21.41 1.53 -24.24
N SER A 13 21.83 2.47 -25.09
CA SER A 13 22.49 3.68 -24.62
C SER A 13 21.46 4.79 -24.38
N GLY A 14 20.70 5.12 -25.42
CA GLY A 14 19.70 6.16 -25.30
C GLY A 14 20.30 7.50 -24.91
N ALA A 15 21.00 8.13 -25.85
CA ALA A 15 21.62 9.42 -25.60
C ALA A 15 20.57 10.52 -25.42
N SER A 16 19.90 10.50 -24.28
CA SER A 16 18.87 11.49 -23.98
C SER A 16 19.39 12.54 -23.00
N LEU A 17 20.63 12.95 -23.18
CA LEU A 17 21.25 13.95 -22.32
C LEU A 17 21.31 13.45 -20.88
N VAL A 18 21.44 12.14 -20.70
CA VAL A 18 21.50 11.54 -19.38
C VAL A 18 20.27 11.89 -18.55
N PRO A 19 19.25 11.02 -18.54
CA PRO A 19 18.01 11.25 -17.79
C PRO A 19 18.25 11.20 -16.28
N ARG A 20 17.77 12.23 -15.58
CA ARG A 20 17.93 12.30 -14.13
C ARG A 20 17.27 11.11 -13.45
N GLY A 21 17.52 10.95 -12.15
CA GLY A 21 16.94 9.86 -11.41
C GLY A 21 17.55 9.71 -10.02
N SER A 22 18.32 8.64 -9.83
CA SER A 22 18.96 8.39 -8.54
C SER A 22 17.93 8.28 -7.44
N GLU A 23 18.40 8.06 -6.22
CA GLU A 23 17.51 7.93 -5.06
C GLU A 23 18.23 8.35 -3.78
N GLY A 24 17.95 9.57 -3.31
CA GLY A 24 18.57 10.05 -2.10
C GLY A 24 18.04 9.37 -0.85
N ALA A 25 16.73 9.43 -0.67
CA ALA A 25 16.09 8.82 0.49
C ALA A 25 14.96 7.88 0.06
N ALA A 26 14.18 7.43 1.04
CA ALA A 26 13.07 6.53 0.75
C ALA A 26 11.74 7.28 0.65
N THR A 27 11.83 8.56 0.30
CA THR A 27 10.65 9.40 0.15
C THR A 27 9.74 8.86 -0.94
N MET A 28 10.34 8.22 -1.94
CA MET A 28 9.59 7.64 -3.04
C MET A 28 9.59 6.11 -2.99
N GLU A 29 10.59 5.55 -2.30
CA GLU A 29 10.70 4.11 -2.17
C GLU A 29 9.42 3.51 -1.58
N LEU A 30 8.78 2.63 -2.34
CA LEU A 30 7.55 1.98 -1.92
C LEU A 30 7.63 1.51 -0.46
N SER A 31 6.49 1.21 0.12
CA SER A 31 6.43 0.75 1.50
C SER A 31 5.10 0.04 1.79
N ALA A 32 5.15 -0.96 2.67
CA ALA A 32 3.96 -1.70 3.04
C ALA A 32 2.97 -0.83 3.80
N ASP A 33 3.44 -0.21 4.88
CA ASP A 33 2.60 0.66 5.70
C ASP A 33 2.08 1.84 4.88
N TYR A 34 2.86 2.26 3.90
CA TYR A 34 2.47 3.38 3.05
C TYR A 34 1.17 3.09 2.32
N LEU A 35 1.14 1.98 1.60
CA LEU A 35 -0.04 1.57 0.85
C LEU A 35 -1.20 1.26 1.80
N ARG A 36 -0.87 0.77 2.99
CA ARG A 36 -1.88 0.42 3.97
C ARG A 36 -2.58 1.67 4.50
N GLU A 37 -1.80 2.57 5.10
CA GLU A 37 -2.33 3.80 5.65
C GLU A 37 -2.96 4.67 4.55
N LYS A 38 -2.29 4.72 3.41
CA LYS A 38 -2.77 5.50 2.27
C LYS A 38 -4.16 5.02 1.83
N LEU A 39 -4.24 3.74 1.51
CA LEU A 39 -5.52 3.15 1.06
C LEU A 39 -6.59 3.29 2.14
N ARG A 40 -6.19 3.07 3.39
CA ARG A 40 -7.12 3.17 4.51
C ARG A 40 -7.73 4.56 4.59
N GLN A 41 -6.89 5.57 4.45
CA GLN A 41 -7.36 6.95 4.52
C GLN A 41 -8.08 7.34 3.24
N ASP A 42 -7.48 7.00 2.09
CA ASP A 42 -8.07 7.32 0.80
C ASP A 42 -9.44 6.66 0.65
N LEU A 43 -9.50 5.36 0.94
CA LEU A 43 -10.75 4.61 0.84
C LEU A 43 -11.62 4.82 2.07
N GLU A 44 -11.00 5.24 3.17
CA GLU A 44 -11.71 5.48 4.42
C GLU A 44 -12.35 4.19 4.93
N ALA A 45 -11.59 3.10 4.88
CA ALA A 45 -12.07 1.81 5.34
C ALA A 45 -11.97 1.69 6.86
N GLU A 46 -12.68 0.71 7.42
CA GLU A 46 -12.66 0.49 8.86
C GLU A 46 -11.33 -0.09 9.31
N HIS A 47 -11.01 -1.28 8.80
CA HIS A 47 -9.75 -1.94 9.15
C HIS A 47 -9.01 -2.40 7.90
N VAL A 48 -7.69 -2.40 7.96
CA VAL A 48 -6.87 -2.81 6.84
C VAL A 48 -5.60 -3.51 7.31
N GLU A 49 -4.98 -4.29 6.42
CA GLU A 49 -3.77 -5.01 6.74
C GLU A 49 -2.90 -5.19 5.50
N VAL A 50 -1.62 -4.83 5.61
CA VAL A 50 -0.69 -4.95 4.50
C VAL A 50 0.32 -6.06 4.75
N GLU A 51 0.92 -6.56 3.67
CA GLU A 51 1.90 -7.64 3.77
C GLU A 51 2.96 -7.50 2.69
N ASP A 52 4.08 -8.20 2.87
CA ASP A 52 5.17 -8.16 1.91
C ASP A 52 5.87 -9.51 1.83
N THR A 53 5.89 -10.09 0.63
CA THR A 53 6.52 -11.38 0.42
C THR A 53 8.04 -11.28 0.60
N THR A 54 8.71 -10.68 -0.38
CA THR A 54 10.15 -10.51 -0.32
C THR A 54 10.86 -11.86 -0.31
N LEU A 55 12.05 -11.91 -0.88
CA LEU A 55 12.83 -13.14 -0.95
C LEU A 55 14.03 -13.07 0.00
N ASN A 56 14.82 -12.00 -0.14
CA ASN A 56 16.00 -11.82 0.69
C ASN A 56 15.98 -10.44 1.35
N ARG A 57 15.66 -9.43 0.57
CA ARG A 57 15.60 -8.06 1.08
C ARG A 57 14.38 -7.32 0.54
N CYS A 58 14.27 -7.24 -0.78
CA CYS A 58 13.14 -6.58 -1.42
C CYS A 58 12.86 -7.18 -2.79
N ALA A 59 11.66 -7.72 -2.95
CA ALA A 59 11.25 -8.33 -4.22
C ALA A 59 9.97 -7.70 -4.76
N THR A 60 9.70 -6.47 -4.34
CA THR A 60 8.50 -5.76 -4.79
C THR A 60 7.25 -6.56 -4.49
N SER A 61 6.14 -6.18 -5.11
CA SER A 61 4.86 -6.87 -4.92
C SER A 61 4.39 -6.72 -3.48
N PHE A 62 3.14 -6.30 -3.31
CA PHE A 62 2.55 -6.13 -1.99
C PHE A 62 1.05 -6.36 -2.02
N ARG A 63 0.50 -6.79 -0.89
CA ARG A 63 -0.93 -7.07 -0.79
C ARG A 63 -1.53 -6.32 0.40
N VAL A 64 -2.79 -5.93 0.27
CA VAL A 64 -3.49 -5.20 1.33
C VAL A 64 -4.94 -5.66 1.45
N LEU A 65 -5.50 -5.49 2.65
CA LEU A 65 -6.88 -5.89 2.91
C LEU A 65 -7.73 -4.67 3.27
N VAL A 66 -8.93 -4.60 2.70
CA VAL A 66 -9.84 -3.49 2.97
C VAL A 66 -11.25 -3.99 3.29
N VAL A 67 -11.78 -3.56 4.43
CA VAL A 67 -13.11 -3.97 4.84
C VAL A 67 -13.92 -2.76 5.32
N SER A 68 -15.04 -2.51 4.65
CA SER A 68 -15.90 -1.39 5.02
C SER A 68 -17.18 -1.38 4.18
N ALA A 69 -18.17 -0.61 4.63
CA ALA A 69 -19.44 -0.52 3.92
C ALA A 69 -19.35 0.42 2.72
N LYS A 70 -18.34 1.29 2.73
CA LYS A 70 -18.14 2.25 1.64
C LYS A 70 -18.11 1.54 0.29
N PHE A 71 -17.56 0.32 0.28
CA PHE A 71 -17.47 -0.46 -0.94
C PHE A 71 -18.84 -1.03 -1.34
N GLU A 72 -19.67 -1.30 -0.35
CA GLU A 72 -20.99 -1.85 -0.59
C GLU A 72 -21.84 -0.88 -1.43
N GLY A 73 -21.57 0.41 -1.26
CA GLY A 73 -22.31 1.41 -2.01
C GLY A 73 -21.99 1.39 -3.49
N LYS A 74 -20.74 1.09 -3.80
CA LYS A 74 -20.30 1.04 -5.20
C LYS A 74 -20.22 -0.41 -5.69
N PRO A 75 -20.39 -0.62 -7.01
CA PRO A 75 -20.34 -1.95 -7.62
C PRO A 75 -19.08 -2.72 -7.23
N LEU A 76 -19.04 -4.00 -7.56
CA LEU A 76 -17.89 -4.85 -7.25
C LEU A 76 -16.67 -4.40 -8.03
N LEU A 77 -16.84 -4.22 -9.34
CA LEU A 77 -15.73 -3.80 -10.21
C LEU A 77 -15.28 -2.38 -9.84
N GLN A 78 -16.21 -1.57 -9.37
CA GLN A 78 -15.90 -0.19 -8.98
C GLN A 78 -14.96 -0.17 -7.78
N ARG A 79 -15.06 -1.18 -6.93
CA ARG A 79 -14.21 -1.27 -5.75
C ARG A 79 -12.74 -1.30 -6.12
N HIS A 80 -12.37 -2.24 -6.99
CA HIS A 80 -10.98 -2.37 -7.44
C HIS A 80 -10.51 -1.10 -8.13
N ARG A 81 -11.42 -0.46 -8.87
CA ARG A 81 -11.10 0.76 -9.59
C ARG A 81 -10.67 1.87 -8.63
N LEU A 82 -11.36 1.96 -7.50
CA LEU A 82 -11.04 2.96 -6.49
C LEU A 82 -9.64 2.76 -5.93
N VAL A 83 -9.31 1.51 -5.60
CA VAL A 83 -8.00 1.19 -5.05
C VAL A 83 -6.90 1.46 -6.06
N ASN A 84 -7.18 1.17 -7.33
CA ASN A 84 -6.22 1.39 -8.40
C ASN A 84 -5.94 2.87 -8.60
N GLU A 85 -6.99 3.69 -8.42
CA GLU A 85 -6.85 5.14 -8.58
C GLU A 85 -5.91 5.72 -7.54
N CYS A 86 -5.97 5.18 -6.32
CA CYS A 86 -5.12 5.65 -5.23
C CYS A 86 -3.64 5.47 -5.59
N LEU A 87 -3.23 4.24 -5.84
CA LEU A 87 -1.85 3.94 -6.20
C LEU A 87 -1.70 3.77 -7.70
N ALA A 88 -2.26 4.72 -8.46
CA ALA A 88 -2.18 4.68 -9.91
C ALA A 88 -0.74 4.75 -10.39
N GLU A 89 -0.01 5.75 -9.92
CA GLU A 89 1.39 5.93 -10.31
C GLU A 89 2.28 4.91 -9.60
N GLU A 90 1.91 4.56 -8.38
CA GLU A 90 2.68 3.59 -7.59
C GLU A 90 2.47 2.17 -8.10
N LEU A 91 1.29 1.90 -8.66
CA LEU A 91 0.97 0.56 -9.16
C LEU A 91 2.06 0.05 -10.11
N PRO A 92 2.35 0.79 -11.20
CA PRO A 92 3.37 0.39 -12.17
C PRO A 92 4.65 -0.09 -11.51
N HIS A 93 4.97 0.48 -10.35
CA HIS A 93 6.16 0.10 -9.61
C HIS A 93 6.00 -1.25 -8.94
N ILE A 94 4.76 -1.56 -8.54
CA ILE A 94 4.46 -2.82 -7.88
C ILE A 94 4.45 -3.97 -8.89
N HIS A 95 5.37 -4.92 -8.71
CA HIS A 95 5.46 -6.08 -9.59
C HIS A 95 4.18 -6.91 -9.52
N ALA A 96 3.62 -7.00 -8.32
CA ALA A 96 2.39 -7.76 -8.11
C ALA A 96 1.59 -7.19 -6.94
N PHE A 97 0.39 -6.71 -7.23
CA PHE A 97 -0.48 -6.13 -6.22
C PHE A 97 -1.78 -6.91 -6.11
N GLU A 98 -2.28 -7.05 -4.89
CA GLU A 98 -3.53 -7.77 -4.64
C GLU A 98 -4.36 -7.06 -3.58
N GLN A 99 -5.56 -6.66 -3.95
CA GLN A 99 -6.46 -5.96 -3.04
C GLN A 99 -7.76 -6.74 -2.85
N LYS A 100 -8.15 -6.94 -1.59
CA LYS A 100 -9.37 -7.67 -1.28
C LYS A 100 -10.36 -6.77 -0.55
N THR A 101 -11.56 -6.65 -1.11
CA THR A 101 -12.61 -5.81 -0.52
C THR A 101 -13.84 -6.64 -0.18
N LEU A 102 -14.35 -6.45 1.04
CA LEU A 102 -15.54 -7.18 1.48
C LEU A 102 -16.40 -6.30 2.38
N THR A 103 -17.63 -6.73 2.62
CA THR A 103 -18.56 -5.98 3.46
C THR A 103 -18.26 -6.23 4.94
N PRO A 104 -18.50 -5.22 5.80
CA PRO A 104 -18.25 -5.34 7.24
C PRO A 104 -18.97 -6.54 7.86
N GLU A 105 -20.25 -6.69 7.53
CA GLU A 105 -21.04 -7.80 8.05
C GLU A 105 -20.45 -9.14 7.65
N GLN A 106 -19.98 -9.21 6.40
CA GLN A 106 -19.39 -10.45 5.89
C GLN A 106 -18.14 -10.82 6.69
N TRP A 107 -17.20 -9.90 6.79
CA TRP A 107 -15.97 -10.14 7.54
C TRP A 107 -16.26 -10.47 8.99
N THR A 108 -17.31 -9.85 9.53
CA THR A 108 -17.69 -10.07 10.92
C THR A 108 -18.03 -11.54 11.17
N ARG A 109 -18.77 -12.14 10.22
CA ARG A 109 -19.17 -13.53 10.34
C ARG A 109 -18.24 -14.44 9.53
N GLN A 110 -16.99 -13.98 9.34
CA GLN A 110 -16.01 -14.76 8.59
C GLN A 110 -14.83 -15.16 9.47
N ARG A 111 -14.77 -14.62 10.68
CA ARG A 111 -13.69 -14.93 11.61
C ARG A 111 -14.24 -15.28 12.99
N ARG A 112 -14.86 -16.45 13.10
CA ARG A 112 -15.43 -16.90 14.36
C ARG A 112 -16.46 -15.90 14.88
N GLU A 113 -16.97 -16.16 16.08
CA GLU A 113 -17.97 -15.29 16.69
C GLU A 113 -17.30 -14.12 17.40
N MET A 1 13.51 16.37 19.23
CA MET A 1 14.23 15.25 18.59
C MET A 1 15.18 15.75 17.50
N LYS A 2 14.66 16.54 16.57
CA LYS A 2 15.46 17.08 15.49
C LYS A 2 16.60 17.94 16.03
N GLY A 3 17.45 18.42 15.13
CA GLY A 3 18.56 19.26 15.54
C GLY A 3 19.73 18.44 16.06
N SER A 4 19.96 17.28 15.46
CA SER A 4 21.05 16.41 15.86
C SER A 4 20.88 15.98 17.32
N SER A 5 20.57 14.70 17.52
CA SER A 5 20.38 14.16 18.86
C SER A 5 21.66 14.30 19.69
N HIS A 6 22.71 13.59 19.27
CA HIS A 6 23.99 13.64 19.97
C HIS A 6 24.71 14.97 19.72
N HIS A 7 24.57 15.89 20.67
CA HIS A 7 25.20 17.19 20.56
C HIS A 7 26.61 17.17 21.13
N HIS A 8 27.44 18.12 20.69
CA HIS A 8 28.82 18.20 21.16
C HIS A 8 29.52 19.42 20.56
N HIS A 9 29.27 19.68 19.28
CA HIS A 9 29.88 20.81 18.60
C HIS A 9 29.51 22.12 19.27
N HIS A 10 30.51 22.92 19.61
CA HIS A 10 30.29 24.21 20.26
C HIS A 10 31.37 25.21 19.87
N HIS A 11 31.18 25.87 18.73
CA HIS A 11 32.14 26.85 18.24
C HIS A 11 33.51 26.22 18.01
N SER A 12 33.51 24.95 17.59
CA SER A 12 34.74 24.22 17.33
C SER A 12 35.18 24.40 15.88
N SER A 13 34.26 24.13 14.95
CA SER A 13 34.56 24.25 13.53
C SER A 13 34.40 25.70 13.07
N GLY A 14 34.95 26.01 11.91
CA GLY A 14 34.87 27.35 11.37
C GLY A 14 33.84 27.47 10.26
N ALA A 15 33.93 26.59 9.27
CA ALA A 15 33.00 26.60 8.14
C ALA A 15 32.40 25.22 7.92
N SER A 16 31.25 24.98 8.53
CA SER A 16 30.56 23.70 8.41
C SER A 16 29.05 23.89 8.39
N LEU A 17 28.47 23.87 7.19
CA LEU A 17 27.03 24.04 7.04
C LEU A 17 26.45 22.98 6.10
N VAL A 18 26.69 21.71 6.42
CA VAL A 18 26.19 20.61 5.61
C VAL A 18 25.15 19.79 6.37
N PRO A 19 23.88 20.18 6.27
CA PRO A 19 22.78 19.47 6.95
C PRO A 19 22.79 17.97 6.66
N ARG A 20 22.12 17.21 7.53
CA ARG A 20 22.06 15.76 7.36
C ARG A 20 20.61 15.30 7.22
N GLY A 21 20.42 13.98 7.14
CA GLY A 21 19.08 13.43 7.01
C GLY A 21 18.80 12.35 8.02
N SER A 22 17.90 11.43 7.68
CA SER A 22 17.53 10.33 8.57
C SER A 22 17.74 8.99 7.87
N GLU A 23 18.45 8.09 8.55
CA GLU A 23 18.72 6.77 8.01
C GLU A 23 18.06 5.68 8.86
N GLY A 24 17.47 4.69 8.19
CA GLY A 24 16.80 3.61 8.90
C GLY A 24 15.29 3.72 8.84
N ALA A 25 14.79 4.32 7.76
CA ALA A 25 13.36 4.49 7.60
C ALA A 25 12.95 4.36 6.12
N ALA A 26 11.68 4.11 5.89
CA ALA A 26 11.17 3.96 4.52
C ALA A 26 10.53 5.26 4.04
N THR A 27 10.98 6.38 4.57
CA THR A 27 10.45 7.68 4.18
C THR A 27 10.61 7.91 2.68
N MET A 28 11.67 7.33 2.11
CA MET A 28 11.94 7.46 0.69
C MET A 28 11.71 6.14 -0.03
N GLU A 29 11.84 5.03 0.69
CA GLU A 29 11.64 3.71 0.12
C GLU A 29 10.22 3.21 0.38
N LEU A 30 9.56 2.74 -0.67
CA LEU A 30 8.20 2.23 -0.57
C LEU A 30 8.02 1.34 0.65
N SER A 31 6.87 1.45 1.30
CA SER A 31 6.57 0.66 2.49
C SER A 31 5.15 0.12 2.43
N ALA A 32 4.95 -1.07 3.00
CA ALA A 32 3.64 -1.70 3.03
C ALA A 32 2.63 -0.83 3.76
N ASP A 33 3.04 -0.30 4.91
CA ASP A 33 2.16 0.55 5.71
C ASP A 33 1.75 1.79 4.93
N TYR A 34 2.63 2.26 4.05
CA TYR A 34 2.36 3.43 3.25
C TYR A 34 1.13 3.22 2.36
N LEU A 35 1.10 2.08 1.66
CA LEU A 35 0.00 1.76 0.78
C LEU A 35 -1.28 1.50 1.58
N ARG A 36 -1.12 0.87 2.74
CA ARG A 36 -2.26 0.56 3.60
C ARG A 36 -2.85 1.82 4.20
N GLU A 37 -1.99 2.61 4.85
CA GLU A 37 -2.43 3.86 5.47
C GLU A 37 -3.02 4.81 4.43
N LYS A 38 -2.53 4.72 3.20
CA LYS A 38 -3.01 5.58 2.13
C LYS A 38 -4.48 5.29 1.82
N LEU A 39 -4.78 4.05 1.45
CA LEU A 39 -6.14 3.65 1.13
C LEU A 39 -7.02 3.68 2.37
N ARG A 40 -6.42 3.44 3.53
CA ARG A 40 -7.15 3.44 4.79
C ARG A 40 -7.84 4.77 5.02
N GLN A 41 -7.07 5.84 4.99
CA GLN A 41 -7.61 7.17 5.20
C GLN A 41 -8.38 7.65 3.97
N ASP A 42 -7.95 7.20 2.79
CA ASP A 42 -8.60 7.58 1.55
C ASP A 42 -10.03 7.07 1.51
N LEU A 43 -10.20 5.76 1.65
CA LEU A 43 -11.51 5.14 1.63
C LEU A 43 -12.15 5.13 3.02
N GLU A 44 -11.33 5.37 4.05
CA GLU A 44 -11.82 5.38 5.41
C GLU A 44 -12.39 4.01 5.80
N ALA A 45 -11.55 2.99 5.72
CA ALA A 45 -11.97 1.63 6.07
C ALA A 45 -11.92 1.41 7.57
N GLU A 46 -12.39 0.24 8.00
CA GLU A 46 -12.41 -0.11 9.41
C GLU A 46 -11.16 -0.89 9.80
N HIS A 47 -10.90 -1.96 9.05
CA HIS A 47 -9.74 -2.80 9.31
C HIS A 47 -8.88 -2.95 8.07
N VAL A 48 -7.57 -2.81 8.22
CA VAL A 48 -6.64 -2.93 7.11
C VAL A 48 -5.47 -3.83 7.46
N GLU A 49 -4.99 -4.57 6.46
CA GLU A 49 -3.87 -5.48 6.67
C GLU A 49 -2.96 -5.51 5.45
N VAL A 50 -1.68 -5.25 5.66
CA VAL A 50 -0.70 -5.24 4.57
C VAL A 50 0.49 -6.14 4.90
N GLU A 51 1.03 -6.78 3.87
CA GLU A 51 2.18 -7.66 4.04
C GLU A 51 3.12 -7.58 2.85
N ASP A 52 4.33 -8.10 3.02
CA ASP A 52 5.34 -8.08 1.96
C ASP A 52 6.10 -9.40 1.92
N THR A 53 6.15 -10.00 0.75
CA THR A 53 6.84 -11.27 0.57
C THR A 53 8.25 -11.04 0.00
N THR A 54 8.88 -9.95 0.40
CA THR A 54 10.22 -9.63 -0.07
C THR A 54 10.89 -8.62 0.86
N LEU A 55 12.15 -8.31 0.57
CA LEU A 55 12.91 -7.36 1.38
C LEU A 55 13.77 -6.46 0.50
N ASN A 56 14.52 -7.08 -0.41
CA ASN A 56 15.39 -6.33 -1.31
C ASN A 56 14.58 -5.62 -2.38
N ARG A 57 15.15 -4.57 -2.96
CA ARG A 57 14.48 -3.79 -4.00
C ARG A 57 14.37 -4.61 -5.28
N CYS A 58 13.89 -3.96 -6.34
CA CYS A 58 13.74 -4.62 -7.63
C CYS A 58 12.79 -5.81 -7.52
N ALA A 59 11.61 -5.68 -8.13
CA ALA A 59 10.62 -6.75 -8.11
C ALA A 59 10.21 -7.08 -6.67
N THR A 60 9.24 -6.32 -6.15
CA THR A 60 8.75 -6.53 -4.79
C THR A 60 7.23 -6.63 -4.77
N SER A 61 6.72 -7.77 -4.31
CA SER A 61 5.28 -7.99 -4.23
C SER A 61 4.71 -7.40 -2.95
N PHE A 62 3.41 -7.09 -2.96
CA PHE A 62 2.75 -6.52 -1.79
C PHE A 62 1.28 -6.92 -1.76
N ARG A 63 0.72 -7.03 -0.55
CA ARG A 63 -0.67 -7.40 -0.36
C ARG A 63 -1.39 -6.39 0.52
N VAL A 64 -2.64 -6.08 0.16
CA VAL A 64 -3.43 -5.13 0.93
C VAL A 64 -4.84 -5.64 1.15
N LEU A 65 -5.42 -5.29 2.29
CA LEU A 65 -6.78 -5.71 2.63
C LEU A 65 -7.60 -4.54 3.16
N VAL A 66 -8.82 -4.40 2.66
CA VAL A 66 -9.70 -3.33 3.08
C VAL A 66 -11.11 -3.84 3.35
N VAL A 67 -11.64 -3.51 4.54
CA VAL A 67 -12.97 -3.94 4.92
C VAL A 67 -13.76 -2.79 5.53
N SER A 68 -14.88 -2.44 4.91
CA SER A 68 -15.72 -1.35 5.40
C SER A 68 -16.96 -1.18 4.53
N ALA A 69 -17.80 -0.22 4.88
CA ALA A 69 -19.02 0.05 4.13
C ALA A 69 -18.75 0.98 2.95
N LYS A 70 -17.60 1.66 2.97
CA LYS A 70 -17.23 2.58 1.90
C LYS A 70 -17.34 1.90 0.53
N PHE A 71 -17.05 0.60 0.50
CA PHE A 71 -17.12 -0.17 -0.74
C PHE A 71 -18.57 -0.44 -1.13
N GLU A 72 -19.43 -0.56 -0.13
CA GLU A 72 -20.84 -0.82 -0.37
C GLU A 72 -21.50 0.33 -1.13
N GLY A 73 -21.00 1.54 -0.90
CA GLY A 73 -21.55 2.70 -1.57
C GLY A 73 -21.44 2.60 -3.07
N LYS A 74 -20.25 2.28 -3.56
CA LYS A 74 -20.02 2.16 -5.00
C LYS A 74 -20.12 0.70 -5.44
N PRO A 75 -20.35 0.47 -6.75
CA PRO A 75 -20.48 -0.89 -7.29
C PRO A 75 -19.28 -1.77 -6.93
N LEU A 76 -19.27 -3.00 -7.45
CA LEU A 76 -18.19 -3.93 -7.17
C LEU A 76 -16.96 -3.62 -8.02
N LEU A 77 -17.19 -3.36 -9.31
CA LEU A 77 -16.10 -3.04 -10.23
C LEU A 77 -15.58 -1.63 -10.00
N GLN A 78 -16.47 -0.74 -9.56
CA GLN A 78 -16.09 0.65 -9.30
C GLN A 78 -15.14 0.75 -8.12
N ARG A 79 -15.49 0.07 -7.03
CA ARG A 79 -14.67 0.08 -5.83
C ARG A 79 -13.27 -0.47 -6.12
N HIS A 80 -13.21 -1.50 -6.96
CA HIS A 80 -11.94 -2.12 -7.32
C HIS A 80 -11.04 -1.13 -8.04
N ARG A 81 -11.63 -0.30 -8.90
CA ARG A 81 -10.88 0.70 -9.65
C ARG A 81 -10.40 1.81 -8.74
N LEU A 82 -11.17 2.09 -7.69
CA LEU A 82 -10.82 3.13 -6.73
C LEU A 82 -9.46 2.86 -6.10
N VAL A 83 -9.24 1.62 -5.68
CA VAL A 83 -7.99 1.22 -5.06
C VAL A 83 -6.84 1.28 -6.06
N ASN A 84 -7.12 0.91 -7.30
CA ASN A 84 -6.12 0.92 -8.36
C ASN A 84 -5.81 2.34 -8.81
N GLU A 85 -6.85 3.18 -8.86
CA GLU A 85 -6.69 4.56 -9.28
C GLU A 85 -5.73 5.31 -8.37
N CYS A 86 -5.97 5.21 -7.06
CA CYS A 86 -5.12 5.87 -6.08
C CYS A 86 -3.68 5.37 -6.18
N LEU A 87 -3.52 4.07 -6.40
CA LEU A 87 -2.21 3.47 -6.53
C LEU A 87 -1.82 3.30 -7.99
N ALA A 88 -2.38 4.14 -8.85
CA ALA A 88 -2.08 4.09 -10.28
C ALA A 88 -0.62 4.39 -10.57
N GLU A 89 -0.09 5.41 -9.89
CA GLU A 89 1.31 5.80 -10.07
C GLU A 89 2.25 4.82 -9.38
N GLU A 90 1.88 4.38 -8.19
CA GLU A 90 2.70 3.45 -7.42
C GLU A 90 2.61 2.03 -7.98
N LEU A 91 1.45 1.68 -8.52
CA LEU A 91 1.23 0.34 -9.08
C LEU A 91 2.41 -0.11 -9.95
N PRO A 92 2.75 0.67 -10.99
CA PRO A 92 3.87 0.34 -11.89
C PRO A 92 5.10 -0.13 -11.14
N HIS A 93 5.35 0.47 -9.98
CA HIS A 93 6.50 0.11 -9.16
C HIS A 93 6.27 -1.23 -8.47
N ILE A 94 5.01 -1.52 -8.15
CA ILE A 94 4.66 -2.76 -7.48
C ILE A 94 4.72 -3.95 -8.44
N HIS A 95 5.65 -4.85 -8.20
CA HIS A 95 5.80 -6.04 -9.05
C HIS A 95 4.54 -6.89 -9.01
N ALA A 96 3.89 -6.89 -7.85
CA ALA A 96 2.65 -7.65 -7.68
C ALA A 96 1.75 -6.98 -6.65
N PHE A 97 0.58 -6.53 -7.11
CA PHE A 97 -0.38 -5.86 -6.22
C PHE A 97 -1.67 -6.66 -6.12
N GLU A 98 -2.01 -7.06 -4.90
CA GLU A 98 -3.23 -7.82 -4.65
C GLU A 98 -4.06 -7.19 -3.54
N GLN A 99 -5.28 -6.80 -3.87
CA GLN A 99 -6.17 -6.18 -2.89
C GLN A 99 -7.52 -6.89 -2.84
N LYS A 100 -8.07 -7.02 -1.64
CA LYS A 100 -9.35 -7.68 -1.45
C LYS A 100 -10.31 -6.80 -0.67
N THR A 101 -11.44 -6.46 -1.29
CA THR A 101 -12.44 -5.62 -0.65
C THR A 101 -13.69 -6.42 -0.28
N LEU A 102 -14.18 -6.21 0.93
CA LEU A 102 -15.37 -6.91 1.40
C LEU A 102 -16.16 -6.05 2.38
N THR A 103 -17.41 -6.43 2.62
CA THR A 103 -18.27 -5.70 3.55
C THR A 103 -17.96 -6.07 5.00
N PRO A 104 -18.22 -5.15 5.93
CA PRO A 104 -17.96 -5.39 7.37
C PRO A 104 -18.60 -6.68 7.86
N GLU A 105 -19.91 -6.82 7.63
CA GLU A 105 -20.63 -8.01 8.04
C GLU A 105 -20.05 -9.26 7.40
N GLN A 106 -19.61 -9.13 6.16
CA GLN A 106 -19.02 -10.25 5.43
C GLN A 106 -17.78 -10.77 6.14
N TRP A 107 -16.93 -9.86 6.59
CA TRP A 107 -15.70 -10.22 7.28
C TRP A 107 -15.99 -10.66 8.70
N THR A 108 -16.99 -10.05 9.33
CA THR A 108 -17.37 -10.39 10.69
C THR A 108 -17.77 -11.86 10.79
N ARG A 109 -18.31 -12.41 9.72
CA ARG A 109 -18.73 -13.80 9.69
C ARG A 109 -17.53 -14.72 9.46
N GLN A 110 -16.54 -14.23 8.72
CA GLN A 110 -15.35 -15.00 8.42
C GLN A 110 -14.20 -14.61 9.36
N ARG A 111 -14.51 -14.51 10.65
CA ARG A 111 -13.51 -14.14 11.65
C ARG A 111 -12.94 -15.39 12.33
N ARG A 112 -12.74 -16.44 11.55
CA ARG A 112 -12.21 -17.69 12.09
C ARG A 112 -10.68 -17.62 12.22
N GLU A 113 -10.18 -18.12 13.33
CA GLU A 113 -8.74 -18.11 13.59
C GLU A 113 -8.05 -19.27 12.87
#